data_5Y5R
#
_entry.id   5Y5R
#
_cell.length_a   168.857
_cell.length_b   168.857
_cell.length_c   123.864
_cell.angle_alpha   90.00
_cell.angle_beta   90.00
_cell.angle_gamma   90.00
#
_symmetry.space_group_name_H-M   'P 42 21 2'
#
loop_
_entity.id
_entity.type
_entity.pdbx_description
1 polymer 'Pyrethroid hydrolase'
2 non-polymer '(2-methyl-3-phenyl-phenyl)methyl (1~{S})-3-[(~{E})-2-chloranyl-3,3,3-tris(fluoranyl)prop-1-enyl]-2,2-dimethyl-cyclopropane-1-carboxylate'
3 non-polymer 'SULFATE ION'
4 water water
#
_entity_poly.entity_id   1
_entity_poly.type   'polypeptide(L)'
_entity_poly.pdbx_seq_one_letter_code
;(MSE)TVTDIILIHGALNRGACYDAVVPLLEARGYRVHAPDLTGHTPGDGGHLSVVD(MSE)EHYTRPVADILARAEGQS
ILLGHSLGGASISWLAQHHPDKVAGLIYLTAVLTAPGVTPETFVLPGEPNRGTPHALDLIQPVDEGRGLQADFSRLERLR
EVF(MSE)GDYPGEG(MSE)PPAEHFIQTQSTVPFGTPNP(MSE)EGRALEIPRLYIEALDDVVLPIAVQRQ(MSE)QKE
FPGPVAVVSLPASHAPYYS(MSE)PERLAEAIADFADAPAEYRQTATKAGPDRPAGADGGRADRADLPLEHHHHHH
;
_entity_poly.pdbx_strand_id   A,B,C,D,E,F
#
loop_
_chem_comp.id
_chem_comp.type
_chem_comp.name
_chem_comp.formula
8NL non-polymer '(2-methyl-3-phenyl-phenyl)methyl (1~{S})-3-[(~{E})-2-chloranyl-3,3,3-tris(fluoranyl)prop-1-enyl]-2,2-dimethyl-cyclopropane-1-carboxylate' 'C23 H22 Cl F3 O2'
SO4 non-polymer 'SULFATE ION' 'O4 S -2'
#
# COMPACT_ATOMS: atom_id res chain seq x y z
N THR A 2 -12.52 23.95 16.20
CA THR A 2 -11.96 22.72 15.64
C THR A 2 -13.01 22.08 14.71
N VAL A 3 -14.30 22.24 15.04
CA VAL A 3 -15.39 21.77 14.17
C VAL A 3 -15.86 22.94 13.32
N THR A 4 -15.74 22.78 11.99
CA THR A 4 -16.00 23.79 10.98
C THR A 4 -17.19 23.47 10.09
N ASP A 5 -17.48 22.19 9.91
CA ASP A 5 -18.47 21.74 8.96
C ASP A 5 -19.40 20.76 9.63
N ILE A 6 -20.69 20.82 9.26
CA ILE A 6 -21.68 19.84 9.65
C ILE A 6 -22.26 19.28 8.36
N ILE A 7 -22.30 17.94 8.26
CA ILE A 7 -22.78 17.28 7.05
C ILE A 7 -24.03 16.47 7.42
N LEU A 8 -25.17 16.83 6.84
CA LEU A 8 -26.45 16.17 7.07
C LEU A 8 -26.73 15.23 5.93
N ILE A 9 -26.89 13.94 6.24
CA ILE A 9 -27.05 12.90 5.22
C ILE A 9 -28.45 12.31 5.29
N HIS A 10 -29.17 12.36 4.16
CA HIS A 10 -30.54 11.88 4.04
C HIS A 10 -30.60 10.35 4.11
N GLY A 11 -31.80 9.84 4.30
CA GLY A 11 -32.09 8.40 4.30
C GLY A 11 -32.71 7.86 3.00
N ALA A 12 -33.33 6.68 3.09
CA ALA A 12 -33.79 6.02 1.86
C ALA A 12 -34.83 6.85 1.09
N LEU A 13 -34.71 6.83 -0.25
CA LEU A 13 -35.65 7.52 -1.14
C LEU A 13 -35.65 9.05 -1.01
N ASN A 14 -34.72 9.64 -0.26
CA ASN A 14 -34.69 11.07 -0.02
C ASN A 14 -33.50 11.73 -0.74
N ARG A 15 -33.47 13.07 -0.69
CA ARG A 15 -32.35 13.87 -1.20
C ARG A 15 -31.95 14.91 -0.15
N GLY A 16 -30.78 15.54 -0.34
CA GLY A 16 -30.28 16.49 0.67
C GLY A 16 -31.22 17.63 0.97
N ALA A 17 -32.04 18.03 -0.01
CA ALA A 17 -32.97 19.13 0.16
C ALA A 17 -33.99 18.92 1.27
N CYS A 18 -34.17 17.69 1.75
CA CYS A 18 -35.12 17.48 2.84
C CYS A 18 -34.72 18.22 4.10
N TYR A 19 -33.46 18.60 4.22
CA TYR A 19 -32.91 19.35 5.36
C TYR A 19 -33.01 20.86 5.21
N ASP A 20 -33.77 21.35 4.21
CA ASP A 20 -33.79 22.77 3.90
C ASP A 20 -34.24 23.63 5.08
N ALA A 21 -35.02 23.09 6.02
CA ALA A 21 -35.41 23.94 7.13
C ALA A 21 -34.32 24.04 8.20
N VAL A 22 -33.38 23.11 8.21
CA VAL A 22 -32.36 23.05 9.22
C VAL A 22 -31.08 23.76 8.81
N VAL A 23 -30.73 23.77 7.52
CA VAL A 23 -29.43 24.27 7.09
C VAL A 23 -29.16 25.71 7.53
N PRO A 24 -30.02 26.68 7.20
CA PRO A 24 -29.75 28.06 7.63
C PRO A 24 -29.66 28.21 9.14
N LEU A 25 -30.40 27.42 9.92
CA LEU A 25 -30.36 27.57 11.37
C LEU A 25 -28.98 27.21 11.92
N LEU A 26 -28.38 26.13 11.42
CA LEU A 26 -27.02 25.78 11.83
C LEU A 26 -26.00 26.79 11.27
N GLU A 27 -26.24 27.32 10.07
CA GLU A 27 -25.36 28.37 9.53
C GLU A 27 -25.35 29.61 10.42
N ALA A 28 -26.45 29.90 11.11
CA ALA A 28 -26.47 30.99 12.07
C ALA A 28 -25.61 30.69 13.30
N ARG A 29 -25.39 29.40 13.61
CA ARG A 29 -24.50 29.01 14.69
C ARG A 29 -23.03 29.05 14.27
N GLY A 30 -22.75 29.58 13.08
CA GLY A 30 -21.40 29.74 12.65
C GLY A 30 -20.80 28.53 12.00
N TYR A 31 -21.64 27.63 11.47
CA TYR A 31 -21.12 26.42 10.85
C TYR A 31 -21.33 26.48 9.35
N ARG A 32 -20.39 25.90 8.63
CA ARG A 32 -20.61 25.60 7.25
C ARG A 32 -21.40 24.30 7.17
N VAL A 33 -22.48 24.30 6.41
CA VAL A 33 -23.42 23.18 6.46
C VAL A 33 -23.57 22.59 5.06
N HIS A 34 -23.57 21.26 4.99
CA HIS A 34 -23.67 20.52 3.75
C HIS A 34 -24.85 19.55 3.87
N ALA A 35 -25.62 19.39 2.79
CA ALA A 35 -26.67 18.38 2.71
C ALA A 35 -26.65 17.75 1.31
N PRO A 36 -25.66 16.92 1.04
CA PRO A 36 -25.47 16.40 -0.32
C PRO A 36 -26.40 15.26 -0.67
N ASP A 37 -26.65 15.10 -1.96
CA ASP A 37 -27.23 13.87 -2.50
C ASP A 37 -26.19 12.74 -2.45
N LEU A 38 -26.55 11.61 -1.86
CA LEU A 38 -25.65 10.48 -2.01
C LEU A 38 -25.73 9.98 -3.47
N THR A 39 -24.84 9.07 -3.81
CA THR A 39 -24.80 8.56 -5.19
C THR A 39 -26.11 7.87 -5.53
N GLY A 40 -26.63 8.16 -6.72
CA GLY A 40 -27.92 7.64 -7.15
C GLY A 40 -29.10 8.48 -6.73
N HIS A 41 -28.88 9.55 -5.98
CA HIS A 41 -29.98 10.34 -5.45
C HIS A 41 -30.15 11.67 -6.19
N THR A 42 -29.52 11.83 -7.34
CA THR A 42 -29.71 13.06 -8.13
C THR A 42 -30.32 12.72 -9.49
N PRO A 43 -31.54 13.16 -9.77
CA PRO A 43 -32.19 12.81 -11.04
C PRO A 43 -31.28 13.05 -12.23
N GLY A 44 -31.09 12.03 -13.05
CA GLY A 44 -30.20 12.11 -14.16
C GLY A 44 -28.84 11.49 -13.92
N ASP A 45 -28.54 11.08 -12.70
CA ASP A 45 -27.25 10.46 -12.39
C ASP A 45 -27.14 8.95 -12.58
N GLY A 46 -28.24 8.31 -12.87
CA GLY A 46 -28.23 6.88 -13.05
C GLY A 46 -29.14 6.14 -12.11
N GLY A 47 -29.39 6.68 -10.95
CA GLY A 47 -30.32 5.99 -10.09
C GLY A 47 -29.69 4.77 -9.44
N HIS A 48 -30.56 3.90 -8.94
CA HIS A 48 -30.16 2.89 -7.96
C HIS A 48 -29.15 1.89 -8.51
N LEU A 49 -29.22 1.52 -9.78
CA LEU A 49 -28.30 0.50 -10.27
C LEU A 49 -26.88 1.01 -10.43
N SER A 50 -26.68 2.33 -10.41
CA SER A 50 -25.34 2.87 -10.53
C SER A 50 -24.51 2.73 -9.26
N VAL A 51 -25.16 2.52 -8.12
CA VAL A 51 -24.38 2.41 -6.90
C VAL A 51 -23.65 1.07 -6.88
N VAL A 52 -22.33 1.13 -6.79
CA VAL A 52 -21.54 -0.09 -6.79
C VAL A 52 -21.39 -0.67 -5.38
N ASP A 53 -20.96 0.15 -4.44
CA ASP A 53 -20.74 -0.29 -3.07
C ASP A 53 -20.76 0.95 -2.19
N MSE A 54 -20.45 0.79 -0.91
CA MSE A 54 -20.63 1.90 0.01
C MSE A 54 -19.62 3.02 -0.20
O MSE A 54 -19.96 4.18 -0.02
CB MSE A 54 -20.55 1.41 1.46
CG MSE A 54 -21.84 0.69 1.87
SE MSE A 54 -23.38 1.88 1.96
CE MSE A 54 -23.03 2.70 3.75
N GLU A 55 -18.39 2.64 -0.52
CA GLU A 55 -17.38 3.65 -0.84
C GLU A 55 -17.89 4.53 -1.95
N HIS A 56 -18.58 3.93 -2.93
CA HIS A 56 -19.19 4.68 -4.02
C HIS A 56 -20.40 5.48 -3.56
N TYR A 57 -21.29 4.83 -2.78
CA TYR A 57 -22.48 5.48 -2.27
C TYR A 57 -22.13 6.74 -1.46
N THR A 58 -21.10 6.66 -0.62
CA THR A 58 -20.79 7.71 0.33
C THR A 58 -19.77 8.70 -0.21
N ARG A 59 -19.42 8.61 -1.49
CA ARG A 59 -18.30 9.40 -2.00
C ARG A 59 -18.60 10.89 -2.06
N PRO A 60 -19.83 11.33 -2.29
CA PRO A 60 -20.10 12.78 -2.16
C PRO A 60 -19.77 13.35 -0.79
N VAL A 61 -19.87 12.58 0.29
CA VAL A 61 -19.48 13.10 1.60
C VAL A 61 -17.97 13.06 1.77
N ALA A 62 -17.33 11.96 1.33
CA ALA A 62 -15.89 11.88 1.43
C ALA A 62 -15.26 13.05 0.71
N ASP A 63 -15.85 13.46 -0.42
CA ASP A 63 -15.42 14.66 -1.12
C ASP A 63 -15.51 15.90 -0.24
N ILE A 64 -16.63 16.08 0.47
CA ILE A 64 -16.79 17.28 1.29
C ILE A 64 -15.78 17.27 2.42
N LEU A 65 -15.66 16.12 3.10
CA LEU A 65 -14.72 15.98 4.20
C LEU A 65 -13.29 16.23 3.75
N ALA A 66 -13.01 15.95 2.49
CA ALA A 66 -11.66 16.16 1.95
C ALA A 66 -11.26 17.64 2.01
N ARG A 67 -12.18 18.54 1.67
CA ARG A 67 -11.86 19.96 1.57
C ARG A 67 -12.30 20.75 2.79
N ALA A 68 -12.73 20.09 3.85
CA ALA A 68 -13.08 20.82 5.07
C ALA A 68 -11.82 21.38 5.72
N GLU A 69 -11.93 22.61 6.23
CA GLU A 69 -10.81 23.25 6.92
C GLU A 69 -10.46 22.48 8.20
N GLY A 70 -11.46 22.19 9.03
CA GLY A 70 -11.26 21.50 10.29
C GLY A 70 -11.99 20.16 10.39
N GLN A 71 -12.56 19.87 11.54
CA GLN A 71 -13.31 18.63 11.79
C GLN A 71 -14.77 18.80 11.40
N SER A 72 -15.44 17.67 11.16
CA SER A 72 -16.83 17.64 10.72
C SER A 72 -17.73 16.84 11.66
N ILE A 73 -19.00 17.26 11.72
CA ILE A 73 -20.05 16.48 12.34
C ILE A 73 -20.82 15.79 11.22
N LEU A 74 -21.03 14.48 11.36
CA LEU A 74 -21.80 13.70 10.40
C LEU A 74 -23.11 13.34 11.06
N LEU A 75 -24.21 13.65 10.36
CA LEU A 75 -25.55 13.29 10.79
C LEU A 75 -26.18 12.40 9.74
N GLY A 76 -26.74 11.30 10.19
CA GLY A 76 -27.50 10.41 9.34
C GLY A 76 -28.94 10.36 9.81
N HIS A 77 -29.87 10.37 8.86
CA HIS A 77 -31.28 10.13 9.19
C HIS A 77 -31.67 8.74 8.70
N SER A 78 -32.32 7.96 9.57
CA SER A 78 -32.83 6.63 9.28
C SER A 78 -31.72 5.79 8.63
N LEU A 79 -31.93 5.37 7.38
CA LEU A 79 -30.91 4.57 6.69
C LEU A 79 -29.60 5.31 6.56
N GLY A 80 -29.63 6.66 6.64
CA GLY A 80 -28.40 7.43 6.54
C GLY A 80 -27.38 7.11 7.61
N GLY A 81 -27.80 6.52 8.73
CA GLY A 81 -26.83 6.14 9.74
C GLY A 81 -25.84 5.10 9.27
N ALA A 82 -26.26 4.20 8.36
CA ALA A 82 -25.33 3.22 7.80
C ALA A 82 -24.17 3.92 7.11
N SER A 83 -24.45 5.03 6.44
CA SER A 83 -23.39 5.79 5.76
C SER A 83 -22.43 6.46 6.75
N ILE A 84 -22.94 7.08 7.83
CA ILE A 84 -22.04 7.81 8.72
C ILE A 84 -21.15 6.86 9.48
N SER A 85 -21.64 5.64 9.79
CA SER A 85 -20.78 4.62 10.36
C SER A 85 -19.70 4.18 9.37
N TRP A 86 -20.08 3.96 8.12
CA TRP A 86 -19.08 3.56 7.14
C TRP A 86 -18.04 4.67 6.96
N LEU A 87 -18.49 5.90 6.82
CA LEU A 87 -17.59 7.04 6.66
C LEU A 87 -16.70 7.26 7.87
N ALA A 88 -17.24 7.05 9.07
CA ALA A 88 -16.45 7.32 10.26
C ALA A 88 -15.24 6.42 10.26
N GLN A 89 -15.41 5.19 9.79
CA GLN A 89 -14.34 4.20 9.82
C GLN A 89 -13.25 4.56 8.83
N HIS A 90 -13.60 5.12 7.67
CA HIS A 90 -12.59 5.40 6.67
C HIS A 90 -12.04 6.82 6.75
N HIS A 91 -12.73 7.72 7.44
CA HIS A 91 -12.24 9.08 7.63
C HIS A 91 -12.28 9.48 9.12
N PRO A 92 -11.78 8.62 10.02
CA PRO A 92 -11.90 8.93 11.43
C PRO A 92 -11.13 10.18 11.81
N ASP A 93 -10.09 10.49 11.04
CA ASP A 93 -9.31 11.70 11.27
C ASP A 93 -10.06 12.97 10.90
N LYS A 94 -11.15 12.86 10.14
CA LYS A 94 -11.90 14.02 9.74
C LYS A 94 -13.21 14.21 10.50
N VAL A 95 -13.70 13.16 11.16
CA VAL A 95 -14.98 13.19 11.85
C VAL A 95 -14.72 13.35 13.34
N ALA A 96 -15.26 14.42 13.92
CA ALA A 96 -15.23 14.72 15.34
C ALA A 96 -16.47 14.24 16.08
N GLY A 97 -17.55 13.88 15.39
CA GLY A 97 -18.77 13.49 16.06
C GLY A 97 -19.75 12.80 15.12
N LEU A 98 -20.55 11.91 15.69
CA LEU A 98 -21.56 11.17 14.93
C LEU A 98 -22.94 11.39 15.53
N ILE A 99 -23.89 11.79 14.70
CA ILE A 99 -25.25 12.01 15.15
C ILE A 99 -26.18 11.07 14.42
N TYR A 100 -26.90 10.23 15.15
CA TYR A 100 -27.86 9.28 14.58
C TYR A 100 -29.28 9.77 14.87
N LEU A 101 -29.96 10.30 13.85
CA LEU A 101 -31.28 10.90 13.98
C LEU A 101 -32.34 9.88 13.57
N THR A 102 -32.96 9.26 14.59
CA THR A 102 -33.83 8.09 14.49
C THR A 102 -33.30 7.25 13.33
N ALA A 103 -32.03 6.89 13.45
CA ALA A 103 -31.21 6.37 12.37
C ALA A 103 -30.77 4.96 12.68
N VAL A 104 -30.32 4.25 11.64
CA VAL A 104 -29.83 2.88 11.80
C VAL A 104 -28.45 2.98 12.46
N LEU A 105 -28.36 2.48 13.70
CA LEU A 105 -27.12 2.43 14.47
C LEU A 105 -26.87 0.96 14.74
N THR A 106 -25.95 0.38 13.99
CA THR A 106 -25.65 -1.02 14.15
C THR A 106 -24.25 -1.19 14.72
N ALA A 107 -24.11 -2.24 15.49
CA ALA A 107 -22.85 -2.57 16.06
C ALA A 107 -21.92 -3.00 14.94
N PRO A 108 -20.61 -2.93 15.17
CA PRO A 108 -19.64 -3.41 14.17
C PRO A 108 -19.95 -4.83 13.70
N GLY A 109 -20.00 -5.02 12.38
CA GLY A 109 -20.24 -6.35 11.87
C GLY A 109 -21.70 -6.70 11.69
N VAL A 110 -22.61 -5.79 12.04
CA VAL A 110 -24.04 -6.02 11.96
C VAL A 110 -24.58 -5.19 10.82
N THR A 111 -25.43 -5.80 10.00
CA THR A 111 -25.99 -5.01 8.91
C THR A 111 -27.30 -4.40 9.33
N PRO A 112 -27.72 -3.33 8.67
CA PRO A 112 -29.03 -2.73 8.97
C PRO A 112 -30.18 -3.70 8.85
N GLU A 113 -30.10 -4.73 7.98
CA GLU A 113 -31.25 -5.60 7.81
C GLU A 113 -31.64 -6.28 9.12
N THR A 114 -30.69 -6.44 10.07
CA THR A 114 -31.01 -7.01 11.38
C THR A 114 -32.19 -6.32 12.05
N PHE A 115 -32.27 -4.99 11.96
CA PHE A 115 -33.31 -4.28 12.68
C PHE A 115 -34.53 -3.94 11.84
N VAL A 116 -34.45 -4.09 10.53
CA VAL A 116 -35.58 -3.86 9.64
C VAL A 116 -36.45 -5.09 9.52
N LEU A 117 -35.83 -6.21 9.47
CA LEU A 117 -36.57 -7.45 9.31
C LEU A 117 -37.04 -7.92 10.69
N PRO A 118 -38.12 -8.70 10.74
CA PRO A 118 -38.63 -9.16 12.04
C PRO A 118 -37.59 -9.97 12.79
N GLY A 119 -37.69 -9.91 14.10
CA GLY A 119 -36.74 -10.61 14.94
C GLY A 119 -36.93 -10.24 16.39
N GLU A 120 -36.17 -10.91 17.23
CA GLU A 120 -36.21 -10.64 18.68
C GLU A 120 -34.83 -10.41 19.22
N PRO A 121 -34.73 -9.50 20.19
CA PRO A 121 -35.84 -8.67 20.67
C PRO A 121 -35.92 -7.28 20.00
N ASN A 122 -37.11 -6.69 19.98
CA ASN A 122 -37.32 -5.31 19.56
C ASN A 122 -36.62 -5.04 18.24
N ARG A 123 -36.89 -5.89 17.26
CA ARG A 123 -36.40 -5.74 15.89
C ARG A 123 -37.61 -5.73 14.98
N GLY A 124 -37.54 -4.94 13.91
CA GLY A 124 -38.55 -4.83 12.87
C GLY A 124 -39.10 -3.45 12.56
N THR A 125 -39.15 -3.14 11.28
CA THR A 125 -39.85 -1.96 10.78
C THR A 125 -40.94 -2.41 9.81
N PRO A 126 -41.99 -3.08 10.30
CA PRO A 126 -42.98 -3.66 9.38
C PRO A 126 -43.79 -2.63 8.62
N HIS A 127 -44.01 -1.42 9.17
CA HIS A 127 -44.69 -0.37 8.40
C HIS A 127 -43.92 -0.05 7.14
N ALA A 128 -42.60 0.08 7.22
CA ALA A 128 -41.82 0.38 6.02
C ALA A 128 -41.81 -0.78 5.05
N LEU A 129 -41.59 -2.01 5.52
CA LEU A 129 -41.58 -3.14 4.59
C LEU A 129 -42.92 -3.31 3.91
N ASP A 130 -44.00 -2.87 4.55
CA ASP A 130 -45.33 -2.95 3.94
C ASP A 130 -45.46 -1.99 2.75
N LEU A 131 -44.90 -0.78 2.88
CA LEU A 131 -45.15 0.32 1.96
C LEU A 131 -44.05 0.55 0.95
N ILE A 132 -42.87 -0.02 1.20
CA ILE A 132 -41.71 0.06 0.33
C ILE A 132 -41.44 -1.34 -0.18
N GLN A 133 -41.47 -1.51 -1.49
CA GLN A 133 -41.44 -2.82 -2.10
C GLN A 133 -40.21 -3.03 -2.99
N PRO A 134 -39.80 -4.28 -3.19
CA PRO A 134 -38.63 -4.54 -4.04
C PRO A 134 -38.93 -4.35 -5.53
N VAL A 135 -37.90 -3.96 -6.29
CA VAL A 135 -37.90 -3.91 -7.77
C VAL A 135 -36.54 -4.41 -8.25
N ASP A 136 -36.45 -4.81 -9.53
CA ASP A 136 -35.18 -5.28 -10.10
C ASP A 136 -34.49 -6.30 -9.21
N GLU A 137 -35.25 -7.34 -8.83
CA GLU A 137 -34.74 -8.50 -8.11
C GLU A 137 -34.02 -8.09 -6.83
N GLY A 138 -34.67 -7.24 -6.05
CA GLY A 138 -34.09 -6.86 -4.78
C GLY A 138 -32.85 -6.00 -4.88
N ARG A 139 -32.56 -5.44 -6.05
CA ARG A 139 -31.55 -4.39 -6.12
C ARG A 139 -32.16 -3.01 -5.93
N GLY A 140 -33.48 -2.87 -6.02
CA GLY A 140 -34.13 -1.60 -5.77
C GLY A 140 -35.37 -1.73 -4.90
N LEU A 141 -35.69 -0.62 -4.25
CA LEU A 141 -36.87 -0.49 -3.43
C LEU A 141 -37.61 0.75 -3.88
N GLN A 142 -38.93 0.66 -3.91
CA GLN A 142 -39.79 1.71 -4.42
C GLN A 142 -41.06 1.76 -3.59
N ALA A 143 -41.54 2.98 -3.30
CA ALA A 143 -42.75 3.12 -2.50
C ALA A 143 -43.98 2.57 -3.22
N ASP A 144 -44.94 2.13 -2.44
CA ASP A 144 -46.20 1.65 -2.99
C ASP A 144 -47.14 2.82 -3.31
N PHE A 145 -47.15 3.26 -4.57
CA PHE A 145 -47.97 4.45 -4.85
C PHE A 145 -49.45 4.15 -4.95
N SER A 146 -49.87 2.90 -4.76
CA SER A 146 -51.30 2.67 -4.64
C SER A 146 -51.87 3.20 -3.31
N ARG A 147 -51.04 3.55 -2.34
CA ARG A 147 -51.51 3.97 -1.02
C ARG A 147 -50.89 5.32 -0.60
N LEU A 148 -51.26 6.37 -1.33
CA LEU A 148 -50.61 7.68 -1.15
C LEU A 148 -50.83 8.24 0.25
N GLU A 149 -52.07 8.26 0.71
CA GLU A 149 -52.35 8.84 2.03
C GLU A 149 -51.66 8.04 3.12
N ARG A 150 -51.64 6.71 2.98
CA ARG A 150 -50.86 5.90 3.91
C ARG A 150 -49.39 6.29 3.90
N LEU A 151 -48.83 6.52 2.70
CA LEU A 151 -47.43 6.91 2.61
C LEU A 151 -47.18 8.21 3.32
N ARG A 152 -48.10 9.17 3.13
CA ARG A 152 -47.95 10.49 3.76
C ARG A 152 -48.05 10.39 5.28
N GLU A 153 -49.12 9.75 5.77
CA GLU A 153 -49.34 9.76 7.21
C GLU A 153 -48.29 8.96 7.95
N VAL A 154 -47.65 8.00 7.28
CA VAL A 154 -46.61 7.16 7.90
C VAL A 154 -45.24 7.84 7.87
N PHE A 155 -44.80 8.28 6.69
CA PHE A 155 -43.47 8.84 6.51
C PHE A 155 -43.40 10.37 6.56
N MSE A 156 -44.44 11.09 6.14
CA MSE A 156 -44.40 12.57 5.96
C MSE A 156 -45.41 13.30 6.86
O MSE A 156 -45.85 14.43 6.57
CB MSE A 156 -44.71 12.96 4.50
CG MSE A 156 -43.81 12.37 3.41
SE MSE A 156 -44.73 12.26 1.65
CE MSE A 156 -45.06 10.29 1.63
N GLY A 157 -45.80 12.65 7.93
CA GLY A 157 -46.73 13.24 8.88
C GLY A 157 -46.19 14.48 9.57
N ASP A 158 -44.85 14.61 9.65
CA ASP A 158 -44.19 15.75 10.27
C ASP A 158 -44.12 16.97 9.37
N TYR A 159 -44.53 16.88 8.09
CA TYR A 159 -44.37 18.03 7.21
C TYR A 159 -45.34 19.14 7.64
N PRO A 160 -44.85 20.37 7.87
CA PRO A 160 -45.77 21.44 8.25
C PRO A 160 -46.86 21.69 7.21
N GLY A 161 -48.00 22.19 7.63
CA GLY A 161 -49.07 22.39 6.68
C GLY A 161 -49.50 21.07 6.11
N GLY A 163 -49.52 20.10 1.59
CA GLY A 163 -49.94 18.71 1.70
C GLY A 163 -48.82 17.74 1.97
N MSE A 164 -47.82 17.80 1.11
CA MSE A 164 -46.67 16.96 1.24
C MSE A 164 -45.44 17.72 0.89
O MSE A 164 -45.54 18.82 0.35
CB MSE A 164 -46.83 15.76 0.39
CG MSE A 164 -47.99 14.94 0.82
SE MSE A 164 -48.63 14.32 -0.78
CE MSE A 164 -47.40 12.80 -0.87
N PRO A 165 -44.27 17.16 1.19
CA PRO A 165 -43.03 17.84 0.84
C PRO A 165 -42.93 17.96 -0.67
N PRO A 166 -42.14 18.89 -1.17
CA PRO A 166 -42.00 19.06 -2.61
C PRO A 166 -41.13 17.98 -3.25
N ALA A 167 -41.29 17.83 -4.57
CA ALA A 167 -40.63 16.74 -5.30
C ALA A 167 -39.13 16.74 -5.14
N GLU A 168 -38.52 17.92 -4.95
CA GLU A 168 -37.07 18.00 -4.78
C GLU A 168 -36.54 17.19 -3.60
N HIS A 169 -37.41 16.75 -2.71
CA HIS A 169 -36.92 16.04 -1.51
C HIS A 169 -36.70 14.55 -1.73
N PHE A 170 -37.23 13.98 -2.82
CA PHE A 170 -37.39 12.54 -2.99
C PHE A 170 -36.80 12.04 -4.31
N ILE A 171 -36.47 10.74 -4.32
CA ILE A 171 -36.17 10.00 -5.55
C ILE A 171 -37.18 8.87 -5.68
N GLN A 172 -37.15 8.20 -6.84
CA GLN A 172 -38.13 7.16 -7.17
C GLN A 172 -37.68 5.77 -6.75
N THR A 173 -36.38 5.47 -6.86
CA THR A 173 -35.85 4.13 -6.60
C THR A 173 -34.55 4.16 -5.80
N GLN A 174 -34.51 3.38 -4.72
CA GLN A 174 -33.42 3.34 -3.76
C GLN A 174 -32.58 2.07 -3.92
N SER A 175 -31.25 2.20 -3.80
CA SER A 175 -30.37 1.04 -3.88
C SER A 175 -30.40 0.22 -2.59
N THR A 176 -30.34 -1.10 -2.73
CA THR A 176 -30.34 -1.95 -1.53
C THR A 176 -28.96 -2.09 -0.91
N VAL A 177 -27.97 -1.42 -1.52
CA VAL A 177 -26.57 -1.55 -1.08
C VAL A 177 -26.37 -1.22 0.40
N PRO A 178 -26.85 -0.09 0.93
CA PRO A 178 -26.66 0.17 2.36
C PRO A 178 -27.38 -0.80 3.29
N PHE A 179 -28.48 -1.41 2.86
CA PHE A 179 -29.19 -2.32 3.75
C PHE A 179 -28.37 -3.55 4.07
N GLY A 180 -27.46 -3.94 3.17
CA GLY A 180 -26.80 -5.21 3.30
C GLY A 180 -25.36 -5.13 3.71
N THR A 181 -24.84 -3.90 3.99
CA THR A 181 -23.42 -3.75 4.29
C THR A 181 -23.17 -3.71 5.79
N PRO A 182 -22.25 -4.53 6.29
CA PRO A 182 -21.99 -4.53 7.73
C PRO A 182 -21.25 -3.27 8.12
N ASN A 183 -21.44 -2.85 9.37
CA ASN A 183 -20.70 -1.72 9.92
C ASN A 183 -19.24 -2.10 10.11
N PRO A 184 -18.31 -1.45 9.43
CA PRO A 184 -16.89 -1.76 9.60
C PRO A 184 -16.18 -0.97 10.70
N MSE A 185 -16.90 -0.20 11.50
CA MSE A 185 -16.23 0.61 12.51
C MSE A 185 -15.39 -0.22 13.45
O MSE A 185 -15.88 -1.16 14.08
CB MSE A 185 -17.24 1.42 13.30
CG MSE A 185 -17.67 2.66 12.62
SE MSE A 185 -19.12 3.42 13.58
CE MSE A 185 -18.03 4.04 15.09
N GLU A 186 -14.11 0.14 13.55
CA GLU A 186 -13.21 -0.52 14.48
C GLU A 186 -12.23 0.49 15.05
N GLY A 187 -11.65 0.13 16.20
CA GLY A 187 -10.54 0.89 16.71
C GLY A 187 -10.80 2.37 16.89
N ARG A 188 -10.14 3.16 16.05
CA ARG A 188 -10.13 4.60 16.23
C ARG A 188 -11.54 5.18 16.07
N ALA A 189 -12.32 4.65 15.14
CA ALA A 189 -13.66 5.15 14.89
C ALA A 189 -14.58 5.02 16.10
N LEU A 190 -14.38 4.00 16.94
CA LEU A 190 -15.22 3.83 18.12
C LEU A 190 -14.91 4.83 19.23
N GLU A 191 -13.89 5.65 19.09
CA GLU A 191 -13.65 6.73 20.03
C GLU A 191 -14.39 8.00 19.65
N ILE A 192 -14.93 8.04 18.44
CA ILE A 192 -15.64 9.24 18.02
C ILE A 192 -16.88 9.38 18.89
N PRO A 193 -17.13 10.54 19.50
CA PRO A 193 -18.35 10.72 20.29
C PRO A 193 -19.59 10.49 19.44
N ARG A 194 -20.57 9.84 20.05
CA ARG A 194 -21.79 9.41 19.35
C ARG A 194 -22.99 9.99 20.08
N LEU A 195 -23.96 10.48 19.31
CA LEU A 195 -25.22 10.96 19.83
C LEU A 195 -26.36 10.34 19.04
N TYR A 196 -27.36 9.81 19.75
CA TYR A 196 -28.61 9.35 19.17
C TYR A 196 -29.72 10.33 19.53
N ILE A 197 -30.37 10.89 18.51
CA ILE A 197 -31.55 11.72 18.71
C ILE A 197 -32.75 10.85 18.36
N GLU A 198 -33.50 10.45 19.40
CA GLU A 198 -34.69 9.64 19.22
C GLU A 198 -35.83 10.53 18.80
N ALA A 199 -36.68 9.99 17.95
CA ALA A 199 -37.99 10.56 17.60
C ALA A 199 -39.03 9.70 18.32
N LEU A 200 -39.60 10.24 19.42
CA LEU A 200 -40.41 9.42 20.32
C LEU A 200 -41.64 8.80 19.65
N ASP A 201 -42.26 9.49 18.68
CA ASP A 201 -43.50 8.99 18.10
C ASP A 201 -43.30 8.41 16.70
N ASP A 202 -42.09 7.99 16.38
CA ASP A 202 -41.83 7.40 15.08
C ASP A 202 -42.54 6.04 14.95
N VAL A 203 -43.26 5.83 13.85
CA VAL A 203 -43.89 4.54 13.56
C VAL A 203 -43.21 3.79 12.42
N VAL A 204 -42.35 4.45 11.66
CA VAL A 204 -41.48 3.76 10.71
C VAL A 204 -40.45 2.94 11.48
N LEU A 205 -39.68 3.64 12.32
CA LEU A 205 -38.69 3.03 13.18
C LEU A 205 -39.13 3.24 14.63
N PRO A 206 -39.80 2.26 15.24
CA PRO A 206 -40.42 2.47 16.55
C PRO A 206 -39.38 2.76 17.64
N ILE A 207 -39.81 3.51 18.66
CA ILE A 207 -38.87 3.90 19.71
C ILE A 207 -38.26 2.68 20.40
N ALA A 208 -38.99 1.56 20.46
CA ALA A 208 -38.42 0.34 21.01
C ALA A 208 -37.23 -0.14 20.20
N VAL A 209 -37.33 -0.06 18.87
CA VAL A 209 -36.21 -0.46 18.02
C VAL A 209 -35.06 0.52 18.13
N GLN A 210 -35.39 1.81 18.13
CA GLN A 210 -34.38 2.83 18.36
C GLN A 210 -33.60 2.53 19.62
N ARG A 211 -34.32 2.30 20.72
CA ARG A 211 -33.61 2.09 21.99
C ARG A 211 -32.88 0.76 22.03
N GLN A 212 -33.35 -0.23 21.27
CA GLN A 212 -32.69 -1.53 21.20
C GLN A 212 -31.35 -1.39 20.48
N MSE A 213 -31.32 -0.56 19.44
CA MSE A 213 -30.08 -0.31 18.74
C MSE A 213 -29.05 0.40 19.64
O MSE A 213 -27.88 0.00 19.66
CB MSE A 213 -30.36 0.49 17.48
CG MSE A 213 -31.00 -0.40 16.44
SE MSE A 213 -31.32 0.45 14.71
CE MSE A 213 -32.59 1.79 15.24
N GLN A 214 -29.47 1.44 20.35
CA GLN A 214 -28.57 2.03 21.34
C GLN A 214 -28.05 0.99 22.31
N LYS A 215 -28.95 0.13 22.79
CA LYS A 215 -28.60 -0.85 23.81
C LYS A 215 -27.54 -1.83 23.30
N GLU A 216 -27.60 -2.23 22.02
CA GLU A 216 -26.69 -3.26 21.49
C GLU A 216 -25.40 -2.70 20.91
N PHE A 217 -25.26 -1.36 20.77
CA PHE A 217 -23.99 -0.82 20.28
C PHE A 217 -22.97 -0.81 21.42
N PRO A 218 -21.72 -1.21 21.13
CA PRO A 218 -20.71 -1.30 22.19
C PRO A 218 -20.18 0.07 22.59
N GLY A 219 -20.23 0.36 23.89
CA GLY A 219 -19.76 1.64 24.33
C GLY A 219 -20.88 2.66 24.50
N PRO A 220 -20.53 3.81 25.07
CA PRO A 220 -21.56 4.81 25.38
C PRO A 220 -22.09 5.48 24.14
N VAL A 221 -23.39 5.77 24.18
CA VAL A 221 -24.10 6.55 23.18
C VAL A 221 -24.89 7.61 23.93
N ALA A 222 -24.57 8.88 23.69
CA ALA A 222 -25.39 9.93 24.28
C ALA A 222 -26.75 9.95 23.59
N VAL A 223 -27.76 10.46 24.30
CA VAL A 223 -29.13 10.41 23.78
C VAL A 223 -29.87 11.68 24.14
N VAL A 224 -30.55 12.27 23.15
CA VAL A 224 -31.56 13.27 23.40
C VAL A 224 -32.85 12.82 22.71
N SER A 225 -33.97 13.14 23.33
CA SER A 225 -35.27 12.68 22.87
C SER A 225 -36.06 13.86 22.34
N LEU A 226 -36.67 13.68 21.16
CA LEU A 226 -37.54 14.69 20.56
C LEU A 226 -38.95 14.11 20.46
N PRO A 227 -40.04 14.97 20.73
CA PRO A 227 -41.44 14.49 20.63
C PRO A 227 -41.99 14.55 19.20
N ALA A 228 -41.34 13.84 18.27
CA ALA A 228 -41.65 13.92 16.84
C ALA A 228 -41.83 12.53 16.22
N SER A 229 -42.49 12.48 15.06
CA SER A 229 -42.52 11.21 14.34
C SER A 229 -41.33 11.16 13.40
N HIS A 230 -41.48 10.51 12.23
CA HIS A 230 -40.32 10.04 11.46
C HIS A 230 -39.37 11.15 11.03
N ALA A 231 -39.85 12.37 10.84
CA ALA A 231 -39.05 13.42 10.17
C ALA A 231 -38.99 14.68 11.03
N PRO A 232 -38.18 14.69 12.09
CA PRO A 232 -38.10 15.90 12.92
C PRO A 232 -37.59 17.11 12.15
N TYR A 233 -36.81 16.92 11.09
CA TYR A 233 -36.33 18.06 10.29
C TYR A 233 -37.47 18.82 9.59
N TYR A 234 -38.65 18.22 9.50
CA TYR A 234 -39.84 18.93 9.04
C TYR A 234 -40.61 19.57 10.20
N SER A 235 -40.78 18.90 11.33
CA SER A 235 -41.71 19.42 12.32
C SER A 235 -41.07 20.28 13.39
N MSE A 236 -39.79 20.10 13.72
CA MSE A 236 -39.16 21.02 14.69
C MSE A 236 -37.69 21.32 14.35
O MSE A 236 -36.78 20.99 15.12
CB MSE A 236 -39.25 20.43 16.10
CG MSE A 236 -39.00 18.93 16.09
SE MSE A 236 -39.45 18.07 17.82
CE MSE A 236 -41.35 17.96 17.75
N PRO A 237 -37.49 21.96 13.21
CA PRO A 237 -36.11 22.27 12.80
C PRO A 237 -35.34 23.07 13.84
N GLU A 238 -36.01 23.98 14.55
CA GLU A 238 -35.35 24.83 15.55
C GLU A 238 -34.79 24.00 16.71
N ARG A 239 -35.65 23.15 17.30
CA ARG A 239 -35.22 22.29 18.40
C ARG A 239 -34.16 21.31 17.92
N LEU A 240 -34.33 20.81 16.70
CA LEU A 240 -33.41 19.83 16.14
C LEU A 240 -32.06 20.45 15.87
N ALA A 241 -32.05 21.61 15.20
CA ALA A 241 -30.79 22.29 14.91
C ALA A 241 -30.09 22.74 16.19
N GLU A 242 -30.86 23.14 17.20
CA GLU A 242 -30.28 23.50 18.50
C GLU A 242 -29.48 22.34 19.11
N ALA A 243 -30.09 21.15 19.13
CA ALA A 243 -29.38 20.01 19.71
C ALA A 243 -28.18 19.64 18.87
N ILE A 244 -28.29 19.75 17.53
CA ILE A 244 -27.12 19.44 16.69
C ILE A 244 -25.97 20.41 16.97
N ALA A 245 -26.29 21.70 17.08
CA ALA A 245 -25.23 22.70 17.28
C ALA A 245 -24.58 22.59 18.66
N ASP A 246 -25.37 22.30 19.70
CA ASP A 246 -24.79 22.06 21.04
C ASP A 246 -23.82 20.89 21.02
N PHE A 247 -24.14 19.84 20.26
CA PHE A 247 -23.22 18.72 20.10
C PHE A 247 -21.97 19.16 19.33
N ALA A 248 -22.15 19.88 18.23
CA ALA A 248 -20.99 20.28 17.44
C ALA A 248 -20.05 21.17 18.25
N ASP A 249 -20.62 21.98 19.14
CA ASP A 249 -19.82 22.92 19.95
C ASP A 249 -18.83 22.21 20.86
N ALA A 250 -19.18 21.01 21.32
CA ALA A 250 -18.30 20.22 22.18
C ALA A 250 -18.79 18.79 22.22
N PRO A 251 -18.48 17.98 21.20
CA PRO A 251 -19.10 16.63 21.17
C PRO A 251 -18.56 15.74 22.27
N ALA A 252 -17.31 15.98 22.69
CA ALA A 252 -16.72 15.19 23.75
C ALA A 252 -17.42 15.37 25.10
N GLU A 253 -18.13 16.49 25.31
CA GLU A 253 -18.72 16.77 26.63
C GLU A 253 -20.22 16.54 26.68
N TYR A 254 -20.91 16.83 25.58
CA TYR A 254 -22.37 16.74 25.47
C TYR A 254 -23.02 15.50 26.12
N THR B 2 -3.73 -31.86 -2.57
CA THR B 2 -3.48 -30.41 -2.63
C THR B 2 -3.15 -29.88 -1.24
N VAL B 3 -3.79 -30.41 -0.21
CA VAL B 3 -3.56 -29.97 1.15
C VAL B 3 -2.48 -30.85 1.75
N THR B 4 -1.39 -30.24 2.19
CA THR B 4 -0.27 -31.01 2.68
C THR B 4 -0.08 -30.90 4.18
N ASP B 5 -0.57 -29.81 4.80
CA ASP B 5 -0.29 -29.53 6.19
C ASP B 5 -1.58 -29.27 6.95
N ILE B 6 -1.61 -29.74 8.20
CA ILE B 6 -2.65 -29.43 9.17
C ILE B 6 -1.94 -28.78 10.37
N ILE B 7 -2.41 -27.61 10.79
CA ILE B 7 -1.82 -26.82 11.88
C ILE B 7 -2.89 -26.65 12.94
N LEU B 8 -2.63 -27.15 14.15
CA LEU B 8 -3.54 -27.06 15.29
C LEU B 8 -3.11 -25.95 16.25
N ILE B 9 -4.01 -25.00 16.52
CA ILE B 9 -3.67 -23.81 17.29
C ILE B 9 -4.42 -23.84 18.62
N HIS B 10 -3.65 -23.83 19.71
CA HIS B 10 -4.23 -23.90 21.04
C HIS B 10 -5.01 -22.63 21.36
N GLY B 11 -5.82 -22.73 22.43
CA GLY B 11 -6.57 -21.63 22.98
C GLY B 11 -5.85 -21.00 24.17
N ALA B 12 -6.60 -20.25 24.95
CA ALA B 12 -6.00 -19.43 26.01
C ALA B 12 -5.37 -20.30 27.10
N LEU B 13 -4.24 -19.85 27.62
CA LEU B 13 -3.48 -20.47 28.71
C LEU B 13 -2.97 -21.86 28.38
N ASN B 14 -3.06 -22.29 27.12
CA ASN B 14 -2.65 -23.64 26.72
C ASN B 14 -1.38 -23.58 25.89
N ARG B 15 -0.89 -24.77 25.53
CA ARG B 15 0.25 -24.96 24.64
C ARG B 15 -0.07 -26.02 23.57
N GLY B 16 0.76 -26.09 22.53
CA GLY B 16 0.51 -27.07 21.47
C GLY B 16 0.41 -28.50 21.96
N ALA B 17 1.06 -28.83 23.09
CA ALA B 17 1.01 -30.19 23.63
C ALA B 17 -0.40 -30.63 23.99
N CYS B 18 -1.34 -29.72 24.15
CA CYS B 18 -2.70 -30.17 24.42
C CYS B 18 -3.24 -31.04 23.28
N TYR B 19 -2.67 -30.95 22.08
CA TYR B 19 -3.10 -31.75 20.93
C TYR B 19 -2.35 -33.07 20.78
N ASP B 20 -1.56 -33.49 21.78
CA ASP B 20 -0.70 -34.66 21.59
C ASP B 20 -1.49 -35.90 21.18
N ALA B 21 -2.76 -35.99 21.55
CA ALA B 21 -3.52 -37.21 21.26
C ALA B 21 -4.15 -37.20 19.88
N VAL B 22 -4.23 -36.04 19.23
CA VAL B 22 -4.82 -35.92 17.90
C VAL B 22 -3.76 -36.05 16.80
N VAL B 23 -2.58 -35.53 17.07
CA VAL B 23 -1.54 -35.40 16.04
C VAL B 23 -1.22 -36.74 15.37
N PRO B 24 -0.86 -37.80 16.10
CA PRO B 24 -0.53 -39.07 15.41
C PRO B 24 -1.67 -39.60 14.57
N LEU B 25 -2.91 -39.36 15.01
CA LEU B 25 -4.06 -39.85 14.25
C LEU B 25 -4.17 -39.17 12.90
N LEU B 26 -3.94 -37.83 12.86
CA LEU B 26 -3.94 -37.09 11.60
C LEU B 26 -2.71 -37.43 10.75
N GLU B 27 -1.56 -37.64 11.37
CA GLU B 27 -0.39 -38.09 10.62
C GLU B 27 -0.65 -39.42 9.92
N ALA B 28 -1.48 -40.27 10.51
CA ALA B 28 -1.86 -41.54 9.87
C ALA B 28 -2.75 -41.33 8.66
N ARG B 29 -3.43 -40.20 8.56
CA ARG B 29 -4.22 -39.84 7.40
C ARG B 29 -3.40 -39.20 6.29
N GLY B 30 -2.07 -39.20 6.39
CA GLY B 30 -1.21 -38.72 5.34
C GLY B 30 -0.93 -37.23 5.34
N TYR B 31 -1.01 -36.58 6.50
CA TYR B 31 -0.79 -35.14 6.57
C TYR B 31 0.42 -34.83 7.42
N ARG B 32 1.08 -33.74 7.08
CA ARG B 32 2.02 -33.10 8.00
C ARG B 32 1.19 -32.29 8.99
N VAL B 33 1.46 -32.50 10.27
CA VAL B 33 0.62 -31.94 11.33
C VAL B 33 1.53 -31.15 12.25
N HIS B 34 1.12 -29.93 12.60
CA HIS B 34 1.91 -29.07 13.48
C HIS B 34 1.05 -28.58 14.63
N ALA B 35 1.60 -28.45 15.81
CA ALA B 35 0.88 -27.78 16.91
C ALA B 35 1.79 -26.80 17.63
N PRO B 36 2.03 -25.62 17.06
CA PRO B 36 3.05 -24.72 17.61
C PRO B 36 2.54 -23.99 18.85
N ASP B 37 3.47 -23.67 19.75
CA ASP B 37 3.22 -22.66 20.77
C ASP B 37 3.16 -21.29 20.09
N LEU B 38 2.09 -20.54 20.36
CA LEU B 38 2.05 -19.17 19.90
C LEU B 38 3.01 -18.32 20.74
N THR B 39 3.25 -17.07 20.31
CA THR B 39 4.21 -16.24 21.03
C THR B 39 3.75 -15.99 22.47
N GLY B 40 4.69 -16.11 23.41
CA GLY B 40 4.37 -15.98 24.81
C GLY B 40 3.92 -17.27 25.46
N HIS B 41 3.79 -18.36 24.69
CA HIS B 41 3.31 -19.63 25.19
C HIS B 41 4.43 -20.66 25.34
N THR B 42 5.68 -20.23 25.34
CA THR B 42 6.78 -21.13 25.63
C THR B 42 7.51 -20.67 26.87
N PRO B 43 7.50 -21.45 27.95
CA PRO B 43 8.15 -21.01 29.18
C PRO B 43 9.57 -20.55 28.92
N GLY B 44 9.87 -19.33 29.36
CA GLY B 44 11.16 -18.71 29.18
C GLY B 44 11.28 -17.77 28.01
N ASP B 45 10.22 -17.60 27.21
CA ASP B 45 10.26 -16.74 26.03
C ASP B 45 9.85 -15.30 26.31
N GLY B 46 9.53 -14.94 27.54
CA GLY B 46 9.14 -13.59 27.86
C GLY B 46 7.67 -13.39 28.19
N GLY B 47 6.79 -14.34 27.88
CA GLY B 47 5.47 -14.27 28.47
C GLY B 47 4.52 -13.24 27.88
N HIS B 48 3.46 -12.95 28.66
CA HIS B 48 2.29 -12.25 28.14
C HIS B 48 2.59 -10.79 27.77
N LEU B 49 3.49 -10.13 28.49
CA LEU B 49 3.79 -8.75 28.11
C LEU B 49 4.65 -8.70 26.84
N SER B 50 5.25 -9.82 26.43
CA SER B 50 6.07 -9.85 25.21
C SER B 50 5.24 -9.76 23.93
N VAL B 51 3.94 -10.08 23.98
CA VAL B 51 3.11 -10.05 22.78
C VAL B 51 2.80 -8.60 22.41
N VAL B 52 3.18 -8.19 21.20
CA VAL B 52 2.92 -6.83 20.74
C VAL B 52 1.57 -6.72 20.06
N ASP B 53 1.27 -7.62 19.12
CA ASP B 53 0.03 -7.50 18.37
C ASP B 53 -0.29 -8.87 17.77
N MSE B 54 -1.31 -8.91 16.93
CA MSE B 54 -1.75 -10.20 16.41
C MSE B 54 -0.71 -10.81 15.48
O MSE B 54 -0.57 -12.06 15.42
CB MSE B 54 -3.12 -10.06 15.77
CG MSE B 54 -4.29 -10.22 16.75
SE MSE B 54 -4.20 -11.90 17.84
CE MSE B 54 -5.14 -13.15 16.60
N GLU B 55 0.04 -9.94 14.77
CA GLU B 55 1.03 -10.46 13.83
C GLU B 55 2.19 -11.10 14.56
N HIS B 56 2.56 -10.52 15.70
CA HIS B 56 3.58 -11.11 16.56
C HIS B 56 3.07 -12.39 17.21
N TYR B 57 1.85 -12.37 17.72
CA TYR B 57 1.27 -13.52 18.41
C TYR B 57 1.23 -14.75 17.51
N THR B 58 0.89 -14.56 16.25
CA THR B 58 0.62 -15.67 15.36
C THR B 58 1.82 -16.03 14.49
N ARG B 59 2.99 -15.44 14.74
CA ARG B 59 4.08 -15.63 13.81
C ARG B 59 4.65 -17.06 13.80
N PRO B 60 4.59 -17.84 14.88
CA PRO B 60 4.98 -19.25 14.73
C PRO B 60 4.15 -20.01 13.71
N VAL B 61 2.86 -19.68 13.55
CA VAL B 61 2.07 -20.33 12.52
C VAL B 61 2.40 -19.77 11.14
N ALA B 62 2.68 -18.46 11.05
CA ALA B 62 3.10 -17.89 9.77
C ALA B 62 4.44 -18.49 9.31
N ASP B 63 5.38 -18.71 10.23
CA ASP B 63 6.61 -19.41 9.86
C ASP B 63 6.32 -20.78 9.25
N ILE B 64 5.38 -21.52 9.83
CA ILE B 64 5.09 -22.85 9.33
C ILE B 64 4.50 -22.78 7.92
N LEU B 65 3.56 -21.84 7.69
CA LEU B 65 2.93 -21.69 6.40
C LEU B 65 3.93 -21.33 5.32
N ALA B 66 4.97 -20.57 5.68
CA ALA B 66 5.98 -20.18 4.72
C ALA B 66 6.79 -21.36 4.20
N ARG B 67 6.86 -22.45 4.97
CA ARG B 67 7.67 -23.63 4.63
C ARG B 67 6.86 -24.79 4.10
N ALA B 68 5.55 -24.65 3.99
CA ALA B 68 4.71 -25.79 3.63
C ALA B 68 4.75 -26.06 2.12
N GLU B 69 4.74 -27.34 1.77
CA GLU B 69 4.72 -27.75 0.38
C GLU B 69 3.49 -27.20 -0.34
N GLY B 70 2.31 -27.54 0.19
CA GLY B 70 1.08 -27.12 -0.45
C GLY B 70 0.21 -26.21 0.39
N GLN B 71 -1.10 -26.44 0.33
CA GLN B 71 -2.02 -25.64 1.11
C GLN B 71 -2.17 -26.20 2.54
N SER B 72 -2.62 -25.35 3.44
CA SER B 72 -2.75 -25.74 4.84
C SER B 72 -4.18 -25.54 5.32
N ILE B 73 -4.56 -26.37 6.28
CA ILE B 73 -5.77 -26.23 7.06
C ILE B 73 -5.38 -25.66 8.41
N LEU B 74 -6.10 -24.64 8.87
CA LEU B 74 -5.91 -24.05 10.18
C LEU B 74 -7.06 -24.44 11.09
N LEU B 75 -6.74 -24.98 12.26
CA LEU B 75 -7.76 -25.29 13.26
C LEU B 75 -7.49 -24.43 14.50
N GLY B 76 -8.55 -23.82 15.03
CA GLY B 76 -8.45 -23.08 16.29
C GLY B 76 -9.32 -23.69 17.38
N HIS B 77 -8.81 -23.72 18.61
CA HIS B 77 -9.64 -24.08 19.74
C HIS B 77 -9.88 -22.84 20.59
N SER B 78 -11.15 -22.57 20.85
CA SER B 78 -11.63 -21.49 21.72
C SER B 78 -11.02 -20.15 21.33
N LEU B 79 -10.21 -19.54 22.20
CA LEU B 79 -9.61 -18.29 21.77
C LEU B 79 -8.72 -18.45 20.52
N GLY B 80 -8.21 -19.65 20.27
CA GLY B 80 -7.41 -19.88 19.08
C GLY B 80 -8.10 -19.58 17.74
N GLY B 81 -9.44 -19.52 17.73
CA GLY B 81 -10.15 -19.15 16.51
C GLY B 81 -9.86 -17.72 16.06
N ALA B 82 -9.59 -16.84 17.01
CA ALA B 82 -9.20 -15.47 16.69
C ALA B 82 -7.93 -15.46 15.87
N SER B 83 -6.99 -16.36 16.18
CA SER B 83 -5.75 -16.40 15.41
C SER B 83 -5.97 -16.87 13.98
N ILE B 84 -6.76 -17.93 13.79
CA ILE B 84 -6.87 -18.49 12.43
C ILE B 84 -7.63 -17.53 11.54
N SER B 85 -8.59 -16.79 12.09
CA SER B 85 -9.22 -15.75 11.31
C SER B 85 -8.21 -14.69 10.88
N TRP B 86 -7.39 -14.23 11.82
CA TRP B 86 -6.37 -13.23 11.46
C TRP B 86 -5.38 -13.79 10.43
N LEU B 87 -4.94 -15.04 10.63
CA LEU B 87 -4.02 -15.65 9.69
C LEU B 87 -4.67 -15.80 8.31
N ALA B 88 -5.98 -15.97 8.26
CA ALA B 88 -6.69 -16.16 6.99
C ALA B 88 -6.66 -14.92 6.12
N GLN B 89 -6.75 -13.73 6.73
CA GLN B 89 -6.70 -12.52 5.93
C GLN B 89 -5.32 -12.27 5.33
N HIS B 90 -4.27 -12.62 6.06
CA HIS B 90 -2.90 -12.31 5.70
C HIS B 90 -2.18 -13.41 4.95
N HIS B 91 -2.66 -14.65 4.98
CA HIS B 91 -2.06 -15.70 4.17
C HIS B 91 -3.11 -16.51 3.40
N PRO B 92 -4.02 -15.81 2.70
CA PRO B 92 -5.09 -16.54 1.98
C PRO B 92 -4.55 -17.44 0.89
N ASP B 93 -3.41 -17.13 0.28
CA ASP B 93 -2.81 -18.02 -0.71
C ASP B 93 -2.27 -19.31 -0.09
N LYS B 94 -2.12 -19.37 1.22
CA LYS B 94 -1.63 -20.57 1.88
C LYS B 94 -2.68 -21.39 2.61
N VAL B 95 -3.88 -20.87 2.86
CA VAL B 95 -4.89 -21.59 3.65
C VAL B 95 -6.01 -22.10 2.75
N ALA B 96 -6.22 -23.41 2.77
CA ALA B 96 -7.33 -24.02 2.03
C ALA B 96 -8.62 -24.19 2.85
N GLY B 97 -8.55 -24.11 4.19
CA GLY B 97 -9.75 -24.30 4.98
C GLY B 97 -9.52 -23.93 6.45
N LEU B 98 -10.58 -23.49 7.16
CA LEU B 98 -10.52 -23.11 8.56
C LEU B 98 -11.44 -23.97 9.43
N ILE B 99 -10.94 -24.45 10.57
CA ILE B 99 -11.78 -25.23 11.50
C ILE B 99 -11.85 -24.49 12.84
N TYR B 100 -13.05 -24.18 13.26
CA TYR B 100 -13.27 -23.52 14.55
C TYR B 100 -13.76 -24.61 15.50
N LEU B 101 -12.90 -25.05 16.40
CA LEU B 101 -13.23 -26.14 17.33
C LEU B 101 -13.69 -25.48 18.63
N THR B 102 -15.00 -25.47 18.87
CA THR B 102 -15.68 -24.71 19.93
C THR B 102 -14.92 -23.42 20.19
N ALA B 103 -14.75 -22.66 19.14
CA ALA B 103 -13.82 -21.56 19.10
C ALA B 103 -14.58 -20.27 18.84
N VAL B 104 -13.88 -19.16 19.10
CA VAL B 104 -14.43 -17.84 18.84
C VAL B 104 -14.47 -17.62 17.33
N LEU B 105 -15.65 -17.40 16.80
CA LEU B 105 -15.82 -17.12 15.37
C LEU B 105 -16.52 -15.77 15.29
N THR B 106 -15.77 -14.74 14.95
CA THR B 106 -16.31 -13.39 14.85
C THR B 106 -16.37 -12.92 13.40
N ALA B 107 -17.39 -12.11 13.13
CA ALA B 107 -17.52 -11.50 11.82
C ALA B 107 -16.40 -10.49 11.59
N PRO B 108 -16.15 -10.11 10.33
CA PRO B 108 -15.17 -9.05 10.07
C PRO B 108 -15.46 -7.81 10.90
N GLY B 109 -14.41 -7.29 11.56
CA GLY B 109 -14.48 -6.08 12.35
C GLY B 109 -14.94 -6.29 13.78
N VAL B 110 -15.23 -7.53 14.17
CA VAL B 110 -15.75 -7.86 15.48
C VAL B 110 -14.65 -8.51 16.29
N THR B 111 -14.49 -8.05 17.59
CA THR B 111 -13.48 -8.59 18.47
C THR B 111 -14.03 -9.81 19.21
N PRO B 112 -13.16 -10.71 19.64
CA PRO B 112 -13.62 -11.81 20.49
C PRO B 112 -14.31 -11.38 21.78
N GLU B 113 -13.97 -10.22 22.38
CA GLU B 113 -14.57 -9.88 23.66
C GLU B 113 -16.08 -9.72 23.56
N THR B 114 -16.57 -9.37 22.38
CA THR B 114 -18.01 -9.25 22.13
C THR B 114 -18.81 -10.46 22.61
N PHE B 115 -18.25 -11.66 22.46
CA PHE B 115 -18.93 -12.86 22.93
C PHE B 115 -18.40 -13.35 24.29
N VAL B 116 -17.27 -12.81 24.76
CA VAL B 116 -16.78 -13.21 26.07
C VAL B 116 -17.48 -12.40 27.16
N LEU B 117 -17.69 -11.10 26.91
CA LEU B 117 -18.30 -10.21 27.88
C LEU B 117 -19.82 -10.33 27.80
N PRO B 118 -20.53 -9.96 28.87
CA PRO B 118 -21.98 -10.10 28.88
C PRO B 118 -22.63 -9.23 27.80
N GLY B 119 -23.76 -9.69 27.29
CA GLY B 119 -24.44 -8.94 26.25
C GLY B 119 -25.59 -9.71 25.66
N GLU B 120 -26.33 -9.03 24.79
CA GLU B 120 -27.45 -9.69 24.14
C GLU B 120 -27.37 -9.43 22.61
N PRO B 121 -27.75 -10.43 21.79
CA PRO B 121 -28.19 -11.73 22.31
C PRO B 121 -27.12 -12.85 22.40
N ASN B 122 -27.32 -13.76 23.36
CA ASN B 122 -26.56 -15.00 23.49
C ASN B 122 -25.06 -14.74 23.43
N ARG B 123 -24.60 -13.84 24.30
CA ARG B 123 -23.19 -13.46 24.41
C ARG B 123 -22.74 -13.64 25.85
N GLY B 124 -21.52 -14.11 26.04
CA GLY B 124 -20.99 -14.25 27.39
C GLY B 124 -20.50 -15.63 27.77
N THR B 125 -19.32 -15.66 28.37
CA THR B 125 -18.72 -16.86 28.94
C THR B 125 -18.50 -16.64 30.43
N PRO B 126 -19.58 -16.53 31.22
CA PRO B 126 -19.45 -16.11 32.62
C PRO B 126 -18.70 -17.08 33.51
N HIS B 127 -18.69 -18.38 33.20
CA HIS B 127 -17.86 -19.29 33.98
C HIS B 127 -16.38 -18.93 33.84
N ALA B 128 -15.96 -18.63 32.61
CA ALA B 128 -14.56 -18.29 32.34
C ALA B 128 -14.17 -16.95 32.98
N LEU B 129 -15.01 -15.93 32.85
CA LEU B 129 -14.66 -14.65 33.45
C LEU B 129 -14.58 -14.76 34.98
N ASP B 130 -15.34 -15.69 35.56
CA ASP B 130 -15.33 -15.92 37.01
C ASP B 130 -14.08 -16.62 37.47
N LEU B 131 -13.56 -17.53 36.65
CA LEU B 131 -12.44 -18.36 37.03
C LEU B 131 -11.10 -17.88 36.50
N ILE B 132 -11.10 -16.95 35.53
CA ILE B 132 -9.90 -16.37 34.97
C ILE B 132 -9.94 -14.88 35.28
N GLN B 133 -8.91 -14.38 35.95
CA GLN B 133 -8.96 -13.04 36.50
C GLN B 133 -7.84 -12.17 35.94
N PRO B 134 -8.07 -10.86 35.83
CA PRO B 134 -7.07 -9.98 35.22
C PRO B 134 -5.86 -9.75 36.10
N VAL B 135 -4.73 -9.52 35.44
CA VAL B 135 -3.48 -9.14 36.07
C VAL B 135 -2.82 -8.02 35.26
N ASP B 136 -1.97 -7.25 35.95
CA ASP B 136 -1.17 -6.21 35.32
C ASP B 136 -2.05 -5.32 34.45
N GLU B 137 -3.12 -4.82 35.08
CA GLU B 137 -4.02 -3.83 34.49
C GLU B 137 -4.64 -4.34 33.19
N GLY B 138 -5.18 -5.55 33.25
CA GLY B 138 -5.88 -6.09 32.12
C GLY B 138 -5.01 -6.41 30.93
N ARG B 139 -3.70 -6.44 31.11
CA ARG B 139 -2.81 -6.85 30.04
C ARG B 139 -2.49 -8.34 30.13
N GLY B 140 -3.02 -9.02 31.16
CA GLY B 140 -2.82 -10.45 31.35
C GLY B 140 -4.01 -11.10 32.03
N LEU B 141 -4.11 -12.41 31.82
CA LEU B 141 -5.17 -13.20 32.42
C LEU B 141 -4.55 -14.40 33.10
N GLN B 142 -5.07 -14.75 34.27
CA GLN B 142 -4.51 -15.83 35.05
C GLN B 142 -5.63 -16.53 35.83
N ALA B 143 -5.58 -17.86 35.87
CA ALA B 143 -6.61 -18.64 36.52
C ALA B 143 -6.55 -18.45 38.03
N ASP B 144 -7.71 -18.52 38.68
CA ASP B 144 -7.86 -18.39 40.13
C ASP B 144 -7.54 -19.74 40.75
N PHE B 145 -6.31 -19.87 41.22
CA PHE B 145 -5.81 -21.14 41.73
C PHE B 145 -6.31 -21.47 43.16
N SER B 146 -7.15 -20.62 43.74
CA SER B 146 -7.83 -20.93 44.98
C SER B 146 -9.01 -21.87 44.79
N ARG B 147 -9.37 -22.18 43.54
CA ARG B 147 -10.50 -23.03 43.23
C ARG B 147 -10.08 -24.10 42.22
N LEU B 148 -9.13 -24.93 42.65
CA LEU B 148 -8.53 -25.89 41.75
C LEU B 148 -9.55 -26.88 41.21
N GLU B 149 -10.42 -27.42 42.06
CA GLU B 149 -11.39 -28.40 41.57
C GLU B 149 -12.38 -27.76 40.60
N ARG B 150 -12.83 -26.54 40.88
CA ARG B 150 -13.72 -25.84 39.96
C ARG B 150 -13.09 -25.67 38.59
N LEU B 151 -11.79 -25.31 38.55
CA LEU B 151 -11.09 -25.22 37.28
C LEU B 151 -11.08 -26.56 36.58
N ARG B 152 -10.83 -27.62 37.34
CA ARG B 152 -10.73 -28.93 36.72
C ARG B 152 -12.04 -29.32 36.08
N GLU B 153 -13.15 -29.22 36.83
CA GLU B 153 -14.43 -29.67 36.29
C GLU B 153 -14.91 -28.76 35.17
N VAL B 154 -14.52 -27.49 35.19
CA VAL B 154 -14.98 -26.56 34.16
C VAL B 154 -14.12 -26.65 32.91
N PHE B 155 -12.81 -26.54 33.05
CA PHE B 155 -11.99 -26.49 31.85
C PHE B 155 -11.43 -27.84 31.42
N MSE B 156 -11.30 -28.80 32.34
CA MSE B 156 -10.63 -30.07 32.01
C MSE B 156 -11.45 -31.35 32.31
O MSE B 156 -10.89 -32.41 32.50
CB MSE B 156 -9.32 -30.15 32.79
CG MSE B 156 -8.46 -28.88 32.79
SE MSE B 156 -7.21 -28.85 34.34
CE MSE B 156 -7.63 -27.08 35.13
N GLY B 157 -12.78 -31.24 32.34
CA GLY B 157 -13.60 -32.42 32.58
C GLY B 157 -13.38 -33.52 31.55
N ASP B 158 -12.97 -33.15 30.34
CA ASP B 158 -12.74 -34.12 29.27
C ASP B 158 -11.45 -34.90 29.41
N TYR B 159 -10.53 -34.50 30.27
CA TYR B 159 -9.27 -35.22 30.38
C TYR B 159 -9.56 -36.59 30.94
N PRO B 160 -9.07 -37.62 30.27
CA PRO B 160 -9.35 -38.99 30.66
C PRO B 160 -8.95 -39.27 32.07
N GLY B 161 -9.84 -39.87 32.82
CA GLY B 161 -9.54 -40.18 34.19
C GLY B 161 -9.42 -38.98 35.08
N GLY B 163 -7.70 -36.10 37.77
CA GLY B 163 -6.26 -35.94 37.68
C GLY B 163 -6.04 -35.35 36.36
N MSE B 164 -5.74 -34.07 36.37
CA MSE B 164 -5.60 -33.31 35.19
C MSE B 164 -4.50 -33.55 34.19
O MSE B 164 -3.72 -34.46 34.29
CB MSE B 164 -5.66 -31.88 35.66
CG MSE B 164 -4.75 -31.65 36.82
SE MSE B 164 -6.03 -31.14 38.15
CE MSE B 164 -6.17 -29.26 37.65
N PRO B 165 -4.44 -32.72 33.16
CA PRO B 165 -3.40 -32.82 32.17
C PRO B 165 -2.04 -32.41 32.71
N PRO B 166 -0.98 -32.84 32.02
CA PRO B 166 0.36 -32.55 32.50
C PRO B 166 0.68 -31.08 32.34
N ALA B 167 1.74 -30.65 33.05
CA ALA B 167 2.10 -29.23 33.02
C ALA B 167 2.43 -28.76 31.62
N GLU B 168 3.01 -29.65 30.80
CA GLU B 168 3.46 -29.30 29.45
C GLU B 168 2.35 -28.71 28.60
N HIS B 169 1.10 -28.81 29.04
CA HIS B 169 -0.03 -28.31 28.29
C HIS B 169 -0.35 -26.84 28.55
N PHE B 170 0.16 -26.25 29.64
CA PHE B 170 -0.36 -24.98 30.12
C PHE B 170 0.74 -23.96 30.30
N ILE B 171 0.34 -22.68 30.28
CA ILE B 171 1.16 -21.57 30.75
C ILE B 171 0.44 -20.88 31.90
N GLN B 172 1.12 -19.88 32.49
CA GLN B 172 0.58 -19.24 33.68
C GLN B 172 -0.22 -17.97 33.43
N THR B 173 0.19 -17.13 32.47
CA THR B 173 -0.43 -15.86 32.24
C THR B 173 -0.62 -15.65 30.75
N GLN B 174 -1.84 -15.26 30.37
CA GLN B 174 -2.30 -15.16 28.99
C GLN B 174 -2.38 -13.69 28.57
N SER B 175 -1.97 -13.40 27.33
CA SER B 175 -2.03 -12.04 26.80
C SER B 175 -3.44 -11.66 26.37
N THR B 176 -3.85 -10.42 26.65
CA THR B 176 -5.19 -10.01 26.25
C THR B 176 -5.23 -9.49 24.82
N VAL B 177 -4.09 -9.51 24.14
CA VAL B 177 -4.02 -8.99 22.77
C VAL B 177 -5.05 -9.65 21.85
N PRO B 178 -5.12 -10.98 21.74
CA PRO B 178 -6.14 -11.60 20.87
C PRO B 178 -7.58 -11.26 21.23
N PHE B 179 -7.88 -10.95 22.50
CA PHE B 179 -9.27 -10.63 22.86
C PHE B 179 -9.74 -9.33 22.22
N GLY B 180 -8.83 -8.39 21.97
CA GLY B 180 -9.20 -7.05 21.60
C GLY B 180 -8.94 -6.67 20.16
N THR B 181 -8.50 -7.61 19.31
CA THR B 181 -8.20 -7.27 17.92
C THR B 181 -9.36 -7.65 17.02
N PRO B 182 -9.86 -6.72 16.20
CA PRO B 182 -10.99 -7.06 15.34
C PRO B 182 -10.59 -8.07 14.29
N ASN B 183 -11.56 -8.82 13.81
CA ASN B 183 -11.34 -9.75 12.70
C ASN B 183 -11.03 -8.95 11.43
N PRO B 184 -9.84 -9.06 10.85
CA PRO B 184 -9.53 -8.31 9.64
C PRO B 184 -9.90 -8.99 8.33
N MSE B 185 -10.53 -10.18 8.34
CA MSE B 185 -10.84 -10.88 7.08
C MSE B 185 -11.66 -10.10 6.07
O MSE B 185 -12.74 -9.62 6.38
CB MSE B 185 -11.59 -12.19 7.37
CG MSE B 185 -10.69 -13.28 7.90
SE MSE B 185 -11.84 -14.72 8.59
CE MSE B 185 -12.49 -15.39 6.87
N GLU B 186 -11.17 -10.02 4.84
CA GLU B 186 -11.94 -9.34 3.81
C GLU B 186 -11.74 -10.07 2.50
N GLY B 187 -12.69 -9.86 1.58
CA GLY B 187 -12.52 -10.34 0.23
C GLY B 187 -12.21 -11.81 0.09
N ARG B 188 -10.98 -12.09 -0.35
CA ARG B 188 -10.59 -13.45 -0.69
C ARG B 188 -10.64 -14.38 0.53
N ALA B 189 -10.23 -13.88 1.70
CA ALA B 189 -10.26 -14.71 2.91
C ALA B 189 -11.66 -15.25 3.22
N LEU B 190 -12.72 -14.50 2.88
CA LEU B 190 -14.08 -14.97 3.13
C LEU B 190 -14.57 -16.02 2.13
N GLU B 191 -13.77 -16.36 1.13
CA GLU B 191 -14.08 -17.48 0.26
C GLU B 191 -13.47 -18.79 0.73
N ILE B 192 -12.62 -18.75 1.76
CA ILE B 192 -12.01 -19.98 2.28
C ILE B 192 -13.08 -20.81 2.98
N PRO B 193 -13.19 -22.11 2.69
CA PRO B 193 -14.21 -22.93 3.33
C PRO B 193 -14.06 -22.91 4.84
N ARG B 194 -15.22 -22.89 5.54
CA ARG B 194 -15.30 -22.79 7.00
C ARG B 194 -16.09 -23.94 7.63
N LEU B 195 -15.52 -24.54 8.69
CA LEU B 195 -16.18 -25.61 9.42
C LEU B 195 -16.14 -25.27 10.89
N TYR B 196 -17.30 -25.36 11.54
CA TYR B 196 -17.43 -25.23 12.99
C TYR B 196 -17.67 -26.62 13.54
N ILE B 197 -16.84 -27.02 14.50
CA ILE B 197 -17.06 -28.26 15.25
C ILE B 197 -17.58 -27.86 16.61
N GLU B 198 -18.88 -28.09 16.85
CA GLU B 198 -19.46 -27.68 18.11
C GLU B 198 -19.15 -28.69 19.21
N ALA B 199 -18.98 -28.16 20.43
CA ALA B 199 -18.92 -28.91 21.69
C ALA B 199 -20.23 -28.71 22.43
N LEU B 200 -21.12 -29.67 22.30
CA LEU B 200 -22.49 -29.49 22.78
C LEU B 200 -22.55 -29.26 24.28
N ASP B 201 -21.68 -29.90 25.05
CA ASP B 201 -21.77 -29.88 26.51
C ASP B 201 -20.73 -28.93 27.15
N ASP B 202 -20.22 -28.00 26.35
CA ASP B 202 -19.24 -27.01 26.80
C ASP B 202 -19.92 -26.05 27.74
N VAL B 203 -19.35 -25.86 28.92
CA VAL B 203 -19.87 -24.87 29.87
C VAL B 203 -18.99 -23.64 29.92
N VAL B 204 -17.80 -23.68 29.32
CA VAL B 204 -17.02 -22.46 29.10
C VAL B 204 -17.65 -21.60 28.01
N LEU B 205 -17.80 -22.16 26.82
CA LEU B 205 -18.39 -21.49 25.67
C LEU B 205 -19.70 -22.23 25.42
N PRO B 206 -20.82 -21.75 25.96
CA PRO B 206 -22.05 -22.52 25.88
C PRO B 206 -22.48 -22.65 24.43
N ILE B 207 -23.20 -23.73 24.14
CA ILE B 207 -23.60 -24.03 22.77
C ILE B 207 -24.45 -22.90 22.20
N ALA B 208 -25.17 -22.18 23.06
CA ALA B 208 -25.93 -21.04 22.60
C ALA B 208 -25.01 -19.98 22.01
N VAL B 209 -23.91 -19.67 22.70
CA VAL B 209 -22.98 -18.66 22.19
C VAL B 209 -22.30 -19.16 20.94
N GLN B 210 -21.91 -20.45 20.93
CA GLN B 210 -21.35 -21.07 19.74
C GLN B 210 -22.26 -20.86 18.55
N ARG B 211 -23.53 -21.27 18.69
CA ARG B 211 -24.44 -21.19 17.55
C ARG B 211 -24.77 -19.75 17.20
N GLN B 212 -24.72 -18.84 18.17
CA GLN B 212 -24.96 -17.43 17.90
C GLN B 212 -23.81 -16.83 17.09
N MSE B 213 -22.59 -17.32 17.32
CA MSE B 213 -21.42 -16.91 16.59
C MSE B 213 -21.50 -17.43 15.15
O MSE B 213 -21.09 -16.73 14.23
CB MSE B 213 -20.17 -17.38 17.29
CG MSE B 213 -19.76 -16.51 18.49
SE MSE B 213 -18.07 -17.04 19.35
CE MSE B 213 -18.51 -18.91 19.42
N GLN B 214 -22.06 -18.63 14.97
CA GLN B 214 -22.26 -19.15 13.61
C GLN B 214 -23.32 -18.36 12.86
N LYS B 215 -24.40 -18.02 13.53
CA LYS B 215 -25.50 -17.30 12.89
C LYS B 215 -25.05 -15.93 12.39
N GLU B 216 -24.23 -15.23 13.17
CA GLU B 216 -23.84 -13.87 12.87
C GLU B 216 -22.63 -13.76 11.93
N PHE B 217 -22.01 -14.86 11.56
CA PHE B 217 -20.93 -14.72 10.59
C PHE B 217 -21.53 -14.64 9.18
N PRO B 218 -21.07 -13.71 8.34
CA PRO B 218 -21.68 -13.60 7.00
C PRO B 218 -21.21 -14.75 6.12
N GLY B 219 -22.15 -15.45 5.51
CA GLY B 219 -21.81 -16.56 4.66
C GLY B 219 -21.91 -17.91 5.34
N PRO B 220 -21.86 -18.96 4.52
CA PRO B 220 -22.12 -20.30 5.03
C PRO B 220 -21.00 -20.81 5.93
N VAL B 221 -21.40 -21.54 6.97
CA VAL B 221 -20.50 -22.24 7.87
C VAL B 221 -21.03 -23.65 8.01
N ALA B 222 -20.23 -24.64 7.60
CA ALA B 222 -20.55 -26.03 7.83
C ALA B 222 -20.36 -26.35 9.31
N VAL B 223 -21.04 -27.40 9.77
CA VAL B 223 -20.94 -27.68 11.20
C VAL B 223 -20.98 -29.19 11.43
N VAL B 224 -20.15 -29.66 12.36
CA VAL B 224 -20.35 -30.98 12.94
C VAL B 224 -20.44 -30.81 14.45
N SER B 225 -21.25 -31.67 15.08
CA SER B 225 -21.52 -31.59 16.50
C SER B 225 -20.90 -32.78 17.20
N LEU B 226 -20.16 -32.50 18.27
CA LEU B 226 -19.52 -33.52 19.07
C LEU B 226 -20.13 -33.54 20.46
N PRO B 227 -20.37 -34.74 21.03
CA PRO B 227 -20.95 -34.85 22.37
C PRO B 227 -19.89 -34.65 23.45
N ALA B 228 -19.27 -33.47 23.46
CA ALA B 228 -18.12 -33.19 24.29
C ALA B 228 -18.33 -31.89 25.06
N SER B 229 -17.57 -31.72 26.13
CA SER B 229 -17.53 -30.43 26.78
C SER B 229 -16.36 -29.65 26.18
N HIS B 230 -15.71 -28.81 26.98
CA HIS B 230 -14.82 -27.77 26.45
C HIS B 230 -13.63 -28.32 25.67
N ALA B 231 -13.13 -29.54 25.97
CA ALA B 231 -11.86 -30.01 25.37
C ALA B 231 -12.02 -31.34 24.65
N PRO B 232 -12.64 -31.34 23.46
CA PRO B 232 -12.86 -32.60 22.74
C PRO B 232 -11.57 -33.30 22.34
N TYR B 233 -10.48 -32.57 22.19
CA TYR B 233 -9.20 -33.19 21.88
C TYR B 233 -8.67 -34.07 23.02
N TYR B 234 -9.22 -33.94 24.22
CA TYR B 234 -8.95 -34.89 25.31
C TYR B 234 -9.88 -36.10 25.29
N SER B 235 -11.18 -35.89 25.11
CA SER B 235 -12.17 -36.95 25.36
C SER B 235 -12.56 -37.76 24.13
N MSE B 236 -12.39 -37.23 22.93
CA MSE B 236 -12.62 -38.03 21.72
C MSE B 236 -11.65 -37.71 20.58
O MSE B 236 -12.02 -37.18 19.54
CB MSE B 236 -14.07 -37.88 21.27
CG MSE B 236 -14.56 -36.45 21.24
SE MSE B 236 -16.51 -36.46 21.23
CE MSE B 236 -16.80 -36.78 23.16
N PRO B 237 -10.37 -38.03 20.78
CA PRO B 237 -9.41 -37.73 19.71
C PRO B 237 -9.69 -38.44 18.41
N GLU B 238 -10.19 -39.69 18.42
CA GLU B 238 -10.45 -40.38 17.16
C GLU B 238 -11.53 -39.69 16.33
N ARG B 239 -12.70 -39.43 16.92
CA ARG B 239 -13.77 -38.80 16.16
C ARG B 239 -13.37 -37.42 15.68
N LEU B 240 -12.68 -36.66 16.54
CA LEU B 240 -12.23 -35.33 16.14
C LEU B 240 -11.22 -35.41 15.00
N ALA B 241 -10.26 -36.34 15.08
CA ALA B 241 -9.26 -36.48 14.03
C ALA B 241 -9.91 -36.93 12.72
N GLU B 242 -10.94 -37.80 12.81
CA GLU B 242 -11.76 -38.14 11.65
C GLU B 242 -12.36 -36.91 10.98
N ALA B 243 -13.02 -36.06 11.77
CA ALA B 243 -13.72 -34.91 11.20
C ALA B 243 -12.73 -33.90 10.60
N ILE B 244 -11.58 -33.70 11.26
CA ILE B 244 -10.58 -32.80 10.70
C ILE B 244 -10.03 -33.36 9.39
N ALA B 245 -9.72 -34.66 9.36
CA ALA B 245 -9.13 -35.20 8.15
C ALA B 245 -10.13 -35.21 7.00
N ASP B 246 -11.37 -35.62 7.26
CA ASP B 246 -12.40 -35.61 6.22
C ASP B 246 -12.59 -34.22 5.62
N PHE B 247 -12.58 -33.18 6.46
CA PHE B 247 -12.62 -31.82 5.94
C PHE B 247 -11.41 -31.56 5.08
N ALA B 248 -10.22 -31.91 5.59
CA ALA B 248 -8.96 -31.64 4.90
C ALA B 248 -8.86 -32.36 3.55
N ASP B 249 -9.50 -33.54 3.44
CA ASP B 249 -9.47 -34.29 2.20
C ASP B 249 -10.15 -33.51 1.07
N ALA B 250 -11.17 -32.69 1.39
CA ALA B 250 -11.90 -31.87 0.42
C ALA B 250 -12.70 -30.75 1.08
N PRO B 251 -12.07 -29.62 1.40
CA PRO B 251 -12.78 -28.60 2.20
C PRO B 251 -13.92 -27.89 1.47
N ALA B 252 -13.85 -27.74 0.15
CA ALA B 252 -14.94 -27.11 -0.60
C ALA B 252 -16.22 -27.96 -0.62
N GLU B 253 -16.16 -29.25 -0.32
CA GLU B 253 -17.37 -30.06 -0.43
C GLU B 253 -18.01 -30.41 0.92
N TYR B 254 -17.25 -30.36 2.01
CA TYR B 254 -17.63 -31.05 3.27
C TYR B 254 -19.07 -30.93 3.80
N THR C 2 5.34 31.73 4.03
CA THR C 2 5.69 30.39 3.56
C THR C 2 5.52 29.37 4.70
N VAL C 3 6.07 29.68 5.87
CA VAL C 3 5.97 28.82 7.05
C VAL C 3 5.05 29.50 8.08
N THR C 4 4.03 28.78 8.51
CA THR C 4 3.04 29.32 9.43
C THR C 4 3.13 28.69 10.82
N ASP C 5 3.64 27.46 10.90
CA ASP C 5 3.61 26.68 12.14
C ASP C 5 4.99 26.15 12.50
N ILE C 6 5.29 26.14 13.80
CA ILE C 6 6.46 25.47 14.36
C ILE C 6 5.96 24.46 15.39
N ILE C 7 6.48 23.23 15.31
CA ILE C 7 6.07 22.11 16.17
C ILE C 7 7.27 21.61 16.96
N LEU C 8 7.17 21.69 18.29
CA LEU C 8 8.22 21.25 19.22
C LEU C 8 7.84 19.90 19.80
N ILE C 9 8.68 18.90 19.58
CA ILE C 9 8.39 17.53 19.99
C ILE C 9 9.34 17.16 21.11
N HIS C 10 8.80 16.70 22.24
CA HIS C 10 9.62 16.32 23.39
C HIS C 10 10.38 15.00 23.16
N GLY C 11 11.40 14.79 24.01
CA GLY C 11 12.19 13.57 24.01
C GLY C 11 11.64 12.58 25.01
N ALA C 12 12.45 11.60 25.37
CA ALA C 12 11.93 10.51 26.18
C ALA C 12 11.53 10.95 27.59
N LEU C 13 10.44 10.36 28.10
CA LEU C 13 9.90 10.62 29.42
C LEU C 13 9.45 12.07 29.63
N ASN C 14 9.37 12.88 28.58
CA ASN C 14 8.97 14.27 28.75
C ASN C 14 7.57 14.49 28.19
N ARG C 15 7.04 15.69 28.40
CA ARG C 15 5.77 16.11 27.83
C ARG C 15 5.94 17.47 27.14
N GLY C 16 4.93 17.87 26.36
CA GLY C 16 5.02 19.13 25.63
C GLY C 16 5.22 20.34 26.53
N ALA C 17 4.81 20.23 27.79
CA ALA C 17 4.97 21.33 28.73
C ALA C 17 6.44 21.67 28.96
N CYS C 18 7.34 20.75 28.66
CA CYS C 18 8.75 21.02 28.91
C CYS C 18 9.26 22.24 28.13
N TYR C 19 8.58 22.61 27.04
CA TYR C 19 8.94 23.73 26.18
C TYR C 19 8.27 25.05 26.59
N ASP C 20 7.63 25.11 27.75
CA ASP C 20 6.79 26.23 28.12
C ASP C 20 7.49 27.58 28.08
N ALA C 21 8.82 27.62 28.24
CA ALA C 21 9.53 28.90 28.19
C ALA C 21 9.85 29.36 26.77
N VAL C 22 9.78 28.44 25.80
CA VAL C 22 10.11 28.74 24.41
C VAL C 22 8.89 29.13 23.59
N VAL C 23 7.74 28.52 23.88
CA VAL C 23 6.55 28.72 23.03
C VAL C 23 6.15 30.19 22.94
N PRO C 24 5.99 30.93 24.04
CA PRO C 24 5.65 32.36 23.89
C PRO C 24 6.68 33.15 23.09
N LEU C 25 7.96 32.79 23.18
CA LEU C 25 8.98 33.53 22.46
C LEU C 25 8.85 33.35 20.95
N LEU C 26 8.58 32.11 20.51
CA LEU C 26 8.35 31.88 19.08
C LEU C 26 7.03 32.50 18.62
N GLU C 27 6.01 32.48 19.48
CA GLU C 27 4.77 33.15 19.10
C GLU C 27 5.00 34.63 18.85
N ALA C 28 5.96 35.24 19.57
CA ALA C 28 6.31 36.63 19.31
C ALA C 28 7.00 36.82 17.96
N ARG C 29 7.63 35.78 17.43
CA ARG C 29 8.22 35.86 16.10
C ARG C 29 7.19 35.62 14.98
N GLY C 30 5.90 35.65 15.33
CA GLY C 30 4.83 35.61 14.35
C GLY C 30 4.42 34.23 13.90
N TYR C 31 4.63 33.21 14.73
CA TYR C 31 4.35 31.84 14.37
C TYR C 31 3.27 31.25 15.27
N ARG C 32 2.50 30.32 14.72
CA ARG C 32 1.70 29.41 15.54
C ARG C 32 2.60 28.25 15.97
N VAL C 33 2.64 27.99 17.28
CA VAL C 33 3.61 27.07 17.89
C VAL C 33 2.86 25.98 18.63
N HIS C 34 3.32 24.75 18.46
CA HIS C 34 2.69 23.58 19.07
C HIS C 34 3.71 22.75 19.82
N ALA C 35 3.35 22.31 21.03
CA ALA C 35 4.20 21.44 21.84
C ALA C 35 3.37 20.24 22.27
N PRO C 36 3.10 19.32 21.36
CA PRO C 36 2.14 18.25 21.65
C PRO C 36 2.74 17.15 22.49
N ASP C 37 1.88 16.56 23.32
CA ASP C 37 2.21 15.27 23.91
C ASP C 37 2.12 14.22 22.81
N LEU C 38 3.18 13.43 22.63
CA LEU C 38 3.06 12.28 21.74
C LEU C 38 2.23 11.20 22.41
N THR C 39 1.90 10.16 21.64
CA THR C 39 1.03 9.09 22.14
C THR C 39 1.66 8.35 23.31
N GLY C 40 0.89 8.18 24.38
CA GLY C 40 1.38 7.59 25.59
C GLY C 40 1.96 8.57 26.57
N HIS C 41 2.00 9.85 26.22
CA HIS C 41 2.62 10.89 27.05
C HIS C 41 1.60 11.83 27.69
N THR C 42 0.30 11.48 27.67
CA THR C 42 -0.68 12.27 28.41
C THR C 42 -1.25 11.37 29.49
N PRO C 43 -1.05 11.70 30.78
CA PRO C 43 -1.44 10.77 31.85
C PRO C 43 -2.86 10.28 31.71
N GLY C 44 -3.02 8.95 31.70
CA GLY C 44 -4.31 8.33 31.55
C GLY C 44 -4.70 7.90 30.14
N ASP C 45 -3.81 8.03 29.15
CA ASP C 45 -4.11 7.73 27.76
C ASP C 45 -3.84 6.27 27.36
N GLY C 46 -3.38 5.45 28.28
CA GLY C 46 -2.99 4.09 27.97
C GLY C 46 -1.52 3.82 28.09
N GLY C 47 -0.69 4.86 28.16
CA GLY C 47 0.68 4.66 28.57
C GLY C 47 1.52 4.03 27.49
N HIS C 48 2.66 3.49 27.93
CA HIS C 48 3.69 3.06 26.99
C HIS C 48 3.24 1.85 26.19
N LEU C 49 2.49 0.92 26.81
CA LEU C 49 2.07 -0.29 26.08
C LEU C 49 0.97 0.01 25.04
N SER C 50 0.32 1.17 25.08
CA SER C 50 -0.65 1.49 24.05
C SER C 50 0.01 1.85 22.71
N VAL C 51 1.32 2.08 22.70
CA VAL C 51 2.02 2.48 21.47
C VAL C 51 2.12 1.29 20.53
N VAL C 52 1.59 1.46 19.31
CA VAL C 52 1.65 0.42 18.30
C VAL C 52 2.87 0.57 17.41
N ASP C 53 3.08 1.76 16.87
CA ASP C 53 4.16 1.96 15.92
C ASP C 53 4.46 3.44 15.81
N MSE C 54 5.41 3.76 14.94
CA MSE C 54 5.85 5.13 14.80
C MSE C 54 4.79 6.04 14.15
O MSE C 54 4.87 7.26 14.22
CB MSE C 54 7.15 5.18 14.00
CG MSE C 54 8.35 4.82 14.86
SE MSE C 54 8.42 5.98 16.46
CE MSE C 54 8.95 7.66 15.53
N GLU C 55 3.78 5.43 13.52
CA GLU C 55 2.67 6.23 13.02
C GLU C 55 1.69 6.54 14.13
N HIS C 56 1.49 5.58 15.02
CA HIS C 56 0.65 5.83 16.17
C HIS C 56 1.35 6.79 17.12
N TYR C 57 2.62 6.53 17.40
CA TYR C 57 3.37 7.38 18.33
C TYR C 57 3.37 8.83 17.87
N THR C 58 3.53 9.07 16.56
CA THR C 58 3.72 10.42 16.06
C THR C 58 2.42 11.05 15.56
N ARG C 59 1.28 10.41 15.78
CA ARG C 59 0.04 10.83 15.12
C ARG C 59 -0.49 12.18 15.58
N PRO C 60 -0.31 12.59 16.85
CA PRO C 60 -0.72 13.95 17.22
C PRO C 60 -0.02 15.02 16.39
N VAL C 61 1.19 14.76 15.92
CA VAL C 61 1.85 15.76 15.09
C VAL C 61 1.28 15.75 13.68
N ALA C 62 0.91 14.56 13.17
CA ALA C 62 0.30 14.48 11.84
C ALA C 62 -1.01 15.26 11.79
N ASP C 63 -1.82 15.17 12.85
CA ASP C 63 -3.04 15.98 12.93
C ASP C 63 -2.69 17.47 12.81
N ILE C 64 -1.64 17.91 13.50
CA ILE C 64 -1.29 19.33 13.46
C ILE C 64 -0.95 19.74 12.04
N LEU C 65 -0.15 18.92 11.36
CA LEU C 65 0.25 19.21 9.99
C LEU C 65 -0.93 19.17 9.02
N ALA C 66 -1.85 18.22 9.22
CA ALA C 66 -2.99 18.13 8.30
C ALA C 66 -3.84 19.38 8.33
N ARG C 67 -3.89 20.06 9.46
CA ARG C 67 -4.70 21.25 9.65
C ARG C 67 -3.94 22.54 9.33
N ALA C 68 -2.63 22.46 9.17
CA ALA C 68 -1.82 23.66 9.11
C ALA C 68 -2.02 24.41 7.79
N GLU C 69 -2.14 25.74 7.88
CA GLU C 69 -2.34 26.61 6.74
C GLU C 69 -1.17 26.52 5.76
N GLY C 70 0.00 27.07 6.12
CA GLY C 70 1.16 26.98 5.25
C GLY C 70 2.04 25.79 5.57
N GLN C 71 3.35 25.95 5.47
CA GLN C 71 4.29 24.90 5.86
C GLN C 71 4.74 25.02 7.32
N SER C 72 5.22 23.90 7.86
CA SER C 72 5.60 23.79 9.26
C SER C 72 7.07 23.37 9.42
N ILE C 73 7.67 23.79 10.54
CA ILE C 73 9.01 23.38 10.98
C ILE C 73 8.87 22.34 12.08
N LEU C 74 9.66 21.25 12.02
CA LEU C 74 9.64 20.21 13.05
C LEU C 74 10.91 20.25 13.89
N LEU C 75 10.74 20.35 15.20
CA LEU C 75 11.88 20.31 16.11
C LEU C 75 11.70 19.11 17.03
N GLY C 76 12.73 18.29 17.12
CA GLY C 76 12.74 17.18 18.05
C GLY C 76 13.83 17.43 19.07
N HIS C 77 13.56 17.12 20.33
CA HIS C 77 14.58 17.20 21.35
C HIS C 77 14.97 15.79 21.70
N SER C 78 16.25 15.49 21.74
CA SER C 78 16.70 14.18 22.12
C SER C 78 16.08 13.02 21.32
N LEU C 79 15.43 12.09 21.98
CA LEU C 79 14.81 10.98 21.30
C LEU C 79 13.78 11.46 20.27
N GLY C 80 13.24 12.64 20.49
CA GLY C 80 12.29 13.24 19.58
C GLY C 80 12.82 13.41 18.17
N GLY C 81 14.15 13.31 17.98
CA GLY C 81 14.72 13.31 16.65
C GLY C 81 14.33 12.10 15.81
N ALA C 82 14.17 10.95 16.45
CA ALA C 82 13.69 9.77 15.74
C ALA C 82 12.29 10.03 15.20
N SER C 83 11.47 10.76 15.97
CA SER C 83 10.12 11.01 15.50
C SER C 83 10.11 11.98 14.32
N ILE C 84 10.86 13.09 14.39
CA ILE C 84 10.74 14.09 13.32
C ILE C 84 11.25 13.55 11.99
N SER C 85 12.25 12.68 12.04
CA SER C 85 12.69 11.99 10.84
C SER C 85 11.57 11.12 10.27
N TRP C 86 10.86 10.39 11.13
CA TRP C 86 9.77 9.57 10.65
C TRP C 86 8.68 10.43 10.02
N LEU C 87 8.30 11.52 10.70
CA LEU C 87 7.29 12.40 10.15
C LEU C 87 7.74 13.06 8.86
N ALA C 88 9.04 13.34 8.73
CA ALA C 88 9.57 13.93 7.50
C ALA C 88 9.37 13.01 6.32
N GLN C 89 9.51 11.70 6.53
CA GLN C 89 9.35 10.78 5.40
C GLN C 89 7.90 10.71 4.94
N HIS C 90 6.94 10.78 5.86
CA HIS C 90 5.53 10.57 5.49
C HIS C 90 4.76 11.85 5.20
N HIS C 91 5.26 13.01 5.58
CA HIS C 91 4.60 14.28 5.25
C HIS C 91 5.55 15.29 4.62
N PRO C 92 6.29 14.89 3.56
CA PRO C 92 7.29 15.81 2.98
C PRO C 92 6.68 17.07 2.38
N ASP C 93 5.45 17.00 1.87
CA ASP C 93 4.82 18.21 1.35
C ASP C 93 4.53 19.22 2.45
N LYS C 94 4.58 18.77 3.71
CA LYS C 94 4.22 19.60 4.83
C LYS C 94 5.40 20.20 5.59
N VAL C 95 6.58 19.61 5.50
CA VAL C 95 7.70 19.99 6.37
C VAL C 95 8.68 20.85 5.60
N ALA C 96 8.87 22.09 6.05
CA ALA C 96 9.80 23.01 5.41
C ALA C 96 11.21 22.94 6.00
N GLY C 97 11.35 22.33 7.18
CA GLY C 97 12.64 22.22 7.84
C GLY C 97 12.57 21.28 9.04
N LEU C 98 13.68 20.65 9.38
CA LEU C 98 13.80 19.76 10.52
C LEU C 98 14.89 20.30 11.44
N ILE C 99 14.58 20.50 12.74
CA ILE C 99 15.55 21.02 13.71
C ILE C 99 15.82 19.94 14.74
N TYR C 100 17.08 19.51 14.83
CA TYR C 100 17.52 18.44 15.70
C TYR C 100 18.22 19.09 16.89
N LEU C 101 17.51 19.16 18.00
CA LEU C 101 18.01 19.85 19.22
C LEU C 101 18.64 18.80 20.13
N THR C 102 19.98 18.74 20.11
CA THR C 102 20.77 17.67 20.70
C THR C 102 20.00 16.35 20.64
N ALA C 103 19.59 15.99 19.42
CA ALA C 103 18.64 14.93 19.16
C ALA C 103 19.32 13.79 18.41
N VAL C 104 18.60 12.66 18.38
CA VAL C 104 19.03 11.49 17.62
C VAL C 104 18.77 11.75 16.13
N LEU C 105 19.84 11.78 15.37
CA LEU C 105 19.83 11.96 13.91
C LEU C 105 20.54 10.75 13.33
N THR C 106 19.79 9.81 12.78
CA THR C 106 20.35 8.58 12.22
C THR C 106 20.27 8.62 10.70
N ALA C 107 21.23 7.96 10.05
CA ALA C 107 21.18 7.83 8.61
C ALA C 107 20.00 6.94 8.21
N PRO C 108 19.54 7.02 6.96
CA PRO C 108 18.45 6.14 6.51
C PRO C 108 18.78 4.67 6.76
N GLY C 109 17.84 3.96 7.40
CA GLY C 109 18.03 2.56 7.71
C GLY C 109 18.73 2.26 9.02
N VAL C 110 19.11 3.28 9.80
CA VAL C 110 19.85 3.11 11.04
C VAL C 110 18.90 3.38 12.20
N THR C 111 18.94 2.52 13.26
CA THR C 111 18.06 2.79 14.40
C THR C 111 18.70 3.74 15.38
N PRO C 112 17.90 4.44 16.19
CA PRO C 112 18.48 5.26 17.26
C PRO C 112 19.37 4.49 18.21
N GLU C 113 19.10 3.19 18.43
CA GLU C 113 19.91 2.43 19.37
C GLU C 113 21.37 2.33 18.92
N THR C 114 21.66 2.59 17.64
CA THR C 114 23.05 2.59 17.17
C THR C 114 23.94 3.52 18.00
N PHE C 115 23.43 4.71 18.33
CA PHE C 115 24.18 5.73 19.06
C PHE C 115 23.91 5.74 20.55
N VAL C 116 22.85 5.08 20.99
CA VAL C 116 22.58 4.99 22.42
C VAL C 116 23.45 3.91 23.06
N LEU C 117 23.70 2.78 22.34
CA LEU C 117 24.47 1.64 22.82
C LEU C 117 25.96 1.83 22.57
N PRO C 118 26.78 1.16 23.38
CA PRO C 118 28.23 1.27 23.23
C PRO C 118 28.70 0.73 21.90
N GLY C 119 29.71 1.37 21.34
CA GLY C 119 30.21 1.00 20.04
C GLY C 119 31.16 2.04 19.52
N GLU C 120 31.73 1.76 18.35
CA GLU C 120 32.68 2.69 17.71
C GLU C 120 32.31 3.07 16.27
N PRO C 121 32.66 4.30 15.86
CA PRO C 121 33.31 5.32 16.70
C PRO C 121 32.33 6.31 17.32
N ASN C 122 32.69 6.88 18.47
CA ASN C 122 31.93 7.96 19.12
C ASN C 122 30.45 7.60 19.26
N ARG C 123 30.18 6.45 19.87
CA ARG C 123 28.84 5.95 20.09
C ARG C 123 28.67 5.60 21.56
N GLY C 124 27.45 5.82 22.05
CA GLY C 124 27.13 5.40 23.42
C GLY C 124 26.65 6.57 24.25
N THR C 125 25.55 6.35 24.97
CA THR C 125 25.05 7.28 25.99
C THR C 125 25.03 6.55 27.32
N PRO C 126 26.20 6.23 27.89
CA PRO C 126 26.23 5.36 29.09
C PRO C 126 25.61 5.93 30.36
N HIS C 127 25.54 7.26 30.52
CA HIS C 127 24.85 7.86 31.67
C HIS C 127 23.36 7.58 31.60
N ALA C 128 22.78 7.70 30.42
CA ALA C 128 21.35 7.44 30.31
C ALA C 128 21.05 5.97 30.56
N LEU C 129 21.82 5.05 29.97
CA LEU C 129 21.57 3.63 30.23
C LEU C 129 21.77 3.28 31.70
N ASP C 130 22.65 4.01 32.39
CA ASP C 130 22.84 3.71 33.79
C ASP C 130 21.62 4.12 34.60
N LEU C 131 20.99 5.25 34.24
CA LEU C 131 19.91 5.84 35.05
C LEU C 131 18.52 5.51 34.55
N ILE C 132 18.39 4.93 33.36
CA ILE C 132 17.10 4.54 32.80
C ILE C 132 17.16 3.04 32.57
N GLN C 133 16.24 2.30 33.17
CA GLN C 133 16.33 0.87 33.14
C GLN C 133 15.14 0.29 32.42
N PRO C 134 15.26 -0.88 31.79
CA PRO C 134 14.12 -1.43 31.04
C PRO C 134 13.04 -2.02 31.95
N VAL C 135 11.78 -1.96 31.47
CA VAL C 135 10.64 -2.61 32.11
C VAL C 135 9.77 -3.28 31.05
N ASP C 136 8.96 -4.25 31.50
CA ASP C 136 8.01 -4.96 30.66
C ASP C 136 8.67 -5.60 29.43
N GLU C 137 9.72 -6.39 29.66
CA GLU C 137 10.40 -7.15 28.62
C GLU C 137 10.81 -6.26 27.45
N GLY C 138 11.48 -5.16 27.76
CA GLY C 138 11.93 -4.24 26.75
C GLY C 138 10.87 -3.37 26.11
N ARG C 139 9.61 -3.43 26.55
CA ARG C 139 8.69 -2.49 25.92
C ARG C 139 8.59 -1.15 26.62
N GLY C 140 9.27 -0.97 27.76
CA GLY C 140 9.20 0.26 28.50
C GLY C 140 10.54 0.59 29.14
N LEU C 141 10.72 1.87 29.46
CA LEU C 141 11.90 2.35 30.16
C LEU C 141 11.44 3.24 31.29
N GLN C 142 12.10 3.15 32.44
CA GLN C 142 11.71 3.90 33.61
C GLN C 142 12.96 4.35 34.37
N ALA C 143 12.96 5.59 34.83
CA ALA C 143 14.11 6.15 35.53
C ALA C 143 14.34 5.43 36.86
N ASP C 144 15.61 5.34 37.28
CA ASP C 144 15.99 4.73 38.57
C ASP C 144 15.82 5.77 39.69
N PHE C 145 14.68 5.70 40.37
CA PHE C 145 14.34 6.67 41.42
C PHE C 145 15.04 6.40 42.75
N SER C 146 15.89 5.40 42.84
CA SER C 146 16.76 5.34 44.01
C SER C 146 17.91 6.34 43.94
N ARG C 147 18.13 7.00 42.79
CA ARG C 147 19.25 7.93 42.65
C ARG C 147 18.73 9.27 42.15
N LEU C 148 17.90 9.90 42.99
CA LEU C 148 17.20 11.10 42.57
C LEU C 148 18.14 12.26 42.26
N GLU C 149 19.16 12.48 43.10
CA GLU C 149 20.03 13.65 42.86
C GLU C 149 20.85 13.48 41.59
N ARG C 150 21.31 12.26 41.35
CA ARG C 150 21.97 11.95 40.11
C ARG C 150 21.06 12.22 38.91
N LEU C 151 19.79 11.83 38.99
CA LEU C 151 18.87 12.11 37.88
C LEU C 151 18.78 13.61 37.62
N ARG C 152 18.75 14.40 38.69
CA ARG C 152 18.62 15.86 38.54
C ARG C 152 19.86 16.44 37.88
N GLU C 153 21.06 16.11 38.38
CA GLU C 153 22.26 16.75 37.84
C GLU C 153 22.56 16.30 36.40
N VAL C 154 22.13 15.10 36.02
CA VAL C 154 22.39 14.59 34.67
C VAL C 154 21.41 15.18 33.66
N PHE C 155 20.11 15.04 33.93
CA PHE C 155 19.06 15.37 32.98
C PHE C 155 18.49 16.78 33.16
N MSE C 156 18.46 17.28 34.38
CA MSE C 156 17.73 18.51 34.68
C MSE C 156 18.62 19.59 35.26
O MSE C 156 18.16 20.42 36.04
CB MSE C 156 16.59 18.23 35.67
CG MSE C 156 15.49 17.32 35.18
SE MSE C 156 14.55 16.45 36.68
CE MSE C 156 15.27 14.65 36.50
N GLY C 157 19.91 19.56 34.93
CA GLY C 157 20.82 20.54 35.50
C GLY C 157 20.58 21.94 35.01
N ASP C 158 20.04 22.07 33.79
CA ASP C 158 19.74 23.38 33.19
C ASP C 158 18.50 24.04 33.78
N TYR C 159 17.69 23.35 34.59
CA TYR C 159 16.49 23.98 35.09
C TYR C 159 16.91 25.04 36.10
N PRO C 160 16.43 26.29 35.99
CA PRO C 160 16.95 27.37 36.82
C PRO C 160 16.73 27.12 38.30
N GLY C 161 17.54 27.81 39.11
CA GLY C 161 17.53 27.58 40.55
C GLY C 161 17.88 26.15 40.91
N GLY C 163 13.22 24.14 41.88
CA GLY C 163 14.48 23.42 41.99
C GLY C 163 14.56 22.21 41.07
N MSE C 164 13.40 21.75 40.65
CA MSE C 164 13.27 20.79 39.57
C MSE C 164 12.04 21.17 38.79
O MSE C 164 11.18 21.86 39.33
CB MSE C 164 13.15 19.37 40.09
CG MSE C 164 14.49 18.70 40.19
SE MSE C 164 14.40 17.35 41.54
CE MSE C 164 14.18 15.86 40.31
N PRO C 165 11.95 20.75 37.53
CA PRO C 165 10.80 21.14 36.72
C PRO C 165 9.53 20.55 37.32
N PRO C 166 8.38 21.14 37.00
CA PRO C 166 7.13 20.66 37.58
C PRO C 166 6.77 19.27 37.06
N ALA C 167 5.83 18.65 37.77
CA ALA C 167 5.44 17.29 37.42
C ALA C 167 4.90 17.22 36.00
N GLU C 168 4.20 18.26 35.54
CA GLU C 168 3.53 18.21 34.24
C GLU C 168 4.47 18.00 33.05
N HIS C 169 5.78 18.14 33.23
CA HIS C 169 6.75 18.00 32.17
C HIS C 169 7.08 16.54 31.85
N PHE C 170 6.74 15.61 32.73
CA PHE C 170 7.26 14.26 32.70
C PHE C 170 6.15 13.23 32.69
N ILE C 171 6.53 12.01 32.26
CA ILE C 171 5.74 10.79 32.44
C ILE C 171 6.61 9.79 33.17
N GLN C 172 5.99 8.68 33.58
CA GLN C 172 6.66 7.68 34.40
C GLN C 172 7.31 6.55 33.59
N THR C 173 6.70 6.14 32.47
CA THR C 173 7.23 5.03 31.69
C THR C 173 7.18 5.37 30.20
N GLN C 174 8.30 5.17 29.50
CA GLN C 174 8.48 5.56 28.11
C GLN C 174 8.45 4.34 27.17
N SER C 175 7.83 4.49 26.00
CA SER C 175 7.78 3.37 25.05
C SER C 175 9.12 3.22 24.32
N THR C 176 9.55 1.98 24.12
CA THR C 176 10.81 1.71 23.41
C THR C 176 10.61 1.69 21.90
N VAL C 177 9.40 1.98 21.44
CA VAL C 177 9.11 1.92 20.00
C VAL C 177 10.02 2.82 19.18
N PRO C 178 10.14 4.14 19.46
CA PRO C 178 11.05 4.97 18.66
C PRO C 178 12.52 4.55 18.68
N PHE C 179 12.99 3.89 19.74
CA PHE C 179 14.39 3.47 19.82
C PHE C 179 14.72 2.39 18.78
N GLY C 180 13.73 1.60 18.34
CA GLY C 180 14.02 0.44 17.52
C GLY C 180 13.59 0.59 16.07
N THR C 181 13.09 1.75 15.70
CA THR C 181 12.61 1.83 14.33
C THR C 181 13.69 2.49 13.48
N PRO C 182 14.10 1.87 12.38
CA PRO C 182 15.12 2.50 11.55
C PRO C 182 14.56 3.73 10.86
N ASN C 183 15.43 4.68 10.54
CA ASN C 183 14.99 5.87 9.84
C ASN C 183 14.48 5.51 8.43
N PRO C 184 13.20 5.71 8.14
CA PRO C 184 12.66 5.41 6.81
C PRO C 184 12.80 6.52 5.79
N MSE C 185 13.55 7.57 6.10
CA MSE C 185 13.80 8.59 5.09
C MSE C 185 14.53 8.02 3.88
O MSE C 185 15.39 7.14 3.99
CB MSE C 185 14.56 9.77 5.68
CG MSE C 185 13.70 10.70 6.50
SE MSE C 185 14.79 11.94 7.51
CE MSE C 185 14.83 13.46 6.26
N GLU C 186 14.14 8.55 2.73
CA GLU C 186 14.53 8.10 1.39
C GLU C 186 14.06 9.17 0.42
N GLY C 187 14.66 9.17 -0.77
CA GLY C 187 14.25 10.03 -1.87
C GLY C 187 14.17 11.48 -1.44
N ARG C 188 12.95 11.94 -1.54
CA ARG C 188 12.51 13.27 -1.21
C ARG C 188 12.67 13.75 0.24
N ALA C 189 12.45 12.88 1.19
CA ALA C 189 12.56 13.33 2.58
C ALA C 189 13.92 13.94 2.85
N LEU C 190 14.94 13.46 2.15
CA LEU C 190 16.30 13.93 2.26
C LEU C 190 16.52 15.31 1.62
N GLU C 191 15.49 15.92 1.02
CA GLU C 191 15.67 17.27 0.48
C GLU C 191 15.26 18.39 1.42
N ILE C 192 14.60 18.09 2.53
CA ILE C 192 14.17 19.14 3.48
C ILE C 192 15.39 19.71 4.20
N PRO C 193 15.51 21.03 4.38
CA PRO C 193 16.64 21.59 5.14
C PRO C 193 16.74 20.99 6.54
N ARG C 194 17.96 20.75 6.99
CA ARG C 194 18.23 20.15 8.29
C ARG C 194 19.18 21.03 9.07
N LEU C 195 18.84 21.28 10.33
CA LEU C 195 19.63 22.06 11.25
C LEU C 195 19.80 21.24 12.52
N TYR C 196 21.05 21.15 13.00
CA TYR C 196 21.37 20.53 14.28
C TYR C 196 21.82 21.62 15.24
N ILE C 197 21.12 21.74 16.36
CA ILE C 197 21.49 22.66 17.42
C ILE C 197 22.16 21.84 18.51
N GLU C 198 23.48 21.98 18.62
CA GLU C 198 24.24 21.21 19.58
C GLU C 198 24.15 21.80 20.99
N ALA C 199 24.17 20.90 21.95
CA ALA C 199 24.32 21.20 23.37
C ALA C 199 25.75 20.86 23.75
N LEU C 200 26.61 21.88 23.81
CA LEU C 200 28.04 21.64 23.99
C LEU C 200 28.35 20.89 25.30
N ASP C 201 27.61 21.14 26.36
CA ASP C 201 27.96 20.57 27.66
C ASP C 201 27.03 19.42 28.07
N ASP C 202 26.35 18.81 27.09
CA ASP C 202 25.46 17.69 27.37
C ASP C 202 26.25 16.48 27.85
N VAL C 203 25.83 15.90 28.99
CA VAL C 203 26.45 14.64 29.42
C VAL C 203 25.54 13.44 29.20
N VAL C 204 24.25 13.68 28.91
CA VAL C 204 23.37 12.60 28.51
C VAL C 204 23.78 12.09 27.13
N LEU C 205 23.84 13.01 26.18
CA LEU C 205 24.28 12.78 24.81
C LEU C 205 25.56 13.57 24.55
N PRO C 206 26.73 12.97 24.71
CA PRO C 206 27.98 13.73 24.65
C PRO C 206 28.19 14.37 23.29
N ILE C 207 28.94 15.51 23.32
CA ILE C 207 29.15 16.32 22.11
C ILE C 207 29.87 15.51 21.03
N ALA C 208 30.74 14.58 21.41
CA ALA C 208 31.35 13.71 20.42
C ALA C 208 30.27 12.86 19.74
N VAL C 209 29.33 12.33 20.50
CA VAL C 209 28.30 11.53 19.87
C VAL C 209 27.42 12.40 18.98
N GLN C 210 27.02 13.57 19.48
CA GLN C 210 26.26 14.52 18.66
C GLN C 210 26.95 14.75 17.33
N ARG C 211 28.22 15.15 17.36
CA ARG C 211 28.94 15.43 16.12
C ARG C 211 29.15 14.16 15.30
N GLN C 212 29.21 13.00 15.95
CA GLN C 212 29.37 11.79 15.17
C GLN C 212 28.13 11.52 14.32
N MSE C 213 26.95 11.72 14.88
CA MSE C 213 25.73 11.48 14.13
C MSE C 213 25.63 12.41 12.92
O MSE C 213 25.23 11.99 11.83
CB MSE C 213 24.50 11.62 15.04
CG MSE C 213 24.40 10.50 16.10
SE MSE C 213 22.88 10.67 17.35
CE MSE C 213 23.35 12.45 17.96
N GLN C 214 26.05 13.68 13.12
CA GLN C 214 26.03 14.67 12.04
C GLN C 214 26.93 14.25 10.89
N LYS C 215 28.11 13.77 11.21
CA LYS C 215 29.06 13.34 10.19
C LYS C 215 28.50 12.18 9.39
N GLU C 216 27.83 11.24 10.05
CA GLU C 216 27.40 10.01 9.39
C GLU C 216 26.10 10.14 8.62
N PHE C 217 25.44 11.32 8.63
CA PHE C 217 24.22 11.52 7.86
C PHE C 217 24.54 11.91 6.39
N PRO C 218 23.79 11.38 5.42
CA PRO C 218 24.03 11.74 4.01
C PRO C 218 23.46 13.12 3.73
N GLY C 219 24.28 13.98 3.13
CA GLY C 219 23.84 15.32 2.80
C GLY C 219 24.24 16.33 3.85
N PRO C 220 24.08 17.62 3.55
CA PRO C 220 24.49 18.66 4.49
C PRO C 220 23.50 18.83 5.64
N VAL C 221 24.06 19.12 6.82
CA VAL C 221 23.30 19.43 8.04
C VAL C 221 23.84 20.75 8.56
N ALA C 222 22.99 21.76 8.63
CA ALA C 222 23.40 23.02 9.21
C ALA C 222 23.59 22.84 10.71
N VAL C 223 24.44 23.67 11.32
CA VAL C 223 24.72 23.45 12.74
C VAL C 223 24.95 24.79 13.43
N VAL C 224 24.34 24.94 14.61
CA VAL C 224 24.69 25.95 15.58
C VAL C 224 24.93 25.28 16.93
N SER C 225 25.82 25.87 17.72
CA SER C 225 26.24 25.31 19.00
C SER C 225 25.73 26.15 20.16
N LEU C 226 25.19 25.48 21.17
CA LEU C 226 24.74 26.21 22.34
C LEU C 226 25.58 25.82 23.55
N PRO C 227 25.96 26.81 24.40
CA PRO C 227 26.68 26.47 25.63
C PRO C 227 25.72 25.96 26.71
N ALA C 228 25.04 24.86 26.39
CA ALA C 228 24.07 24.29 27.29
C ALA C 228 24.33 22.81 27.49
N SER C 229 23.80 22.28 28.60
CA SER C 229 23.80 20.83 28.78
C SER C 229 22.50 20.28 28.19
N HIS C 230 21.94 19.22 28.77
CA HIS C 230 20.91 18.46 28.07
C HIS C 230 19.63 19.25 27.72
N ALA C 231 19.30 20.34 28.41
CA ALA C 231 18.00 21.00 28.23
C ALA C 231 18.08 22.50 27.96
N PRO C 232 18.46 22.92 26.74
CA PRO C 232 18.58 24.38 26.48
C PRO C 232 17.25 25.12 26.59
N TYR C 233 16.12 24.45 26.37
CA TYR C 233 14.81 25.05 26.55
C TYR C 233 14.52 25.40 27.99
N TYR C 234 15.31 24.88 28.94
CA TYR C 234 15.24 25.36 30.32
C TYR C 234 16.20 26.52 30.56
N SER C 235 17.46 26.38 30.12
CA SER C 235 18.53 27.28 30.54
C SER C 235 18.76 28.46 29.62
N MSE C 236 18.33 28.39 28.36
CA MSE C 236 18.45 29.56 27.48
C MSE C 236 17.39 29.53 26.41
O MSE C 236 17.66 29.32 25.23
CB MSE C 236 19.84 29.65 26.87
CG MSE C 236 20.27 28.38 26.14
SE MSE C 236 22.19 28.35 25.93
CE MSE C 236 22.60 27.99 27.80
N PRO C 237 16.13 29.72 26.83
CA PRO C 237 15.05 29.80 25.84
C PRO C 237 15.22 30.96 24.85
N GLU C 238 15.77 32.09 25.28
CA GLU C 238 15.89 33.23 24.37
C GLU C 238 16.86 32.95 23.23
N ARG C 239 18.07 32.46 23.54
CA ARG C 239 19.01 32.11 22.46
C ARG C 239 18.48 30.94 21.64
N LEU C 240 17.85 29.96 22.30
CA LEU C 240 17.27 28.85 21.56
C LEU C 240 16.12 29.31 20.67
N ALA C 241 15.26 30.20 21.17
CA ALA C 241 14.18 30.71 20.34
C ALA C 241 14.71 31.51 19.15
N GLU C 242 15.73 32.34 19.39
CA GLU C 242 16.36 33.09 18.30
C GLU C 242 16.84 32.15 17.20
N ALA C 243 17.53 31.09 17.57
CA ALA C 243 18.05 30.17 16.55
C ALA C 243 16.94 29.44 15.82
N ILE C 244 15.90 29.00 16.53
CA ILE C 244 14.80 28.32 15.87
C ILE C 244 14.07 29.27 14.94
N ALA C 245 13.82 30.50 15.41
CA ALA C 245 13.03 31.43 14.60
C ALA C 245 13.77 31.85 13.34
N ASP C 246 15.08 32.11 13.44
CA ASP C 246 15.85 32.47 12.25
C ASP C 246 15.77 31.37 11.20
N PHE C 247 15.86 30.11 11.63
CA PHE C 247 15.76 29.01 10.70
C PHE C 247 14.39 29.02 10.04
N ALA C 248 13.32 29.19 10.84
CA ALA C 248 11.98 29.20 10.28
C ALA C 248 11.78 30.35 9.28
N ASP C 249 12.43 31.50 9.52
CA ASP C 249 12.25 32.63 8.60
C ASP C 249 12.72 32.32 7.18
N ALA C 250 13.74 31.46 7.03
CA ALA C 250 14.32 31.13 5.73
C ALA C 250 15.10 29.83 5.83
N PRO C 251 14.44 28.68 5.74
CA PRO C 251 15.13 27.41 6.04
C PRO C 251 16.16 27.00 5.00
N ALA C 252 16.00 27.39 3.74
CA ALA C 252 16.97 27.02 2.72
C ALA C 252 18.30 27.76 2.87
N GLU C 253 18.31 28.88 3.58
CA GLU C 253 19.47 29.74 3.62
C GLU C 253 20.21 29.73 4.95
N TYR C 254 19.82 28.88 5.89
CA TYR C 254 20.41 28.93 7.22
C TYR C 254 21.80 28.29 7.24
N THR D 2 10.11 -26.27 -15.00
CA THR D 2 9.93 -24.99 -14.32
C THR D 2 8.48 -24.49 -14.47
N VAL D 3 7.90 -24.66 -15.65
CA VAL D 3 6.52 -24.29 -15.90
C VAL D 3 5.63 -25.51 -15.67
N THR D 4 4.69 -25.41 -14.73
CA THR D 4 3.82 -26.53 -14.38
C THR D 4 2.36 -26.29 -14.75
N ASP D 5 1.91 -25.04 -14.84
CA ASP D 5 0.50 -24.73 -15.02
C ASP D 5 0.27 -23.80 -16.20
N ILE D 6 -0.79 -24.06 -16.92
CA ILE D 6 -1.27 -23.16 -17.95
C ILE D 6 -2.73 -22.82 -17.63
N ILE D 7 -3.04 -21.53 -17.62
CA ILE D 7 -4.33 -21.01 -17.22
C ILE D 7 -4.92 -20.27 -18.42
N LEU D 8 -6.02 -20.81 -18.97
CA LEU D 8 -6.69 -20.22 -20.12
C LEU D 8 -7.84 -19.38 -19.60
N ILE D 9 -7.82 -18.09 -19.93
CA ILE D 9 -8.83 -17.13 -19.49
C ILE D 9 -9.71 -16.73 -20.65
N HIS D 10 -11.01 -16.94 -20.48
CA HIS D 10 -12.02 -16.59 -21.47
C HIS D 10 -12.19 -15.08 -21.60
N GLY D 11 -12.84 -14.67 -22.69
CA GLY D 11 -13.15 -13.29 -22.99
C GLY D 11 -14.56 -12.88 -22.64
N ALA D 12 -15.01 -11.83 -23.31
CA ALA D 12 -16.34 -11.27 -23.01
C ALA D 12 -17.44 -12.28 -23.29
N LEU D 13 -18.43 -12.31 -22.38
CA LEU D 13 -19.66 -13.12 -22.49
C LEU D 13 -19.42 -14.63 -22.56
N ASN D 14 -18.21 -15.12 -22.31
CA ASN D 14 -17.88 -16.53 -22.38
C ASN D 14 -17.70 -17.14 -20.98
N ARG D 15 -17.50 -18.45 -20.95
CA ARG D 15 -17.10 -19.21 -19.76
C ARG D 15 -15.90 -20.03 -20.20
N GLY D 16 -15.22 -20.60 -19.20
CA GLY D 16 -14.04 -21.42 -19.41
C GLY D 16 -14.29 -22.66 -20.26
N ALA D 17 -15.53 -23.10 -20.32
CA ALA D 17 -15.82 -24.26 -21.15
C ALA D 17 -15.49 -23.99 -22.62
N CYS D 18 -15.36 -22.72 -23.00
CA CYS D 18 -15.03 -22.46 -24.40
C CYS D 18 -13.67 -23.08 -24.77
N TYR D 19 -12.83 -23.39 -23.79
CA TYR D 19 -11.54 -23.99 -24.06
C TYR D 19 -11.58 -25.53 -24.07
N ASP D 20 -12.77 -26.13 -24.10
CA ASP D 20 -12.90 -27.58 -23.92
C ASP D 20 -12.10 -28.38 -24.96
N ALA D 21 -11.90 -27.85 -26.17
CA ALA D 21 -11.14 -28.58 -27.19
C ALA D 21 -9.63 -28.44 -27.03
N VAL D 22 -9.13 -27.44 -26.31
CA VAL D 22 -7.69 -27.25 -26.15
C VAL D 22 -7.13 -27.94 -24.89
N VAL D 23 -7.91 -28.04 -23.83
CA VAL D 23 -7.37 -28.56 -22.56
C VAL D 23 -6.74 -29.94 -22.69
N PRO D 24 -7.42 -30.96 -23.22
CA PRO D 24 -6.78 -32.28 -23.32
C PRO D 24 -5.52 -32.26 -24.16
N LEU D 25 -5.43 -31.39 -25.18
CA LEU D 25 -4.22 -31.33 -25.99
C LEU D 25 -3.06 -30.75 -25.20
N LEU D 26 -3.30 -29.69 -24.41
CA LEU D 26 -2.24 -29.18 -23.54
C LEU D 26 -1.91 -30.19 -22.44
N GLU D 27 -2.91 -30.90 -21.93
CA GLU D 27 -2.64 -31.93 -20.94
C GLU D 27 -1.76 -33.06 -21.48
N ALA D 28 -1.87 -33.39 -22.77
CA ALA D 28 -0.97 -34.40 -23.34
C ALA D 28 0.46 -33.89 -23.45
N ARG D 29 0.66 -32.58 -23.50
CA ARG D 29 1.99 -31.99 -23.46
C ARG D 29 2.54 -31.85 -22.03
N GLY D 30 1.91 -32.49 -21.04
CA GLY D 30 2.47 -32.59 -19.69
C GLY D 30 2.22 -31.43 -18.75
N TYR D 31 1.14 -30.67 -18.93
CA TYR D 31 0.84 -29.48 -18.14
C TYR D 31 -0.49 -29.61 -17.39
N ARG D 32 -0.53 -28.95 -16.22
CA ARG D 32 -1.78 -28.68 -15.51
C ARG D 32 -2.49 -27.53 -16.20
N VAL D 33 -3.76 -27.74 -16.50
CA VAL D 33 -4.51 -26.81 -17.33
C VAL D 33 -5.80 -26.44 -16.60
N HIS D 34 -6.08 -25.13 -16.52
CA HIS D 34 -7.27 -24.59 -15.89
C HIS D 34 -7.97 -23.64 -16.86
N ALA D 35 -9.30 -23.70 -16.89
CA ALA D 35 -10.10 -22.76 -17.66
C ALA D 35 -11.20 -22.23 -16.75
N PRO D 36 -10.86 -21.37 -15.79
CA PRO D 36 -11.82 -20.98 -14.75
C PRO D 36 -12.82 -19.96 -15.26
N ASP D 37 -14.01 -19.97 -14.66
CA ASP D 37 -14.93 -18.87 -14.88
C ASP D 37 -14.48 -17.66 -14.08
N LEU D 38 -14.38 -16.49 -14.72
CA LEU D 38 -14.07 -15.32 -13.92
C LEU D 38 -15.28 -14.93 -13.07
N THR D 39 -15.06 -13.98 -12.16
CA THR D 39 -16.13 -13.59 -11.27
C THR D 39 -17.29 -13.06 -12.08
N GLY D 40 -18.49 -13.55 -11.77
CA GLY D 40 -19.70 -13.24 -12.50
C GLY D 40 -20.03 -14.14 -13.68
N HIS D 41 -19.16 -15.09 -14.01
CA HIS D 41 -19.31 -15.94 -15.18
C HIS D 41 -19.78 -17.35 -14.82
N THR D 42 -20.19 -17.59 -13.58
CA THR D 42 -20.77 -18.88 -13.21
C THR D 42 -22.24 -18.68 -12.87
N PRO D 43 -23.17 -19.19 -13.67
CA PRO D 43 -24.60 -18.91 -13.44
C PRO D 43 -25.03 -19.17 -12.01
N GLY D 44 -25.65 -18.14 -11.40
CA GLY D 44 -26.04 -18.13 -10.00
C GLY D 44 -25.10 -17.39 -9.06
N ASP D 45 -24.02 -16.81 -9.56
CA ASP D 45 -23.02 -16.17 -8.71
C ASP D 45 -23.27 -14.68 -8.46
N GLY D 46 -24.40 -14.15 -8.89
CA GLY D 46 -24.69 -12.74 -8.72
C GLY D 46 -24.50 -11.92 -9.98
N GLY D 47 -23.80 -12.43 -10.94
CA GLY D 47 -23.80 -11.80 -12.24
C GLY D 47 -22.93 -10.56 -12.34
N HIS D 48 -23.20 -9.79 -13.38
CA HIS D 48 -22.31 -8.71 -13.75
C HIS D 48 -22.28 -7.62 -12.70
N LEU D 49 -23.41 -7.37 -12.04
CA LEU D 49 -23.42 -6.27 -11.09
C LEU D 49 -22.63 -6.56 -9.83
N SER D 50 -22.30 -7.83 -9.54
CA SER D 50 -21.53 -8.16 -8.35
C SER D 50 -20.05 -7.85 -8.46
N VAL D 51 -19.49 -7.67 -9.67
CA VAL D 51 -18.05 -7.46 -9.82
C VAL D 51 -17.72 -6.03 -9.36
N VAL D 52 -16.82 -5.89 -8.40
CA VAL D 52 -16.51 -4.56 -7.84
C VAL D 52 -15.34 -3.89 -8.55
N ASP D 53 -14.26 -4.63 -8.81
CA ASP D 53 -13.06 -4.07 -9.42
C ASP D 53 -12.30 -5.23 -10.02
N MSE D 54 -11.06 -4.99 -10.44
CA MSE D 54 -10.36 -6.02 -11.17
C MSE D 54 -9.87 -7.14 -10.25
O MSE D 54 -9.96 -8.31 -10.61
CB MSE D 54 -9.23 -5.42 -11.98
CG MSE D 54 -9.73 -4.82 -13.28
SE MSE D 54 -10.57 -6.22 -14.49
CE MSE D 54 -8.94 -7.08 -14.90
N GLU D 55 -9.41 -6.79 -9.04
CA GLU D 55 -8.94 -7.83 -8.13
C GLU D 55 -10.01 -8.88 -7.89
N HIS D 56 -11.25 -8.44 -7.77
CA HIS D 56 -12.39 -9.34 -7.60
C HIS D 56 -12.64 -10.13 -8.88
N TYR D 57 -12.69 -9.43 -10.01
CA TYR D 57 -13.02 -10.09 -11.27
C TYR D 57 -12.06 -11.23 -11.54
N THR D 58 -10.76 -11.03 -11.31
CA THR D 58 -9.75 -12.03 -11.64
C THR D 58 -9.43 -12.91 -10.46
N ARG D 59 -10.18 -12.82 -9.37
CA ARG D 59 -9.75 -13.51 -8.16
C ARG D 59 -9.76 -15.04 -8.27
N PRO D 60 -10.62 -15.72 -9.08
CA PRO D 60 -10.44 -17.18 -9.22
C PRO D 60 -9.06 -17.60 -9.77
N VAL D 61 -8.41 -16.73 -10.55
CA VAL D 61 -7.09 -17.09 -11.07
C VAL D 61 -6.05 -16.99 -9.98
N ALA D 62 -6.19 -16.04 -9.06
CA ALA D 62 -5.22 -15.95 -7.98
C ALA D 62 -5.21 -17.22 -7.14
N ASP D 63 -6.40 -17.78 -6.91
CA ASP D 63 -6.51 -19.05 -6.19
C ASP D 63 -5.72 -20.16 -6.87
N ILE D 64 -5.81 -20.27 -8.20
CA ILE D 64 -5.08 -21.32 -8.92
C ILE D 64 -3.56 -21.11 -8.84
N LEU D 65 -3.10 -19.86 -9.02
CA LEU D 65 -1.68 -19.57 -8.88
C LEU D 65 -1.18 -19.93 -7.49
N ALA D 66 -2.03 -19.78 -6.48
CA ALA D 66 -1.63 -20.13 -5.12
C ALA D 66 -1.30 -21.61 -5.04
N ARG D 67 -2.11 -22.45 -5.65
CA ARG D 67 -1.87 -23.88 -5.58
C ARG D 67 -0.98 -24.37 -6.70
N ALA D 68 -0.42 -23.47 -7.49
CA ALA D 68 0.51 -23.88 -8.54
C ALA D 68 1.78 -24.43 -7.93
N GLU D 69 2.23 -25.58 -8.42
CA GLU D 69 3.47 -26.16 -7.92
C GLU D 69 4.69 -25.37 -8.38
N GLY D 70 4.68 -24.92 -9.63
CA GLY D 70 5.77 -24.14 -10.18
C GLY D 70 5.22 -22.87 -10.82
N GLN D 71 5.81 -22.52 -11.96
CA GLN D 71 5.44 -21.29 -12.65
C GLN D 71 4.24 -21.54 -13.56
N SER D 72 3.51 -20.47 -13.85
CA SER D 72 2.30 -20.58 -14.65
C SER D 72 2.41 -19.72 -15.91
N ILE D 73 1.75 -20.18 -16.96
CA ILE D 73 1.49 -19.42 -18.18
C ILE D 73 0.05 -18.93 -18.13
N LEU D 74 -0.15 -17.64 -18.40
CA LEU D 74 -1.47 -17.03 -18.47
C LEU D 74 -1.82 -16.69 -19.91
N LEU D 75 -2.99 -17.14 -20.38
CA LEU D 75 -3.52 -16.80 -21.70
C LEU D 75 -4.88 -16.12 -21.58
N GLY D 76 -5.07 -15.03 -22.32
CA GLY D 76 -6.36 -14.34 -22.40
C GLY D 76 -6.86 -14.34 -23.84
N HIS D 77 -8.17 -14.52 -24.03
CA HIS D 77 -8.83 -14.40 -25.33
C HIS D 77 -9.59 -13.09 -25.32
N SER D 78 -9.42 -12.31 -26.41
CA SER D 78 -10.12 -11.04 -26.56
C SER D 78 -9.96 -10.18 -25.30
N LEU D 79 -11.07 -9.84 -24.62
CA LEU D 79 -11.03 -9.04 -23.39
C LEU D 79 -10.26 -9.71 -22.25
N GLY D 80 -10.13 -11.05 -22.27
CA GLY D 80 -9.36 -11.70 -21.23
C GLY D 80 -7.92 -11.23 -21.17
N GLY D 81 -7.42 -10.63 -22.26
CA GLY D 81 -6.07 -10.09 -22.23
C GLY D 81 -5.91 -8.99 -21.20
N ALA D 82 -6.97 -8.25 -20.93
CA ALA D 82 -6.91 -7.25 -19.86
C ALA D 82 -6.71 -7.90 -18.49
N SER D 83 -7.38 -9.05 -18.25
CA SER D 83 -7.23 -9.72 -16.95
C SER D 83 -5.83 -10.25 -16.76
N ILE D 84 -5.25 -10.79 -17.81
CA ILE D 84 -3.92 -11.35 -17.66
C ILE D 84 -2.88 -10.25 -17.48
N SER D 85 -3.10 -9.05 -18.03
CA SER D 85 -2.17 -7.95 -17.78
C SER D 85 -2.24 -7.54 -16.32
N TRP D 86 -3.46 -7.37 -15.81
CA TRP D 86 -3.67 -7.01 -14.42
C TRP D 86 -3.09 -8.07 -13.49
N LEU D 87 -3.34 -9.35 -13.78
CA LEU D 87 -2.84 -10.46 -12.96
C LEU D 87 -1.31 -10.52 -12.96
N ALA D 88 -0.68 -10.22 -14.10
CA ALA D 88 0.77 -10.28 -14.22
C ALA D 88 1.44 -9.27 -13.28
N GLN D 89 0.79 -8.13 -13.05
CA GLN D 89 1.32 -7.09 -12.17
C GLN D 89 1.33 -7.51 -10.71
N HIS D 90 0.29 -8.22 -10.28
CA HIS D 90 0.13 -8.58 -8.87
C HIS D 90 0.68 -9.96 -8.54
N HIS D 91 1.02 -10.77 -9.53
CA HIS D 91 1.61 -12.07 -9.27
C HIS D 91 2.83 -12.34 -10.16
N PRO D 92 3.73 -11.37 -10.31
CA PRO D 92 4.82 -11.54 -11.29
C PRO D 92 5.74 -12.69 -10.96
N ASP D 93 5.93 -12.98 -9.68
CA ASP D 93 6.73 -14.13 -9.31
C ASP D 93 6.04 -15.44 -9.68
N LYS D 94 4.75 -15.42 -9.99
CA LYS D 94 4.02 -16.64 -10.33
C LYS D 94 3.86 -16.88 -11.83
N VAL D 95 4.00 -15.84 -12.66
CA VAL D 95 3.70 -15.92 -14.09
C VAL D 95 5.02 -15.98 -14.85
N ALA D 96 5.22 -17.04 -15.63
CA ALA D 96 6.39 -17.20 -16.48
C ALA D 96 6.20 -16.64 -17.89
N GLY D 97 4.97 -16.39 -18.32
CA GLY D 97 4.73 -15.94 -19.68
C GLY D 97 3.32 -15.43 -19.85
N LEU D 98 3.10 -14.52 -20.80
CA LEU D 98 1.77 -14.00 -21.07
C LEU D 98 1.46 -14.25 -22.54
N ILE D 99 0.32 -14.88 -22.81
CA ILE D 99 -0.13 -15.17 -24.18
C ILE D 99 -1.37 -14.37 -24.43
N TYR D 100 -1.33 -13.51 -25.44
CA TYR D 100 -2.48 -12.70 -25.83
C TYR D 100 -3.07 -13.30 -27.10
N LEU D 101 -4.22 -13.96 -26.97
CA LEU D 101 -4.90 -14.66 -28.05
C LEU D 101 -5.96 -13.73 -28.64
N THR D 102 -5.67 -13.16 -29.82
CA THR D 102 -6.45 -12.10 -30.43
C THR D 102 -7.11 -11.28 -29.34
N ALA D 103 -6.27 -10.80 -28.42
CA ALA D 103 -6.73 -10.25 -27.17
C ALA D 103 -6.27 -8.82 -27.01
N VAL D 104 -6.95 -8.13 -26.10
CA VAL D 104 -6.61 -6.75 -25.83
C VAL D 104 -5.26 -6.71 -25.11
N LEU D 105 -4.28 -6.09 -25.77
CA LEU D 105 -2.95 -5.88 -25.23
C LEU D 105 -2.70 -4.38 -25.20
N THR D 106 -2.86 -3.79 -24.01
CA THR D 106 -2.69 -2.36 -23.82
C THR D 106 -1.41 -2.09 -23.03
N ALA D 107 -0.80 -0.94 -23.33
CA ALA D 107 0.38 -0.50 -22.59
C ALA D 107 0.01 -0.10 -21.17
N PRO D 108 1.00 -0.03 -20.28
CA PRO D 108 0.73 0.50 -18.93
C PRO D 108 0.04 1.85 -18.99
N GLY D 109 -1.07 1.95 -18.25
CA GLY D 109 -1.91 3.13 -18.16
C GLY D 109 -3.01 3.23 -19.19
N VAL D 110 -3.08 2.28 -20.13
CA VAL D 110 -4.05 2.29 -21.21
C VAL D 110 -5.15 1.29 -20.90
N THR D 111 -6.51 1.75 -21.04
CA THR D 111 -7.70 0.94 -20.81
C THR D 111 -8.06 0.20 -22.10
N PRO D 112 -8.75 -0.95 -22.01
CA PRO D 112 -9.14 -1.65 -23.24
C PRO D 112 -10.05 -0.85 -24.14
N GLU D 113 -10.92 -0.02 -23.58
CA GLU D 113 -11.88 0.72 -24.42
C GLU D 113 -11.17 1.61 -25.43
N THR D 114 -9.89 1.91 -25.19
CA THR D 114 -9.05 2.65 -26.13
C THR D 114 -9.07 2.03 -27.53
N PHE D 115 -9.00 0.70 -27.61
CA PHE D 115 -8.97 0.04 -28.91
C PHE D 115 -10.33 -0.47 -29.35
N VAL D 116 -11.30 -0.46 -28.45
CA VAL D 116 -12.64 -0.87 -28.83
C VAL D 116 -13.39 0.27 -29.49
N LEU D 117 -13.24 1.50 -28.98
CA LEU D 117 -13.99 2.61 -29.52
C LEU D 117 -13.27 3.19 -30.73
N PRO D 118 -14.00 3.83 -31.64
CA PRO D 118 -13.36 4.39 -32.83
C PRO D 118 -12.41 5.54 -32.50
N GLY D 119 -11.36 5.65 -33.29
CA GLY D 119 -10.37 6.69 -33.13
C GLY D 119 -9.16 6.37 -33.97
N GLU D 120 -8.22 7.31 -33.98
CA GLU D 120 -7.03 7.10 -34.77
C GLU D 120 -5.85 7.09 -33.84
N PRO D 121 -4.84 6.26 -34.15
CA PRO D 121 -4.84 5.38 -35.33
C PRO D 121 -5.34 3.95 -35.08
N ASN D 122 -5.91 3.32 -36.10
CA ASN D 122 -6.21 1.86 -36.13
C ASN D 122 -6.79 1.37 -34.80
N ARG D 123 -7.92 1.97 -34.45
CA ARG D 123 -8.69 1.62 -33.28
C ARG D 123 -10.12 1.33 -33.69
N GLY D 124 -10.77 0.48 -32.92
CA GLY D 124 -12.18 0.27 -33.18
C GLY D 124 -12.55 -1.17 -33.34
N THR D 125 -13.64 -1.54 -32.68
CA THR D 125 -14.31 -2.82 -32.85
C THR D 125 -15.75 -2.54 -33.23
N PRO D 126 -15.98 -2.01 -34.44
CA PRO D 126 -17.34 -1.53 -34.76
C PRO D 126 -18.35 -2.66 -34.90
N HIS D 127 -17.90 -3.82 -35.35
CA HIS D 127 -18.79 -4.98 -35.47
C HIS D 127 -19.33 -5.44 -34.12
N ALA D 128 -18.44 -5.58 -33.14
CA ALA D 128 -18.91 -5.99 -31.82
C ALA D 128 -19.75 -4.89 -31.18
N LEU D 129 -19.31 -3.63 -31.28
CA LEU D 129 -20.07 -2.53 -30.67
C LEU D 129 -21.46 -2.39 -31.27
N ASP D 130 -21.63 -2.79 -32.52
CA ASP D 130 -22.94 -2.79 -33.16
C ASP D 130 -23.81 -3.91 -32.61
N LEU D 131 -23.21 -5.05 -32.30
CA LEU D 131 -23.98 -6.21 -31.90
C LEU D 131 -24.10 -6.37 -30.39
N ILE D 132 -23.23 -5.73 -29.61
CA ILE D 132 -23.21 -5.84 -28.14
C ILE D 132 -23.61 -4.50 -27.56
N GLN D 133 -24.66 -4.50 -26.74
CA GLN D 133 -25.28 -3.26 -26.30
C GLN D 133 -25.21 -3.08 -24.78
N PRO D 134 -25.09 -1.84 -24.31
CA PRO D 134 -24.96 -1.59 -22.88
C PRO D 134 -26.30 -1.74 -22.18
N VAL D 135 -26.22 -2.18 -20.92
CA VAL D 135 -27.36 -2.34 -20.02
C VAL D 135 -26.98 -1.81 -18.63
N ASP D 136 -27.99 -1.53 -17.82
CA ASP D 136 -27.81 -1.14 -16.41
C ASP D 136 -26.83 0.01 -16.28
N GLU D 137 -27.09 1.05 -17.07
CA GLU D 137 -26.35 2.30 -17.05
C GLU D 137 -24.85 2.07 -17.14
N GLY D 138 -24.48 1.35 -18.20
CA GLY D 138 -23.10 1.12 -18.56
C GLY D 138 -22.35 0.18 -17.66
N ARG D 139 -23.02 -0.51 -16.75
CA ARG D 139 -22.33 -1.54 -15.99
C ARG D 139 -22.46 -2.95 -16.57
N GLY D 140 -23.31 -3.16 -17.58
CA GLY D 140 -23.39 -4.45 -18.23
C GLY D 140 -23.50 -4.32 -19.74
N LEU D 141 -23.12 -5.42 -20.42
CA LEU D 141 -23.17 -5.55 -21.88
C LEU D 141 -23.92 -6.82 -22.28
N GLN D 142 -24.77 -6.74 -23.32
CA GLN D 142 -25.60 -7.88 -23.68
C GLN D 142 -25.73 -7.94 -25.20
N ALA D 143 -25.67 -9.14 -25.77
CA ALA D 143 -25.78 -9.28 -27.22
C ALA D 143 -27.16 -8.94 -27.73
N ASP D 144 -27.21 -8.39 -28.95
CA ASP D 144 -28.48 -8.06 -29.57
C ASP D 144 -29.10 -9.35 -30.12
N PHE D 145 -30.00 -9.97 -29.37
CA PHE D 145 -30.52 -11.27 -29.79
C PHE D 145 -31.56 -11.16 -30.88
N SER D 146 -31.85 -9.94 -31.35
CA SER D 146 -32.68 -9.77 -32.54
C SER D 146 -31.95 -10.14 -33.81
N ARG D 147 -30.63 -10.39 -33.76
CA ARG D 147 -29.87 -10.70 -34.96
C ARG D 147 -29.02 -11.95 -34.73
N LEU D 148 -29.70 -13.08 -34.53
CA LEU D 148 -29.02 -14.31 -34.13
C LEU D 148 -27.98 -14.76 -35.15
N GLU D 149 -28.36 -14.80 -36.44
CA GLU D 149 -27.40 -15.25 -37.45
C GLU D 149 -26.23 -14.27 -37.54
N ARG D 150 -26.53 -12.98 -37.43
CA ARG D 150 -25.47 -11.98 -37.44
C ARG D 150 -24.47 -12.24 -36.31
N LEU D 151 -24.97 -12.61 -35.12
CA LEU D 151 -24.08 -12.96 -34.03
C LEU D 151 -23.26 -14.20 -34.36
N ARG D 152 -23.89 -15.20 -34.99
CA ARG D 152 -23.16 -16.42 -35.26
C ARG D 152 -22.02 -16.15 -36.23
N GLU D 153 -22.29 -15.44 -37.33
CA GLU D 153 -21.27 -15.28 -38.37
C GLU D 153 -20.09 -14.41 -37.91
N VAL D 154 -20.32 -13.47 -37.00
CA VAL D 154 -19.22 -12.61 -36.55
C VAL D 154 -18.43 -13.27 -35.41
N PHE D 155 -19.10 -13.73 -34.36
CA PHE D 155 -18.39 -14.26 -33.20
C PHE D 155 -18.15 -15.76 -33.25
N MSE D 156 -19.03 -16.52 -33.87
CA MSE D 156 -18.96 -17.96 -33.74
C MSE D 156 -18.66 -18.76 -35.02
O MSE D 156 -18.78 -20.00 -35.04
CB MSE D 156 -20.26 -18.45 -33.15
CG MSE D 156 -20.48 -18.00 -31.72
SE MSE D 156 -22.34 -18.27 -31.20
CE MSE D 156 -22.91 -16.40 -31.00
N GLY D 157 -18.26 -18.06 -36.08
CA GLY D 157 -18.02 -18.73 -37.35
C GLY D 157 -17.02 -19.87 -37.29
N ASP D 158 -16.06 -19.82 -36.36
CA ASP D 158 -15.02 -20.85 -36.26
C ASP D 158 -15.51 -22.18 -35.69
N TYR D 159 -16.72 -22.23 -35.13
CA TYR D 159 -17.19 -23.45 -34.51
C TYR D 159 -17.46 -24.50 -35.59
N PRO D 160 -16.97 -25.72 -35.42
CA PRO D 160 -17.07 -26.72 -36.50
C PRO D 160 -18.52 -26.98 -36.89
N GLY D 161 -18.79 -26.75 -38.16
CA GLY D 161 -20.01 -27.22 -38.78
C GLY D 161 -21.24 -26.61 -38.16
N GLU D 162 -22.02 -27.48 -37.53
CA GLU D 162 -23.44 -27.26 -37.26
C GLU D 162 -23.66 -26.29 -36.09
N GLY D 163 -24.44 -25.24 -36.36
CA GLY D 163 -25.08 -24.51 -35.28
C GLY D 163 -24.11 -23.65 -34.49
N MSE D 164 -24.27 -23.72 -33.18
CA MSE D 164 -23.51 -22.90 -32.27
C MSE D 164 -22.89 -23.78 -31.20
O MSE D 164 -23.30 -24.93 -31.03
CB MSE D 164 -24.40 -21.86 -31.65
CG MSE D 164 -25.31 -21.20 -32.60
SE MSE D 164 -25.48 -19.43 -31.87
CE MSE D 164 -26.95 -18.94 -32.86
N PRO D 165 -21.91 -23.24 -30.49
CA PRO D 165 -21.40 -23.94 -29.31
C PRO D 165 -22.50 -24.11 -28.28
N PRO D 166 -22.30 -25.00 -27.32
CA PRO D 166 -23.36 -25.26 -26.34
C PRO D 166 -23.55 -24.10 -25.36
N ALA D 167 -24.68 -24.15 -24.67
CA ALA D 167 -25.04 -23.10 -23.73
C ALA D 167 -23.96 -22.94 -22.67
N GLU D 168 -23.24 -24.04 -22.37
CA GLU D 168 -22.21 -24.02 -21.33
C GLU D 168 -21.10 -23.02 -21.61
N HIS D 169 -20.96 -22.54 -22.86
CA HIS D 169 -19.88 -21.64 -23.19
C HIS D 169 -20.18 -20.17 -22.86
N PHE D 170 -21.43 -19.80 -22.59
CA PHE D 170 -21.83 -18.41 -22.56
C PHE D 170 -22.53 -18.02 -21.25
N ILE D 171 -22.49 -16.70 -20.98
CA ILE D 171 -23.32 -16.04 -19.99
C ILE D 171 -24.17 -15.02 -20.71
N GLN D 172 -25.12 -14.43 -20.01
CA GLN D 172 -26.05 -13.49 -20.63
C GLN D 172 -25.60 -12.03 -20.56
N THR D 173 -24.94 -11.60 -19.47
CA THR D 173 -24.63 -10.19 -19.32
C THR D 173 -23.21 -10.01 -18.79
N GLN D 174 -22.45 -9.16 -19.47
CA GLN D 174 -21.02 -8.99 -19.22
C GLN D 174 -20.79 -7.74 -18.40
N SER D 175 -19.84 -7.82 -17.46
CA SER D 175 -19.45 -6.67 -16.64
C SER D 175 -18.57 -5.73 -17.43
N THR D 176 -18.80 -4.42 -17.31
CA THR D 176 -17.95 -3.48 -18.02
C THR D 176 -16.70 -3.13 -17.24
N VAL D 177 -16.52 -3.74 -16.05
CA VAL D 177 -15.37 -3.42 -15.21
C VAL D 177 -14.04 -3.59 -15.94
N PRO D 178 -13.74 -4.72 -16.58
CA PRO D 178 -12.47 -4.82 -17.29
C PRO D 178 -12.28 -3.83 -18.44
N PHE D 179 -13.35 -3.32 -19.07
CA PHE D 179 -13.20 -2.41 -20.21
C PHE D 179 -12.61 -1.06 -19.79
N GLY D 180 -12.86 -0.64 -18.56
CA GLY D 180 -12.53 0.72 -18.15
C GLY D 180 -11.39 0.88 -17.17
N THR D 181 -10.71 -0.20 -16.82
CA THR D 181 -9.64 -0.18 -15.85
C THR D 181 -8.28 -0.18 -16.55
N PRO D 182 -7.40 0.78 -16.26
CA PRO D 182 -6.10 0.84 -16.93
C PRO D 182 -5.15 -0.30 -16.57
N ASN D 183 -4.26 -0.60 -17.50
CA ASN D 183 -3.26 -1.63 -17.27
C ASN D 183 -2.31 -1.22 -16.16
N PRO D 184 -2.26 -1.94 -15.03
CA PRO D 184 -1.36 -1.55 -13.94
C PRO D 184 0.04 -2.12 -14.01
N MSE D 185 0.48 -2.66 -15.14
CA MSE D 185 1.81 -3.28 -15.19
C MSE D 185 2.96 -2.28 -15.06
O MSE D 185 2.92 -1.19 -15.65
CB MSE D 185 2.00 -4.08 -16.48
CG MSE D 185 1.23 -5.39 -16.49
SE MSE D 185 1.20 -6.24 -18.26
CE MSE D 185 3.06 -6.88 -18.43
N GLU D 186 3.99 -2.67 -14.32
CA GLU D 186 5.17 -1.84 -14.13
C GLU D 186 6.30 -2.69 -13.56
N GLY D 187 7.51 -2.17 -13.68
CA GLY D 187 8.65 -2.80 -13.04
C GLY D 187 8.81 -4.24 -13.45
N ARG D 188 8.75 -5.14 -12.46
CA ARG D 188 9.09 -6.54 -12.72
C ARG D 188 8.10 -7.22 -13.67
N ALA D 189 6.82 -6.82 -13.64
CA ALA D 189 5.84 -7.44 -14.54
C ALA D 189 6.20 -7.25 -16.01
N LEU D 190 6.88 -6.16 -16.35
CA LEU D 190 7.25 -5.90 -17.74
C LEU D 190 8.39 -6.76 -18.25
N GLU D 191 9.01 -7.56 -17.39
CA GLU D 191 10.00 -8.53 -17.83
C GLU D 191 9.40 -9.87 -18.17
N ILE D 192 8.11 -10.06 -17.89
CA ILE D 192 7.48 -11.35 -18.23
C ILE D 192 7.46 -11.48 -19.74
N PRO D 193 7.91 -12.61 -20.29
CA PRO D 193 7.85 -12.82 -21.75
C PRO D 193 6.41 -12.72 -22.24
N ARG D 194 6.24 -12.09 -23.41
CA ARG D 194 4.91 -11.84 -23.95
C ARG D 194 4.77 -12.42 -25.36
N LEU D 195 3.65 -13.12 -25.60
CA LEU D 195 3.37 -13.65 -26.93
C LEU D 195 1.97 -13.24 -27.38
N TYR D 196 1.87 -12.76 -28.62
CA TYR D 196 0.60 -12.44 -29.25
C TYR D 196 0.33 -13.49 -30.31
N ILE D 197 -0.84 -14.11 -30.24
CA ILE D 197 -1.32 -15.03 -31.28
C ILE D 197 -2.36 -14.24 -32.07
N GLU D 198 -2.00 -13.82 -33.30
CA GLU D 198 -2.94 -13.07 -34.13
C GLU D 198 -3.92 -14.04 -34.80
N ALA D 199 -5.16 -13.57 -34.93
CA ALA D 199 -6.22 -14.20 -35.70
C ALA D 199 -6.34 -13.43 -37.01
N LEU D 200 -5.70 -13.94 -38.05
CA LEU D 200 -5.57 -13.13 -39.28
C LEU D 200 -6.92 -12.66 -39.80
N ASP D 201 -7.94 -13.51 -39.70
CA ASP D 201 -9.21 -13.22 -40.35
C ASP D 201 -10.32 -12.75 -39.38
N ASP D 202 -9.97 -12.32 -38.19
CA ASP D 202 -10.96 -11.81 -37.23
C ASP D 202 -11.59 -10.53 -37.76
N VAL D 203 -12.92 -10.48 -37.76
CA VAL D 203 -13.62 -9.24 -38.07
C VAL D 203 -14.17 -8.56 -36.84
N VAL D 204 -14.16 -9.24 -35.69
CA VAL D 204 -14.50 -8.59 -34.43
C VAL D 204 -13.40 -7.61 -34.05
N LEU D 205 -12.17 -8.12 -33.91
CA LEU D 205 -10.99 -7.33 -33.64
C LEU D 205 -10.09 -7.43 -34.85
N PRO D 206 -10.14 -6.48 -35.77
CA PRO D 206 -9.48 -6.64 -37.06
C PRO D 206 -7.98 -6.80 -36.89
N ILE D 207 -7.37 -7.51 -37.82
CA ILE D 207 -5.93 -7.72 -37.71
C ILE D 207 -5.20 -6.38 -37.62
N ALA D 208 -5.77 -5.31 -38.20
CA ALA D 208 -5.16 -3.99 -38.11
C ALA D 208 -5.11 -3.49 -36.66
N VAL D 209 -6.19 -3.69 -35.89
CA VAL D 209 -6.17 -3.28 -34.49
C VAL D 209 -5.22 -4.17 -33.70
N GLN D 210 -5.23 -5.46 -34.00
CA GLN D 210 -4.32 -6.38 -33.35
C GLN D 210 -2.88 -5.88 -33.44
N ARG D 211 -2.40 -5.63 -34.65
CA ARG D 211 -1.02 -5.21 -34.83
C ARG D 211 -0.78 -3.81 -34.29
N GLN D 212 -1.83 -2.99 -34.21
CA GLN D 212 -1.65 -1.68 -33.58
C GLN D 212 -1.34 -1.84 -32.10
N MSE D 213 -1.96 -2.82 -31.46
CA MSE D 213 -1.80 -3.04 -30.02
C MSE D 213 -0.39 -3.46 -29.74
O MSE D 213 0.26 -2.93 -28.83
CB MSE D 213 -2.80 -4.08 -29.53
CG MSE D 213 -4.16 -3.50 -29.42
SE MSE D 213 -5.56 -4.65 -28.70
CE MSE D 213 -5.80 -5.85 -30.21
N GLN D 214 0.09 -4.40 -30.53
CA GLN D 214 1.46 -4.86 -30.40
C GLN D 214 2.45 -3.71 -30.54
N LYS D 215 2.23 -2.85 -31.53
CA LYS D 215 3.16 -1.75 -31.83
C LYS D 215 3.24 -0.75 -30.68
N GLU D 216 2.10 -0.36 -30.12
CA GLU D 216 2.04 0.70 -29.13
C GLU D 216 2.36 0.20 -27.73
N PHE D 217 2.56 -1.11 -27.56
CA PHE D 217 2.99 -1.64 -26.28
C PHE D 217 4.50 -1.43 -26.16
N PRO D 218 4.98 -1.01 -24.98
CA PRO D 218 6.42 -0.82 -24.80
C PRO D 218 7.10 -2.17 -24.60
N GLY D 219 8.20 -2.38 -25.32
CA GLY D 219 8.94 -3.61 -25.22
C GLY D 219 8.59 -4.59 -26.30
N PRO D 220 9.37 -5.66 -26.39
CA PRO D 220 9.14 -6.65 -27.46
C PRO D 220 7.92 -7.51 -27.16
N VAL D 221 7.18 -7.85 -28.22
CA VAL D 221 6.06 -8.79 -28.17
C VAL D 221 6.32 -9.83 -29.26
N ALA D 222 6.54 -11.09 -28.87
CA ALA D 222 6.68 -12.15 -29.85
C ALA D 222 5.33 -12.42 -30.50
N VAL D 223 5.36 -12.97 -31.72
CA VAL D 223 4.12 -13.11 -32.46
C VAL D 223 4.15 -14.39 -33.28
N VAL D 224 3.03 -15.09 -33.24
CA VAL D 224 2.66 -16.15 -34.17
C VAL D 224 1.31 -15.76 -34.75
N SER D 225 1.09 -16.14 -36.00
CA SER D 225 -0.15 -15.83 -36.69
C SER D 225 -0.87 -17.12 -37.02
N LEU D 226 -2.19 -17.12 -36.81
CA LEU D 226 -3.08 -18.23 -37.14
C LEU D 226 -4.09 -17.80 -38.19
N PRO D 227 -4.37 -18.65 -39.20
CA PRO D 227 -5.34 -18.28 -40.24
C PRO D 227 -6.78 -18.50 -39.80
N ALA D 228 -7.18 -17.83 -38.72
CA ALA D 228 -8.48 -18.02 -38.13
C ALA D 228 -9.14 -16.68 -37.91
N SER D 229 -10.47 -16.72 -37.73
CA SER D 229 -11.22 -15.56 -37.30
C SER D 229 -11.25 -15.55 -35.76
N HIS D 230 -12.31 -14.99 -35.19
CA HIS D 230 -12.31 -14.59 -33.79
C HIS D 230 -12.08 -15.73 -32.81
N ALA D 231 -12.38 -16.99 -33.14
CA ALA D 231 -12.36 -18.07 -32.16
C ALA D 231 -11.48 -19.27 -32.54
N PRO D 232 -10.16 -19.12 -32.46
CA PRO D 232 -9.26 -20.21 -32.85
C PRO D 232 -9.34 -21.48 -32.01
N TYR D 233 -9.74 -21.39 -30.74
CA TYR D 233 -9.85 -22.60 -29.93
C TYR D 233 -10.95 -23.54 -30.40
N TYR D 234 -11.85 -23.06 -31.24
CA TYR D 234 -12.85 -23.88 -31.92
C TYR D 234 -12.34 -24.47 -33.23
N SER D 235 -11.62 -23.68 -34.03
CA SER D 235 -11.33 -24.03 -35.42
C SER D 235 -10.04 -24.81 -35.60
N MSE D 236 -9.05 -24.60 -34.74
CA MSE D 236 -7.80 -25.35 -34.86
C MSE D 236 -7.12 -25.63 -33.52
O MSE D 236 -5.96 -25.23 -33.33
CB MSE D 236 -6.83 -24.63 -35.80
CG MSE D 236 -6.82 -23.12 -35.64
SE MSE D 236 -5.71 -22.20 -36.97
CE MSE D 236 -7.08 -21.68 -38.25
N PRO D 237 -7.83 -26.31 -32.60
CA PRO D 237 -7.25 -26.58 -31.27
C PRO D 237 -5.88 -27.24 -31.30
N GLU D 238 -5.62 -28.11 -32.25
CA GLU D 238 -4.35 -28.75 -32.34
C GLU D 238 -3.24 -27.76 -32.62
N ARG D 239 -3.52 -26.80 -33.44
CA ARG D 239 -2.55 -25.81 -33.79
C ARG D 239 -2.39 -24.76 -32.72
N LEU D 240 -3.48 -24.45 -32.05
CA LEU D 240 -3.42 -23.47 -31.03
C LEU D 240 -2.68 -24.04 -29.86
N ALA D 241 -2.98 -25.28 -29.51
CA ALA D 241 -2.26 -25.91 -28.41
C ALA D 241 -0.79 -26.01 -28.75
N GLU D 242 -0.50 -26.26 -30.02
CA GLU D 242 0.86 -26.32 -30.50
C GLU D 242 1.64 -25.06 -30.16
N ALA D 243 1.05 -23.91 -30.49
CA ALA D 243 1.74 -22.64 -30.27
C ALA D 243 1.86 -22.33 -28.78
N ILE D 244 0.83 -22.66 -27.99
CA ILE D 244 0.84 -22.40 -26.56
C ILE D 244 1.87 -23.26 -25.84
N ALA D 245 1.89 -24.56 -26.10
CA ALA D 245 2.77 -25.47 -25.36
C ALA D 245 4.25 -25.21 -25.69
N ASP D 246 4.56 -24.92 -26.95
CA ASP D 246 5.91 -24.56 -27.34
C ASP D 246 6.39 -23.30 -26.63
N PHE D 247 5.51 -22.31 -26.48
CA PHE D 247 5.84 -21.13 -25.69
C PHE D 247 6.14 -21.53 -24.26
N ALA D 248 5.24 -22.34 -23.69
CA ALA D 248 5.34 -22.78 -22.30
C ALA D 248 6.61 -23.58 -22.03
N ASP D 249 7.10 -24.30 -23.04
CA ASP D 249 8.29 -25.11 -22.87
C ASP D 249 9.52 -24.25 -22.55
N ALA D 250 9.57 -23.02 -23.09
CA ALA D 250 10.70 -22.14 -22.85
C ALA D 250 10.31 -20.73 -23.23
N PRO D 251 9.61 -20.01 -22.35
CA PRO D 251 9.01 -18.73 -22.74
C PRO D 251 10.00 -17.62 -22.99
N ALA D 252 11.15 -17.62 -22.33
CA ALA D 252 12.08 -16.52 -22.54
C ALA D 252 12.62 -16.46 -23.96
N GLU D 253 12.60 -17.58 -24.69
CA GLU D 253 13.29 -17.69 -25.97
C GLU D 253 12.37 -17.60 -27.19
N TYR D 254 11.14 -18.14 -27.08
CA TYR D 254 10.20 -18.33 -28.20
C TYR D 254 10.22 -17.28 -29.32
N THR E 2 -13.90 31.07 -6.42
CA THR E 2 -13.64 29.66 -6.61
C THR E 2 -12.22 29.45 -7.12
N VAL E 3 -11.84 30.19 -8.15
CA VAL E 3 -10.51 30.10 -8.73
C VAL E 3 -9.63 31.17 -8.12
N THR E 4 -8.55 30.75 -7.49
CA THR E 4 -7.68 31.68 -6.80
C THR E 4 -6.29 31.77 -7.39
N ASP E 5 -5.78 30.70 -8.01
CA ASP E 5 -4.41 30.65 -8.50
C ASP E 5 -4.38 30.22 -9.96
N ILE E 6 -3.43 30.79 -10.68
CA ILE E 6 -3.08 30.39 -12.03
C ILE E 6 -1.61 30.02 -12.02
N ILE E 7 -1.29 28.86 -12.58
CA ILE E 7 0.08 28.36 -12.62
C ILE E 7 0.40 28.22 -14.09
N LEU E 8 1.40 28.93 -14.56
CA LEU E 8 1.80 28.82 -15.95
C LEU E 8 2.94 27.81 -15.99
N ILE E 9 2.74 26.71 -16.71
CA ILE E 9 3.70 25.61 -16.78
C ILE E 9 4.36 25.69 -18.15
N HIS E 10 5.69 25.86 -18.13
CA HIS E 10 6.47 26.02 -19.35
C HIS E 10 6.55 24.72 -20.15
N GLY E 11 6.98 24.85 -21.41
CA GLY E 11 7.24 23.72 -22.27
C GLY E 11 8.72 23.35 -22.29
N ALA E 12 9.08 22.49 -23.23
CA ALA E 12 10.40 21.88 -23.23
C ALA E 12 11.50 22.91 -23.45
N LEU E 13 12.63 22.69 -22.78
CA LEU E 13 13.83 23.52 -22.75
C LEU E 13 13.59 24.91 -22.18
N ASN E 14 12.40 25.17 -21.64
CA ASN E 14 12.07 26.48 -21.13
C ASN E 14 12.00 26.48 -19.60
N ARG E 15 11.94 27.68 -19.06
CA ARG E 15 11.80 27.92 -17.65
C ARG E 15 10.65 28.87 -17.44
N GLY E 16 10.21 28.97 -16.17
CA GLY E 16 9.13 29.88 -15.86
C GLY E 16 9.43 31.31 -16.24
N ALA E 17 10.71 31.68 -16.33
CA ALA E 17 11.05 33.04 -16.70
C ALA E 17 10.58 33.41 -18.09
N CYS E 18 10.32 32.42 -18.97
CA CYS E 18 9.80 32.74 -20.29
C CYS E 18 8.46 33.44 -20.20
N TYR E 19 7.75 33.30 -19.09
CA TYR E 19 6.45 33.93 -18.93
C TYR E 19 6.54 35.35 -18.35
N ASP E 20 7.74 35.94 -18.28
CA ASP E 20 7.93 37.21 -17.56
C ASP E 20 7.07 38.37 -18.06
N ALA E 21 6.65 38.37 -19.33
CA ALA E 21 5.82 39.49 -19.79
C ALA E 21 4.35 39.29 -19.50
N VAL E 22 3.93 38.07 -19.14
CA VAL E 22 2.51 37.77 -18.92
C VAL E 22 2.15 37.85 -17.44
N VAL E 23 3.11 37.52 -16.56
CA VAL E 23 2.76 37.34 -15.14
C VAL E 23 2.12 38.56 -14.51
N PRO E 24 2.65 39.78 -14.62
CA PRO E 24 1.95 40.93 -14.01
C PRO E 24 0.56 41.14 -14.58
N LEU E 25 0.38 40.82 -15.86
CA LEU E 25 -0.90 41.00 -16.52
C LEU E 25 -1.95 40.09 -15.91
N LEU E 26 -1.61 38.83 -15.63
CA LEU E 26 -2.58 38.02 -14.89
C LEU E 26 -2.73 38.52 -13.46
N GLU E 27 -1.65 39.02 -12.86
CA GLU E 27 -1.72 39.53 -11.49
C GLU E 27 -2.73 40.67 -11.39
N ALA E 28 -2.83 41.51 -12.43
CA ALA E 28 -3.80 42.60 -12.41
C ALA E 28 -5.23 42.13 -12.46
N ARG E 29 -5.50 40.93 -12.98
CA ARG E 29 -6.88 40.44 -12.97
C ARG E 29 -7.25 39.83 -11.63
N GLY E 30 -6.39 39.94 -10.61
CA GLY E 30 -6.76 39.47 -9.29
C GLY E 30 -6.46 38.02 -8.95
N TYR E 31 -5.38 37.45 -9.51
CA TYR E 31 -5.00 36.07 -9.24
C TYR E 31 -3.56 35.99 -8.72
N ARG E 32 -3.29 34.96 -7.90
CA ARG E 32 -1.92 34.56 -7.64
C ARG E 32 -1.40 33.79 -8.84
N VAL E 33 -0.21 34.17 -9.31
CA VAL E 33 0.34 33.67 -10.57
C VAL E 33 1.66 33.02 -10.28
N HIS E 34 1.89 31.83 -10.83
CA HIS E 34 3.13 31.11 -10.60
C HIS E 34 3.74 30.75 -11.95
N ALA E 35 5.05 30.87 -12.06
CA ALA E 35 5.78 30.44 -13.24
C ALA E 35 6.90 29.54 -12.77
N PRO E 36 6.55 28.34 -12.32
CA PRO E 36 7.52 27.47 -11.66
C PRO E 36 8.34 26.70 -12.66
N ASP E 37 9.61 26.50 -12.32
CA ASP E 37 10.41 25.52 -13.03
C ASP E 37 10.00 24.12 -12.60
N LEU E 38 9.75 23.26 -13.58
CA LEU E 38 9.51 21.86 -13.30
C LEU E 38 10.83 21.19 -12.90
N THR E 39 10.74 19.93 -12.44
CA THR E 39 11.94 19.28 -11.90
C THR E 39 13.02 19.21 -12.97
N GLY E 40 14.23 19.64 -12.61
CA GLY E 40 15.35 19.72 -13.52
C GLY E 40 15.53 21.01 -14.28
N HIS E 41 14.60 21.98 -14.15
CA HIS E 41 14.72 23.18 -14.97
C HIS E 41 15.27 24.37 -14.19
N THR E 42 15.82 24.14 -13.00
CA THR E 42 16.43 25.22 -12.25
C THR E 42 17.92 24.91 -12.28
N PRO E 43 18.74 25.73 -12.93
CA PRO E 43 20.15 25.37 -13.14
C PRO E 43 20.86 25.03 -11.84
N GLY E 44 21.46 23.84 -11.83
CA GLY E 44 22.12 23.29 -10.66
C GLY E 44 21.32 22.28 -9.87
N ASP E 45 20.10 21.93 -10.30
CA ASP E 45 19.24 21.01 -9.57
C ASP E 45 19.40 19.53 -9.93
N GLY E 46 20.43 19.16 -10.70
CA GLY E 46 20.65 17.78 -11.09
C GLY E 46 20.32 17.47 -12.54
N GLY E 47 19.61 18.36 -13.21
CA GLY E 47 19.45 18.32 -14.65
C GLY E 47 18.46 17.27 -15.13
N HIS E 48 18.58 16.98 -16.42
CA HIS E 48 17.62 16.13 -17.11
C HIS E 48 17.63 14.71 -16.55
N LEU E 49 18.81 14.24 -16.13
CA LEU E 49 18.91 12.87 -15.65
C LEU E 49 18.21 12.67 -14.32
N SER E 50 18.06 13.74 -13.53
CA SER E 50 17.48 13.55 -12.20
C SER E 50 16.01 13.21 -12.25
N VAL E 51 15.34 13.43 -13.38
CA VAL E 51 13.90 13.21 -13.46
C VAL E 51 13.59 11.72 -13.42
N VAL E 52 12.73 11.32 -12.50
CA VAL E 52 12.35 9.94 -12.35
C VAL E 52 11.06 9.62 -13.10
N ASP E 53 10.03 10.45 -12.95
CA ASP E 53 8.76 10.21 -13.63
C ASP E 53 7.93 11.49 -13.60
N MSE E 54 6.65 11.36 -13.97
CA MSE E 54 5.70 12.49 -14.09
C MSE E 54 5.22 13.08 -12.76
O MSE E 54 4.77 14.21 -12.72
CB MSE E 54 4.48 12.07 -14.90
CG MSE E 54 4.76 12.08 -16.41
SE MSE E 54 5.54 13.80 -17.05
CE MSE E 54 3.85 14.75 -17.29
N GLU E 55 5.29 12.30 -11.68
CA GLU E 55 5.05 12.90 -10.37
C GLU E 55 6.29 13.62 -9.88
N HIS E 56 7.48 13.09 -10.18
CA HIS E 56 8.71 13.82 -9.88
C HIS E 56 8.81 15.06 -10.75
N TYR E 57 8.51 14.89 -12.05
CA TYR E 57 8.63 15.99 -12.97
C TYR E 57 7.73 17.14 -12.58
N THR E 58 6.47 16.85 -12.24
CA THR E 58 5.45 17.87 -12.03
C THR E 58 5.27 18.24 -10.54
N ARG E 59 6.19 17.87 -9.69
CA ARG E 59 5.93 18.01 -8.26
C ARG E 59 5.95 19.46 -7.77
N PRO E 60 6.76 20.35 -8.34
CA PRO E 60 6.61 21.77 -7.98
C PRO E 60 5.21 22.31 -8.20
N VAL E 61 4.49 21.79 -9.20
CA VAL E 61 3.11 22.19 -9.39
C VAL E 61 2.24 21.50 -8.37
N ALA E 62 2.60 20.26 -8.01
CA ALA E 62 1.89 19.57 -6.94
C ALA E 62 2.03 20.29 -5.61
N ASP E 63 3.24 20.78 -5.29
CA ASP E 63 3.42 21.58 -4.08
C ASP E 63 2.56 22.84 -4.11
N ILE E 64 2.58 23.57 -5.23
CA ILE E 64 1.86 24.83 -5.32
C ILE E 64 0.36 24.58 -5.20
N LEU E 65 -0.13 23.51 -5.83
CA LEU E 65 -1.54 23.15 -5.64
C LEU E 65 -1.84 22.83 -4.17
N ALA E 66 -0.86 22.30 -3.43
CA ALA E 66 -1.08 22.00 -2.01
C ALA E 66 -1.33 23.29 -1.21
N ARG E 67 -0.37 24.23 -1.28
CA ARG E 67 -0.48 25.54 -0.64
C ARG E 67 -1.60 26.40 -1.21
N ALA E 68 -2.15 26.03 -2.36
CA ALA E 68 -3.15 26.87 -3.02
C ALA E 68 -4.40 27.00 -2.16
N GLU E 69 -4.89 28.23 -2.02
CA GLU E 69 -6.01 28.47 -1.12
C GLU E 69 -7.33 27.99 -1.71
N GLY E 70 -7.45 27.98 -3.03
CA GLY E 70 -8.70 27.60 -3.69
C GLY E 70 -8.45 26.85 -4.97
N GLN E 71 -9.27 27.11 -5.98
CA GLN E 71 -9.11 26.34 -7.21
C GLN E 71 -8.04 26.98 -8.08
N SER E 72 -7.39 26.14 -8.88
CA SER E 72 -6.26 26.53 -9.68
C SER E 72 -6.51 26.26 -11.16
N ILE E 73 -5.90 27.08 -12.02
CA ILE E 73 -5.86 26.88 -13.46
C ILE E 73 -4.46 26.42 -13.84
N LEU E 74 -4.38 25.36 -14.65
CA LEU E 74 -3.11 24.85 -15.16
C LEU E 74 -2.98 25.19 -16.65
N LEU E 75 -1.89 25.87 -17.00
CA LEU E 75 -1.59 26.22 -18.39
C LEU E 75 -0.28 25.56 -18.77
N GLY E 76 -0.27 24.87 -19.89
CA GLY E 76 0.94 24.29 -20.43
C GLY E 76 1.23 24.89 -21.79
N HIS E 77 2.50 25.11 -22.08
CA HIS E 77 2.91 25.53 -23.41
C HIS E 77 3.55 24.30 -24.03
N SER E 78 3.05 23.90 -25.22
CA SER E 78 3.63 22.79 -25.97
C SER E 78 3.70 21.54 -25.09
N LEU E 79 4.91 21.10 -24.68
CA LEU E 79 5.04 19.90 -23.84
C LEU E 79 4.30 20.00 -22.52
N GLY E 80 4.16 21.20 -21.97
CA GLY E 80 3.47 21.42 -20.72
C GLY E 80 2.03 20.93 -20.74
N GLY E 81 1.45 20.74 -21.92
CA GLY E 81 0.13 20.12 -21.99
C GLY E 81 0.14 18.69 -21.49
N ALA E 82 1.28 18.00 -21.64
CA ALA E 82 1.41 16.65 -21.09
C ALA E 82 1.36 16.65 -19.56
N SER E 83 2.02 17.64 -18.96
CA SER E 83 2.09 17.72 -17.51
C SER E 83 0.73 18.05 -16.90
N ILE E 84 0.03 19.03 -17.47
CA ILE E 84 -1.22 19.45 -16.84
C ILE E 84 -2.27 18.38 -16.97
N SER E 85 -2.24 17.62 -18.07
CA SER E 85 -3.12 16.47 -18.18
C SER E 85 -2.81 15.45 -17.09
N TRP E 86 -1.52 15.17 -16.88
CA TRP E 86 -1.14 14.27 -15.81
C TRP E 86 -1.62 14.78 -14.46
N LEU E 87 -1.40 16.08 -14.21
CA LEU E 87 -1.79 16.68 -12.94
C LEU E 87 -3.30 16.73 -12.75
N ALA E 88 -4.08 16.95 -13.81
CA ALA E 88 -5.53 17.06 -13.63
C ALA E 88 -6.14 15.76 -13.13
N GLN E 89 -5.64 14.62 -13.63
CA GLN E 89 -6.17 13.32 -13.19
C GLN E 89 -5.85 13.07 -11.72
N HIS E 90 -4.69 13.53 -11.26
CA HIS E 90 -4.22 13.27 -9.91
C HIS E 90 -4.64 14.34 -8.91
N HIS E 91 -5.09 15.49 -9.39
CA HIS E 91 -5.63 16.54 -8.51
C HIS E 91 -6.96 17.05 -9.03
N PRO E 92 -7.94 16.18 -9.28
CA PRO E 92 -9.19 16.65 -9.88
C PRO E 92 -9.97 17.61 -9.01
N ASP E 93 -9.88 17.44 -7.67
CA ASP E 93 -10.53 18.35 -6.74
C ASP E 93 -9.82 19.70 -6.63
N LYS E 94 -8.57 19.80 -7.11
CA LYS E 94 -7.79 21.03 -7.03
C LYS E 94 -7.81 21.87 -8.30
N VAL E 95 -8.13 21.29 -9.45
CA VAL E 95 -8.07 21.98 -10.73
C VAL E 95 -9.48 22.27 -11.23
N ALA E 96 -9.76 23.56 -11.48
CA ALA E 96 -11.02 23.99 -12.07
C ALA E 96 -10.94 24.10 -13.59
N GLY E 97 -9.74 24.10 -14.17
CA GLY E 97 -9.56 24.29 -15.60
C GLY E 97 -8.20 23.96 -16.16
N LEU E 98 -8.16 23.60 -17.44
CA LEU E 98 -6.96 23.21 -18.17
C LEU E 98 -6.79 24.07 -19.42
N ILE E 99 -5.60 24.64 -19.61
CA ILE E 99 -5.29 25.47 -20.78
C ILE E 99 -4.07 24.90 -21.52
N TYR E 100 -4.24 24.60 -22.82
CA TYR E 100 -3.18 24.08 -23.69
C TYR E 100 -2.77 25.15 -24.71
N LEU E 101 -1.59 25.76 -24.50
CA LEU E 101 -1.12 26.87 -25.34
C LEU E 101 -0.09 26.36 -26.35
N THR E 102 -0.54 26.24 -27.61
CA THR E 102 0.13 25.52 -28.70
C THR E 102 0.82 24.29 -28.10
N ALA E 103 -0.03 23.46 -27.47
CA ALA E 103 0.37 22.38 -26.58
C ALA E 103 -0.10 21.00 -27.05
N VAL E 104 0.59 19.99 -26.52
CA VAL E 104 0.28 18.58 -26.75
C VAL E 104 -0.94 18.18 -25.92
N LEU E 105 -1.99 17.73 -26.59
CA LEU E 105 -3.21 17.27 -25.94
C LEU E 105 -3.53 15.84 -26.40
N THR E 106 -3.28 14.85 -25.53
CA THR E 106 -3.51 13.43 -25.85
C THR E 106 -4.71 12.89 -25.08
N ALA E 107 -5.43 12.02 -25.77
CA ALA E 107 -6.56 11.30 -25.23
C ALA E 107 -6.12 10.24 -24.20
N PRO E 108 -7.09 9.68 -23.36
CA PRO E 108 -6.75 8.70 -22.35
C PRO E 108 -5.85 7.64 -22.98
N GLY E 109 -4.66 7.44 -22.39
CA GLY E 109 -3.79 6.45 -22.85
C GLY E 109 -2.88 6.81 -24.04
N VAL E 110 -2.94 8.02 -24.59
CA VAL E 110 -2.15 8.37 -25.78
C VAL E 110 -0.92 9.12 -25.30
N THR E 111 0.31 8.75 -25.82
CA THR E 111 1.46 9.53 -25.40
C THR E 111 1.66 10.72 -26.31
N PRO E 112 2.32 11.75 -25.81
CA PRO E 112 2.66 12.90 -26.67
C PRO E 112 3.49 12.55 -27.90
N GLU E 113 4.41 11.56 -27.86
CA GLU E 113 5.27 11.36 -29.05
C GLU E 113 4.47 10.94 -30.29
N THR E 114 3.27 10.37 -30.13
CA THR E 114 2.42 10.03 -31.26
C THR E 114 2.26 11.21 -32.22
N PHE E 115 2.14 12.44 -31.68
CA PHE E 115 1.94 13.60 -32.51
C PHE E 115 3.23 14.34 -32.84
N VAL E 116 4.31 14.03 -32.13
CA VAL E 116 5.60 14.64 -32.44
C VAL E 116 6.26 13.92 -33.59
N LEU E 117 6.09 12.59 -33.66
CA LEU E 117 6.72 11.70 -34.62
C LEU E 117 5.98 11.67 -35.95
N PRO E 118 6.68 11.35 -37.04
CA PRO E 118 6.02 11.26 -38.35
C PRO E 118 4.93 10.20 -38.34
N GLY E 119 3.83 10.50 -39.00
CA GLY E 119 2.68 9.63 -39.03
C GLY E 119 1.46 10.38 -39.49
N GLU E 120 0.38 9.63 -39.69
CA GLU E 120 -0.84 10.20 -40.26
C GLU E 120 -2.07 9.85 -39.43
N PRO E 121 -3.12 10.70 -39.46
CA PRO E 121 -3.16 11.96 -40.20
C PRO E 121 -2.81 13.14 -39.32
N ASN E 122 -2.23 14.15 -39.95
CA ASN E 122 -1.89 15.42 -39.31
C ASN E 122 -1.10 15.19 -38.03
N ARG E 123 -0.01 14.46 -38.19
CA ARG E 123 0.93 14.16 -37.12
C ARG E 123 2.33 14.54 -37.58
N GLY E 124 3.15 15.00 -36.64
CA GLY E 124 4.53 15.31 -36.95
C GLY E 124 4.93 16.72 -36.59
N THR E 125 6.12 16.84 -35.97
CA THR E 125 6.78 18.13 -35.71
C THR E 125 8.18 18.07 -36.32
N PRO E 126 8.31 18.01 -37.65
CA PRO E 126 9.66 17.79 -38.23
C PRO E 126 10.64 18.91 -37.97
N HIS E 127 10.18 20.16 -37.81
CA HIS E 127 11.10 21.24 -37.50
C HIS E 127 11.74 21.05 -36.14
N ALA E 128 10.95 20.64 -35.14
CA ALA E 128 11.52 20.42 -33.82
C ALA E 128 12.51 19.27 -33.84
N LEU E 129 12.11 18.14 -34.46
CA LEU E 129 12.95 16.95 -34.52
C LEU E 129 14.23 17.20 -35.30
N ASP E 130 14.21 18.12 -36.26
CA ASP E 130 15.41 18.41 -37.03
C ASP E 130 16.43 19.19 -36.21
N LEU E 131 15.96 20.15 -35.43
CA LEU E 131 16.87 21.03 -34.71
C LEU E 131 17.11 20.59 -33.27
N ILE E 132 16.30 19.68 -32.73
CA ILE E 132 16.49 19.19 -31.38
C ILE E 132 16.99 17.76 -31.51
N GLN E 133 18.14 17.48 -30.91
CA GLN E 133 18.79 16.20 -31.11
C GLN E 133 18.86 15.43 -29.79
N PRO E 134 18.74 14.11 -29.83
CA PRO E 134 18.78 13.33 -28.59
C PRO E 134 20.19 13.28 -28.02
N VAL E 135 20.26 13.15 -26.69
CA VAL E 135 21.53 13.00 -25.98
C VAL E 135 21.46 11.87 -24.96
N ASP E 136 22.57 11.13 -24.88
CA ASP E 136 22.77 10.07 -23.90
C ASP E 136 21.62 9.07 -23.89
N GLU E 137 21.45 8.44 -25.06
CA GLU E 137 20.48 7.37 -25.29
C GLU E 137 19.04 7.85 -25.08
N GLY E 138 18.74 9.03 -25.60
CA GLY E 138 17.38 9.50 -25.54
C GLY E 138 16.85 9.84 -24.15
N ARG E 139 17.69 9.80 -23.12
CA ARG E 139 17.23 10.28 -21.82
C ARG E 139 17.02 11.79 -21.84
N GLY E 140 17.75 12.50 -22.70
CA GLY E 140 17.69 13.93 -22.76
C GLY E 140 17.58 14.42 -24.20
N LEU E 141 17.17 15.68 -24.35
CA LEU E 141 17.09 16.33 -25.65
C LEU E 141 17.91 17.61 -25.56
N GLN E 142 18.61 17.93 -26.65
CA GLN E 142 19.51 19.08 -26.70
C GLN E 142 19.38 19.82 -28.02
N ALA E 143 19.38 21.14 -27.93
CA ALA E 143 19.25 21.97 -29.12
C ALA E 143 20.50 21.85 -29.97
N ASP E 144 20.30 21.97 -31.28
CA ASP E 144 21.37 21.93 -32.26
C ASP E 144 21.98 23.32 -32.35
N PHE E 145 23.07 23.55 -31.64
CA PHE E 145 23.67 24.88 -31.60
C PHE E 145 24.54 25.17 -32.81
N SER E 146 24.55 24.32 -33.82
CA SER E 146 25.21 24.66 -35.08
C SER E 146 24.40 25.61 -35.96
N ARG E 147 23.12 25.83 -35.66
CA ARG E 147 22.21 26.56 -36.53
C ARG E 147 21.49 27.64 -35.71
N LEU E 148 22.26 28.62 -35.24
CA LEU E 148 21.73 29.60 -34.30
C LEU E 148 20.57 30.38 -34.90
N GLU E 149 20.75 30.87 -36.13
CA GLU E 149 19.71 31.67 -36.75
C GLU E 149 18.48 30.82 -37.00
N ARG E 150 18.69 29.57 -37.40
CA ARG E 150 17.58 28.65 -37.62
C ARG E 150 16.77 28.45 -36.34
N LEU E 151 17.45 28.28 -35.20
CA LEU E 151 16.74 28.15 -33.92
C LEU E 151 15.94 29.41 -33.61
N ARG E 152 16.52 30.58 -33.88
CA ARG E 152 15.86 31.83 -33.57
C ARG E 152 14.55 31.96 -34.35
N GLU E 153 14.61 31.67 -35.66
CA GLU E 153 13.43 31.84 -36.50
C GLU E 153 12.33 30.86 -36.17
N VAL E 154 12.67 29.64 -35.74
CA VAL E 154 11.64 28.64 -35.54
C VAL E 154 10.98 28.79 -34.16
N PHE E 155 11.80 28.85 -33.12
CA PHE E 155 11.27 28.85 -31.75
C PHE E 155 11.09 30.26 -31.19
N MSE E 156 12.05 31.14 -31.41
CA MSE E 156 12.05 32.46 -30.78
C MSE E 156 11.65 33.63 -31.69
O MSE E 156 12.06 34.77 -31.45
CB MSE E 156 13.45 32.75 -30.23
CG MSE E 156 13.91 31.85 -29.07
SE MSE E 156 15.86 31.74 -29.10
CE MSE E 156 16.00 29.81 -29.44
N GLY E 157 10.88 33.37 -32.74
CA GLY E 157 10.59 34.44 -33.68
C GLY E 157 9.74 35.54 -33.08
N ASP E 158 8.91 35.21 -32.10
CA ASP E 158 7.96 36.15 -31.48
C ASP E 158 8.61 37.14 -30.51
N TYR E 159 9.85 36.92 -30.11
CA TYR E 159 10.42 37.77 -29.09
C TYR E 159 10.64 39.17 -29.64
N PRO E 160 10.15 40.21 -28.95
CA PRO E 160 10.25 41.58 -29.51
C PRO E 160 11.70 41.95 -29.73
N GLY E 161 12.14 41.83 -30.99
CA GLY E 161 13.53 42.01 -31.37
C GLY E 161 13.97 41.05 -32.46
N MSE E 164 18.00 38.07 -29.00
CA MSE E 164 16.97 37.12 -28.67
C MSE E 164 16.64 37.15 -27.20
O MSE E 164 17.13 38.01 -26.53
CB MSE E 164 17.49 35.74 -29.03
CG MSE E 164 18.14 35.74 -30.40
SE MSE E 164 19.77 34.65 -30.40
CE MSE E 164 20.39 35.14 -32.21
N PRO E 165 15.77 36.20 -26.70
CA PRO E 165 15.50 36.30 -25.26
C PRO E 165 16.72 36.19 -24.35
N PRO E 166 16.61 36.55 -23.09
CA PRO E 166 17.76 36.38 -22.18
C PRO E 166 17.88 34.95 -21.65
N ALA E 167 19.07 34.66 -21.12
CA ALA E 167 19.41 33.29 -20.72
C ALA E 167 18.44 32.74 -19.68
N GLU E 168 17.88 33.58 -18.83
CA GLU E 168 17.05 33.16 -17.73
C GLU E 168 15.87 32.30 -18.18
N HIS E 169 15.57 32.31 -19.50
CA HIS E 169 14.39 31.64 -20.04
C HIS E 169 14.60 30.16 -20.35
N PHE E 170 15.84 29.70 -20.48
CA PHE E 170 16.12 28.36 -21.03
C PHE E 170 17.03 27.54 -20.12
N ILE E 171 16.98 26.22 -20.30
CA ILE E 171 17.99 25.28 -19.81
C ILE E 171 18.61 24.59 -21.02
N GLN E 172 19.64 23.79 -20.76
CA GLN E 172 20.44 23.20 -21.85
C GLN E 172 19.93 21.85 -22.33
N THR E 173 19.48 20.98 -21.43
CA THR E 173 19.14 19.61 -21.80
C THR E 173 17.81 19.21 -21.16
N GLN E 174 16.90 18.69 -21.99
CA GLN E 174 15.53 18.40 -21.58
C GLN E 174 15.31 16.89 -21.41
N SER E 175 14.61 16.49 -20.36
CA SER E 175 14.31 15.08 -20.14
C SER E 175 13.15 14.62 -21.01
N THR E 176 13.26 13.41 -21.54
CA THR E 176 12.23 12.84 -22.40
C THR E 176 11.13 12.14 -21.64
N VAL E 177 11.18 12.14 -20.31
CA VAL E 177 10.12 11.53 -19.50
C VAL E 177 8.74 12.04 -19.90
N PRO E 178 8.50 13.35 -20.01
CA PRO E 178 7.18 13.80 -20.45
C PRO E 178 6.79 13.30 -21.83
N PHE E 179 7.74 13.07 -22.74
CA PHE E 179 7.38 12.69 -24.10
C PHE E 179 6.68 11.34 -24.16
N GLY E 180 7.00 10.41 -23.26
CA GLY E 180 6.56 9.03 -23.38
C GLY E 180 5.53 8.51 -22.40
N THR E 181 4.97 9.33 -21.55
CA THR E 181 4.06 8.71 -20.60
C THR E 181 2.62 8.91 -21.04
N PRO E 182 1.81 7.85 -21.11
CA PRO E 182 0.44 8.03 -21.59
C PRO E 182 -0.37 8.91 -20.65
N ASN E 183 -1.33 9.60 -21.24
CA ASN E 183 -2.24 10.44 -20.48
C ASN E 183 -3.13 9.60 -19.60
N PRO E 184 -2.99 9.67 -18.27
CA PRO E 184 -3.77 8.82 -17.37
C PRO E 184 -5.13 9.37 -16.96
N MSE E 185 -5.59 10.46 -17.55
CA MSE E 185 -6.85 11.07 -17.11
C MSE E 185 -8.04 10.14 -17.27
O MSE E 185 -8.20 9.45 -18.30
CB MSE E 185 -7.14 12.38 -17.85
CG MSE E 185 -6.25 13.54 -17.46
SE MSE E 185 -6.01 14.82 -18.92
CE MSE E 185 -7.58 15.94 -18.66
N GLU E 186 -8.89 10.16 -16.25
CA GLU E 186 -9.95 9.19 -16.08
C GLU E 186 -11.00 9.77 -15.13
N GLY E 187 -12.20 9.18 -15.18
CA GLY E 187 -13.25 9.50 -14.23
C GLY E 187 -13.59 10.98 -14.19
N ARG E 188 -13.43 11.56 -13.00
CA ARG E 188 -13.82 12.96 -12.79
C ARG E 188 -12.88 13.94 -13.48
N ALA E 189 -11.62 13.57 -13.71
CA ALA E 189 -10.65 14.47 -14.35
C ALA E 189 -11.12 14.94 -15.74
N LEU E 190 -11.90 14.12 -16.45
CA LEU E 190 -12.44 14.48 -17.76
C LEU E 190 -13.63 15.42 -17.70
N GLU E 191 -14.15 15.73 -16.51
CA GLU E 191 -15.17 16.75 -16.41
C GLU E 191 -14.56 18.14 -16.24
N ILE E 192 -13.24 18.21 -16.06
CA ILE E 192 -12.57 19.50 -15.87
C ILE E 192 -12.68 20.30 -17.16
N PRO E 193 -13.15 21.55 -17.11
CA PRO E 193 -13.17 22.37 -18.32
C PRO E 193 -11.76 22.52 -18.88
N ARG E 194 -11.64 22.34 -20.19
CA ARG E 194 -10.36 22.43 -20.91
C ARG E 194 -10.52 23.30 -22.14
N LEU E 195 -9.53 24.17 -22.37
CA LEU E 195 -9.48 25.09 -23.50
C LEU E 195 -8.11 24.99 -24.16
N TYR E 196 -8.12 25.00 -25.49
CA TYR E 196 -6.92 25.01 -26.34
C TYR E 196 -6.71 26.39 -26.98
N ILE E 197 -5.51 26.96 -26.83
CA ILE E 197 -5.12 28.23 -27.45
C ILE E 197 -4.17 27.96 -28.61
N GLU E 198 -4.65 28.13 -29.84
CA GLU E 198 -3.86 27.81 -31.02
C GLU E 198 -2.88 28.92 -31.38
N ALA E 199 -1.70 28.54 -31.85
CA ALA E 199 -0.77 29.48 -32.45
C ALA E 199 -0.87 29.30 -33.97
N LEU E 200 -1.69 30.14 -34.62
CA LEU E 200 -2.04 29.89 -36.04
C LEU E 200 -0.81 29.81 -36.93
N ASP E 201 0.26 30.55 -36.63
CA ASP E 201 1.40 30.56 -37.53
C ASP E 201 2.59 29.77 -36.98
N ASP E 202 2.37 28.88 -36.03
CA ASP E 202 3.46 28.11 -35.47
C ASP E 202 4.11 27.21 -36.53
N VAL E 203 5.44 27.22 -36.59
CA VAL E 203 6.14 26.27 -37.45
C VAL E 203 6.74 25.08 -36.70
N VAL E 204 6.65 25.10 -35.37
CA VAL E 204 7.06 23.97 -34.57
C VAL E 204 5.82 23.10 -34.46
N LEU E 205 4.67 23.65 -34.13
CA LEU E 205 3.44 22.89 -34.04
C LEU E 205 2.34 23.49 -34.91
N PRO E 206 2.31 22.90 -36.18
CA PRO E 206 1.36 23.42 -37.16
C PRO E 206 -0.10 23.40 -36.80
N ILE E 207 -0.80 24.41 -37.26
CA ILE E 207 -2.20 24.51 -36.95
C ILE E 207 -2.92 23.20 -37.29
N ALA E 208 -2.42 22.46 -38.26
CA ALA E 208 -2.99 21.17 -38.61
C ALA E 208 -2.87 20.18 -37.44
N VAL E 209 -1.69 20.11 -36.82
CA VAL E 209 -1.47 19.20 -35.70
C VAL E 209 -2.28 19.63 -34.49
N GLN E 210 -2.26 20.94 -34.17
CA GLN E 210 -3.08 21.49 -33.08
C GLN E 210 -4.51 21.03 -33.20
N ARG E 211 -5.06 21.20 -34.39
CA ARG E 211 -6.45 20.86 -34.60
C ARG E 211 -6.66 19.35 -34.55
N GLN E 212 -5.63 18.56 -34.88
CA GLN E 212 -5.84 17.12 -34.87
C GLN E 212 -5.98 16.60 -33.43
N MSE E 213 -5.10 17.03 -32.55
CA MSE E 213 -5.20 16.63 -31.17
C MSE E 213 -6.55 17.01 -30.56
O MSE E 213 -7.19 16.19 -29.90
CB MSE E 213 -4.05 17.21 -30.43
CG MSE E 213 -2.71 16.89 -31.09
SE MSE E 213 -1.51 17.82 -29.94
CE MSE E 213 0.31 17.43 -30.51
N GLN E 214 -7.01 18.24 -30.83
CA GLN E 214 -8.35 18.65 -30.40
C GLN E 214 -9.41 17.70 -30.91
N LYS E 215 -9.32 17.34 -32.19
CA LYS E 215 -10.31 16.46 -32.82
C LYS E 215 -10.32 15.07 -32.20
N GLU E 216 -9.14 14.50 -31.92
CA GLU E 216 -9.05 13.11 -31.49
C GLU E 216 -9.25 12.91 -29.98
N PHE E 217 -9.36 14.00 -29.20
CA PHE E 217 -9.58 13.92 -27.75
C PHE E 217 -11.05 13.72 -27.45
N PRO E 218 -11.38 12.86 -26.48
CA PRO E 218 -12.79 12.61 -26.17
C PRO E 218 -13.40 13.76 -25.38
N GLY E 219 -14.54 14.24 -25.84
CA GLY E 219 -15.23 15.30 -25.13
C GLY E 219 -14.92 16.70 -25.64
N PRO E 220 -15.72 17.67 -25.19
CA PRO E 220 -15.60 19.02 -25.72
C PRO E 220 -14.33 19.71 -25.28
N VAL E 221 -13.79 20.50 -26.21
CA VAL E 221 -12.62 21.35 -26.00
C VAL E 221 -12.97 22.73 -26.54
N ALA E 222 -12.95 23.74 -25.67
CA ALA E 222 -13.09 25.11 -26.16
C ALA E 222 -11.81 25.52 -26.89
N VAL E 223 -11.90 26.50 -27.79
CA VAL E 223 -10.73 26.86 -28.59
C VAL E 223 -10.68 28.38 -28.83
N VAL E 224 -9.48 28.95 -28.68
CA VAL E 224 -9.15 30.32 -29.12
C VAL E 224 -7.89 30.27 -29.97
N SER E 225 -7.86 31.08 -31.03
CA SER E 225 -6.74 31.12 -31.94
C SER E 225 -6.01 32.46 -31.82
N LEU E 226 -4.71 32.40 -31.79
CA LEU E 226 -3.94 33.63 -31.78
C LEU E 226 -3.14 33.74 -33.06
N PRO E 227 -3.11 34.87 -33.65
CA PRO E 227 -2.34 35.00 -34.92
C PRO E 227 -0.85 35.09 -34.64
N ALA E 228 -0.31 34.06 -33.99
CA ALA E 228 1.05 34.08 -33.47
C ALA E 228 1.87 32.89 -33.96
N SER E 229 3.18 33.02 -33.80
CA SER E 229 4.14 31.96 -34.04
C SER E 229 4.34 31.15 -32.74
N HIS E 230 5.49 30.47 -32.55
CA HIS E 230 5.57 29.42 -31.50
C HIS E 230 5.46 29.96 -30.07
N ALA E 231 5.86 31.21 -29.83
CA ALA E 231 5.95 31.75 -28.47
C ALA E 231 5.08 33.00 -28.34
N PRO E 232 3.75 32.84 -28.27
CA PRO E 232 2.87 34.00 -28.14
C PRO E 232 3.03 34.78 -26.83
N TYR E 233 3.54 34.15 -25.75
CA TYR E 233 3.79 34.91 -24.53
C TYR E 233 4.86 35.97 -24.73
N TYR E 234 5.60 35.90 -25.84
CA TYR E 234 6.52 36.95 -26.23
C TYR E 234 5.85 38.03 -27.09
N SER E 235 5.04 37.62 -28.06
CA SER E 235 4.60 38.55 -29.08
C SER E 235 3.28 39.24 -28.76
N MSE E 236 2.46 38.67 -27.89
CA MSE E 236 1.20 39.29 -27.53
C MSE E 236 0.77 38.91 -26.12
O MSE E 236 -0.26 38.27 -25.93
CB MSE E 236 0.12 38.92 -28.55
CG MSE E 236 0.02 37.42 -28.90
SE MSE E 236 -0.97 37.13 -30.59
CE MSE E 236 0.53 37.43 -31.78
N PRO E 237 1.52 39.35 -25.10
CA PRO E 237 1.15 39.01 -23.71
C PRO E 237 -0.23 39.50 -23.33
N GLU E 238 -0.63 40.68 -23.82
CA GLU E 238 -1.93 41.25 -23.45
C GLU E 238 -3.09 40.39 -23.93
N ARG E 239 -3.07 40.00 -25.20
CA ARG E 239 -4.13 39.14 -25.74
C ARG E 239 -4.07 37.75 -25.12
N LEU E 240 -2.86 37.22 -24.89
CA LEU E 240 -2.73 35.92 -24.26
C LEU E 240 -3.23 35.94 -22.81
N ALA E 241 -2.80 36.94 -22.05
CA ALA E 241 -3.26 37.09 -20.67
C ALA E 241 -4.75 37.37 -20.63
N GLU E 242 -5.25 38.13 -21.60
CA GLU E 242 -6.69 38.33 -21.67
C GLU E 242 -7.41 37.00 -21.77
N ALA E 243 -6.95 36.11 -22.66
CA ALA E 243 -7.64 34.85 -22.89
C ALA E 243 -7.56 33.94 -21.67
N ILE E 244 -6.41 33.88 -21.01
CA ILE E 244 -6.29 33.03 -19.83
C ILE E 244 -7.24 33.50 -18.75
N ALA E 245 -7.26 34.81 -18.49
CA ALA E 245 -8.06 35.31 -17.38
C ALA E 245 -9.54 35.13 -17.66
N ASP E 246 -9.94 35.32 -18.92
CA ASP E 246 -11.33 35.10 -19.30
C ASP E 246 -11.76 33.68 -18.98
N PHE E 247 -10.91 32.70 -19.28
CA PHE E 247 -11.22 31.32 -18.92
C PHE E 247 -11.22 31.14 -17.41
N ALA E 248 -10.23 31.71 -16.72
CA ALA E 248 -10.14 31.56 -15.28
C ALA E 248 -11.35 32.18 -14.56
N ASP E 249 -11.90 33.27 -15.09
CA ASP E 249 -13.01 33.93 -14.39
C ASP E 249 -14.21 33.01 -14.29
N ALA E 250 -14.41 32.13 -15.29
CA ALA E 250 -15.54 31.21 -15.28
C ALA E 250 -15.35 30.11 -16.31
N PRO E 251 -14.59 29.05 -15.98
CA PRO E 251 -14.27 28.04 -17.00
C PRO E 251 -15.45 27.18 -17.40
N ALA E 252 -16.45 27.03 -16.53
CA ALA E 252 -17.54 26.10 -16.78
C ALA E 252 -18.30 26.42 -18.07
N GLU E 253 -18.17 27.62 -18.61
CA GLU E 253 -18.98 27.99 -19.77
C GLU E 253 -18.22 28.92 -20.70
N TYR E 254 -16.94 28.64 -20.93
CA TYR E 254 -16.13 29.56 -21.72
C TYR E 254 -16.51 29.59 -23.20
N THR F 2 14.58 -30.05 3.48
CA THR F 2 14.12 -28.69 3.77
C THR F 2 14.80 -27.66 2.83
N VAL F 3 16.12 -27.79 2.65
CA VAL F 3 16.90 -26.93 1.75
C VAL F 3 17.18 -27.66 0.43
N THR F 4 16.82 -27.04 -0.69
CA THR F 4 16.98 -27.67 -2.00
C THR F 4 18.01 -27.01 -2.91
N ASP F 5 18.31 -25.72 -2.74
CA ASP F 5 19.17 -24.98 -3.66
C ASP F 5 20.30 -24.28 -2.90
N ILE F 6 21.47 -24.22 -3.55
CA ILE F 6 22.59 -23.41 -3.08
C ILE F 6 23.07 -22.52 -4.22
N ILE F 7 23.22 -21.22 -3.94
CA ILE F 7 23.61 -20.21 -4.93
C ILE F 7 24.85 -19.49 -4.43
N LEU F 8 25.92 -19.55 -5.21
CA LEU F 8 27.21 -18.93 -4.87
C LEU F 8 27.34 -17.60 -5.60
N ILE F 9 27.60 -16.54 -4.84
CA ILE F 9 27.63 -15.17 -5.38
C ILE F 9 29.09 -14.73 -5.48
N HIS F 10 29.55 -14.44 -6.70
CA HIS F 10 30.92 -13.99 -6.87
C HIS F 10 31.03 -12.54 -6.38
N GLY F 11 32.26 -12.12 -6.08
CA GLY F 11 32.54 -10.79 -5.61
C GLY F 11 32.95 -9.89 -6.75
N ALA F 12 33.59 -8.77 -6.39
CA ALA F 12 33.86 -7.73 -7.37
C ALA F 12 34.78 -8.23 -8.47
N LEU F 13 34.48 -7.84 -9.71
CA LEU F 13 35.22 -8.16 -10.93
C LEU F 13 35.28 -9.64 -11.29
N ASN F 14 34.51 -10.50 -10.64
CA ASN F 14 34.50 -11.92 -10.96
C ASN F 14 33.23 -12.32 -11.70
N ARG F 15 33.20 -13.58 -12.13
CA ARG F 15 32.01 -14.20 -12.71
C ARG F 15 31.78 -15.53 -11.98
N GLY F 16 30.56 -16.08 -12.17
CA GLY F 16 30.17 -17.29 -11.46
C GLY F 16 31.06 -18.49 -11.72
N ALA F 17 31.73 -18.54 -12.88
CA ALA F 17 32.65 -19.62 -13.23
C ALA F 17 33.83 -19.72 -12.27
N CYS F 18 34.09 -18.68 -11.46
CA CYS F 18 35.09 -18.81 -10.41
C CYS F 18 34.72 -19.90 -9.40
N TYR F 19 33.45 -20.35 -9.40
CA TYR F 19 32.97 -21.45 -8.55
C TYR F 19 33.00 -22.82 -9.22
N ASP F 20 33.63 -22.94 -10.41
CA ASP F 20 33.56 -24.17 -11.22
C ASP F 20 34.09 -25.39 -10.49
N ALA F 21 35.03 -25.20 -9.56
CA ALA F 21 35.57 -26.31 -8.78
C ALA F 21 34.73 -26.64 -7.56
N VAL F 22 33.84 -25.74 -7.14
CA VAL F 22 33.03 -25.98 -5.95
C VAL F 22 31.69 -26.58 -6.32
N VAL F 23 31.18 -26.25 -7.52
CA VAL F 23 29.84 -26.59 -7.95
C VAL F 23 29.59 -28.10 -7.95
N PRO F 24 30.39 -28.93 -8.65
CA PRO F 24 30.10 -30.37 -8.68
C PRO F 24 30.17 -31.03 -7.32
N LEU F 25 31.07 -30.55 -6.46
CA LEU F 25 31.24 -31.12 -5.13
C LEU F 25 30.01 -30.91 -4.25
N LEU F 26 29.36 -29.74 -4.36
CA LEU F 26 28.10 -29.52 -3.64
C LEU F 26 26.95 -30.35 -4.22
N GLU F 27 26.92 -30.51 -5.56
CA GLU F 27 25.88 -31.32 -6.18
C GLU F 27 25.91 -32.76 -5.68
N ALA F 28 27.11 -33.28 -5.40
CA ALA F 28 27.25 -34.63 -4.88
C ALA F 28 26.64 -34.77 -3.50
N ARG F 29 26.50 -33.66 -2.78
CA ARG F 29 25.78 -33.64 -1.51
C ARG F 29 24.28 -33.51 -1.69
N GLY F 30 23.77 -33.60 -2.91
CA GLY F 30 22.34 -33.63 -3.12
C GLY F 30 21.65 -32.28 -3.22
N TYR F 31 22.35 -31.25 -3.68
CA TYR F 31 21.78 -29.90 -3.78
C TYR F 31 21.77 -29.43 -5.23
N ARG F 32 20.76 -28.61 -5.55
CA ARG F 32 20.81 -27.85 -6.78
C ARG F 32 21.71 -26.63 -6.55
N VAL F 33 22.66 -26.42 -7.47
CA VAL F 33 23.72 -25.43 -7.29
C VAL F 33 23.74 -24.47 -8.49
N HIS F 34 23.74 -23.17 -8.21
CA HIS F 34 23.91 -22.15 -9.24
C HIS F 34 24.92 -21.08 -8.83
N ALA F 35 25.69 -20.64 -9.82
CA ALA F 35 26.71 -19.61 -9.71
C ALA F 35 26.38 -18.54 -10.73
N PRO F 36 25.43 -17.66 -10.43
CA PRO F 36 24.93 -16.72 -11.45
C PRO F 36 25.87 -15.53 -11.64
N ASP F 37 26.10 -15.15 -12.91
CA ASP F 37 26.72 -13.85 -13.16
C ASP F 37 25.75 -12.78 -12.74
N LEU F 38 26.19 -11.87 -11.89
CA LEU F 38 25.32 -10.75 -11.59
C LEU F 38 25.24 -9.81 -12.79
N THR F 39 24.31 -8.87 -12.67
CA THR F 39 23.97 -7.99 -13.77
C THR F 39 25.15 -7.12 -14.16
N GLY F 40 25.39 -7.00 -15.45
CA GLY F 40 26.55 -6.27 -15.91
C GLY F 40 27.81 -7.10 -15.95
N HIS F 41 27.75 -8.35 -15.49
CA HIS F 41 28.92 -9.22 -15.41
C HIS F 41 28.98 -10.22 -16.54
N THR F 42 28.19 -10.03 -17.59
CA THR F 42 28.27 -10.92 -18.74
C THR F 42 28.79 -10.17 -19.94
N PRO F 43 29.93 -10.56 -20.53
CA PRO F 43 30.43 -9.84 -21.71
C PRO F 43 29.33 -9.64 -22.74
N GLY F 44 29.09 -8.39 -23.13
CA GLY F 44 27.94 -8.05 -23.96
C GLY F 44 26.76 -7.53 -23.16
N ASP F 45 26.92 -7.37 -21.84
CA ASP F 45 25.83 -7.03 -20.95
C ASP F 45 25.46 -5.56 -21.07
N GLY F 46 26.40 -4.74 -21.47
CA GLY F 46 26.27 -3.31 -21.28
C GLY F 46 27.19 -2.83 -20.19
N GLY F 47 27.79 -3.75 -19.45
CA GLY F 47 28.85 -3.40 -18.54
C GLY F 47 28.36 -2.76 -17.25
N HIS F 48 29.30 -2.11 -16.55
CA HIS F 48 29.04 -1.61 -15.20
C HIS F 48 28.04 -0.46 -15.22
N LEU F 49 28.01 0.31 -16.32
CA LEU F 49 27.12 1.46 -16.43
C LEU F 49 25.65 1.04 -16.52
N SER F 50 25.37 -0.23 -16.83
CA SER F 50 23.99 -0.71 -16.89
C SER F 50 23.34 -0.90 -15.51
N VAL F 51 24.11 -0.90 -14.43
CA VAL F 51 23.54 -1.16 -13.11
C VAL F 51 22.77 0.05 -12.60
N VAL F 52 21.52 -0.16 -12.19
CA VAL F 52 20.71 0.95 -11.67
C VAL F 52 20.81 1.07 -10.16
N ASP F 53 20.47 0.00 -9.46
CA ASP F 53 20.42 -0.02 -8.01
C ASP F 53 20.51 -1.48 -7.66
N MSE F 54 20.55 -1.84 -6.39
CA MSE F 54 20.73 -3.24 -6.04
C MSE F 54 19.69 -4.23 -6.55
O MSE F 54 20.05 -5.36 -6.91
CB MSE F 54 21.11 -3.45 -4.57
CG MSE F 54 22.58 -3.25 -4.13
SE MSE F 54 23.89 -4.51 -4.90
CE MSE F 54 22.62 -5.44 -6.06
N GLU F 55 18.44 -3.86 -6.58
CA GLU F 55 17.42 -4.78 -7.02
C GLU F 55 17.78 -5.29 -8.38
N HIS F 56 18.47 -4.45 -9.16
CA HIS F 56 18.85 -4.79 -10.53
C HIS F 56 20.12 -5.65 -10.60
N TYR F 57 21.10 -5.36 -9.76
CA TYR F 57 22.34 -6.12 -9.69
C TYR F 57 22.08 -7.49 -9.07
N THR F 58 21.12 -7.54 -8.13
CA THR F 58 20.69 -8.73 -7.37
C THR F 58 19.68 -9.57 -8.09
N ARG F 59 19.56 -9.36 -9.39
CA ARG F 59 18.53 -10.01 -10.14
C ARG F 59 18.71 -11.39 -10.61
N PRO F 60 19.85 -11.63 -11.33
CA PRO F 60 20.03 -13.02 -11.76
C PRO F 60 19.83 -14.02 -10.61
N VAL F 61 19.97 -13.53 -9.38
CA VAL F 61 19.65 -14.32 -8.19
C VAL F 61 18.16 -14.30 -7.83
N ALA F 62 17.46 -13.19 -8.05
CA ALA F 62 16.01 -13.23 -7.77
C ALA F 62 15.28 -14.19 -8.70
N ASP F 63 15.70 -14.29 -9.97
CA ASP F 63 15.12 -15.27 -10.89
C ASP F 63 15.19 -16.68 -10.33
N ILE F 64 16.34 -17.05 -9.76
CA ILE F 64 16.51 -18.41 -9.26
C ILE F 64 15.67 -18.68 -8.02
N LEU F 65 15.63 -17.73 -7.07
CA LEU F 65 14.83 -17.91 -5.86
C LEU F 65 13.36 -18.12 -6.16
N ALA F 66 12.87 -17.49 -7.24
CA ALA F 66 11.49 -17.64 -7.67
C ALA F 66 11.17 -19.07 -8.07
N ARG F 67 12.08 -19.71 -8.81
CA ARG F 67 11.85 -21.03 -9.36
C ARG F 67 12.33 -22.16 -8.44
N ALA F 68 12.72 -21.85 -7.19
CA ALA F 68 13.27 -22.85 -6.28
C ALA F 68 12.16 -23.70 -5.66
N GLU F 69 12.41 -25.01 -5.59
CA GLU F 69 11.43 -25.93 -5.01
C GLU F 69 11.28 -25.72 -3.51
N GLY F 70 12.41 -25.61 -2.79
CA GLY F 70 12.36 -25.41 -1.37
C GLY F 70 13.07 -24.15 -0.90
N GLN F 71 13.78 -24.27 0.22
CA GLN F 71 14.56 -23.20 0.83
C GLN F 71 15.95 -23.13 0.21
N SER F 72 16.59 -21.97 0.34
CA SER F 72 17.83 -21.67 -0.36
C SER F 72 18.97 -21.39 0.61
N ILE F 73 20.19 -21.72 0.20
CA ILE F 73 21.39 -21.21 0.84
C ILE F 73 22.07 -20.21 -0.10
N LEU F 74 22.36 -19.03 0.43
CA LEU F 74 23.07 -18.00 -0.29
C LEU F 74 24.46 -17.84 0.31
N LEU F 75 25.47 -17.91 -0.52
CA LEU F 75 26.84 -17.70 -0.07
C LEU F 75 27.36 -16.45 -0.75
N GLY F 76 27.93 -15.56 0.06
CA GLY F 76 28.61 -14.40 -0.45
C GLY F 76 30.08 -14.52 -0.14
N HIS F 77 30.88 -14.25 -1.15
CA HIS F 77 32.33 -14.12 -1.08
C HIS F 77 32.73 -12.64 -1.38
N SER F 78 33.42 -12.03 -0.43
CA SER F 78 33.93 -10.66 -0.51
C SER F 78 32.83 -9.65 -0.71
N LEU F 79 32.82 -8.97 -1.83
CA LEU F 79 31.76 -8.01 -2.08
C LEU F 79 30.50 -8.76 -2.43
N GLY F 80 30.60 -10.04 -2.65
CA GLY F 80 29.43 -10.84 -2.96
C GLY F 80 28.56 -10.79 -1.72
N GLY F 81 29.16 -10.60 -0.56
CA GLY F 81 28.43 -10.53 0.68
C GLY F 81 27.41 -9.41 0.74
N ALA F 82 27.70 -8.26 0.12
CA ALA F 82 26.71 -7.17 0.17
C ALA F 82 25.42 -7.62 -0.54
N SER F 83 25.60 -8.20 -1.69
CA SER F 83 24.49 -8.68 -2.44
C SER F 83 23.65 -9.68 -1.69
N ILE F 84 24.21 -10.59 -0.91
CA ILE F 84 23.38 -11.60 -0.24
C ILE F 84 22.60 -10.99 0.92
N SER F 85 23.18 -9.99 1.59
CA SER F 85 22.46 -9.30 2.64
C SER F 85 21.24 -8.59 2.05
N TRP F 86 21.43 -7.91 0.92
CA TRP F 86 20.34 -7.25 0.22
C TRP F 86 19.28 -8.26 -0.22
N LEU F 87 19.71 -9.38 -0.82
CA LEU F 87 18.79 -10.41 -1.27
C LEU F 87 18.02 -11.03 -0.10
N ALA F 88 18.65 -11.08 1.08
CA ALA F 88 18.02 -11.70 2.24
C ALA F 88 16.77 -10.95 2.68
N GLN F 89 16.78 -9.62 2.61
CA GLN F 89 15.62 -8.91 3.11
C GLN F 89 14.42 -9.02 2.16
N HIS F 90 14.66 -9.04 0.85
CA HIS F 90 13.57 -9.00 -0.13
C HIS F 90 13.10 -10.39 -0.54
N HIS F 91 13.88 -11.43 -0.23
CA HIS F 91 13.46 -12.82 -0.40
C HIS F 91 13.70 -13.58 0.91
N PRO F 92 13.24 -13.03 2.05
CA PRO F 92 13.58 -13.68 3.34
C PRO F 92 12.92 -15.03 3.56
N ASP F 93 11.70 -15.23 3.05
CA ASP F 93 11.04 -16.51 3.21
C ASP F 93 11.66 -17.62 2.37
N LYS F 94 12.44 -17.25 1.36
CA LYS F 94 13.03 -18.19 0.41
C LYS F 94 14.45 -18.61 0.77
N VAL F 95 15.09 -17.89 1.68
CA VAL F 95 16.48 -18.12 2.07
C VAL F 95 16.50 -18.84 3.41
N ALA F 96 17.11 -20.02 3.41
CA ALA F 96 17.28 -20.78 4.63
C ALA F 96 18.59 -20.47 5.34
N GLY F 97 19.55 -19.91 4.63
CA GLY F 97 20.85 -19.61 5.23
C GLY F 97 21.70 -18.72 4.37
N LEU F 98 22.56 -17.95 5.02
CA LEU F 98 23.47 -17.02 4.37
C LEU F 98 24.90 -17.40 4.74
N ILE F 99 25.76 -17.48 3.74
CA ILE F 99 27.16 -17.81 3.92
C ILE F 99 28.01 -16.62 3.53
N TYR F 100 28.80 -16.15 4.50
CA TYR F 100 29.75 -15.06 4.29
C TYR F 100 31.13 -15.69 4.21
N LEU F 101 31.61 -15.84 2.98
CA LEU F 101 32.87 -16.50 2.68
C LEU F 101 33.90 -15.39 2.51
N THR F 102 34.71 -15.17 3.56
CA THR F 102 35.61 -14.02 3.68
C THR F 102 34.99 -12.79 3.02
N ALA F 103 33.81 -12.41 3.47
CA ALA F 103 32.99 -11.45 2.76
C ALA F 103 32.75 -10.21 3.60
N VAL F 104 32.39 -9.11 2.95
CA VAL F 104 32.04 -7.94 3.74
C VAL F 104 30.66 -8.17 4.33
N LEU F 105 30.61 -8.20 5.66
CA LEU F 105 29.40 -8.44 6.44
C LEU F 105 29.19 -7.20 7.30
N THR F 106 28.25 -6.36 6.88
CA THR F 106 27.98 -5.08 7.53
C THR F 106 26.69 -5.15 8.33
N ALA F 107 26.68 -4.40 9.43
CA ALA F 107 25.49 -4.29 10.26
C ALA F 107 24.37 -3.60 9.47
N PRO F 108 23.11 -3.80 9.86
CA PRO F 108 22.02 -3.13 9.13
C PRO F 108 22.22 -1.62 9.14
N GLY F 109 22.10 -1.02 7.95
CA GLY F 109 22.27 0.40 7.76
C GLY F 109 23.68 0.85 7.46
N VAL F 110 24.64 -0.08 7.42
CA VAL F 110 26.05 0.20 7.18
C VAL F 110 26.45 -0.28 5.79
N THR F 111 27.24 0.52 5.07
CA THR F 111 27.71 0.17 3.73
C THR F 111 29.00 -0.64 3.79
N PRO F 112 29.34 -1.34 2.71
CA PRO F 112 30.67 -1.94 2.62
C PRO F 112 31.77 -0.90 2.76
N GLU F 113 31.48 0.33 2.36
CA GLU F 113 32.48 1.39 2.34
C GLU F 113 33.12 1.58 3.70
N THR F 114 32.39 1.26 4.77
CA THR F 114 32.92 1.40 6.12
C THR F 114 34.21 0.60 6.33
N PHE F 115 34.23 -0.64 5.84
CA PHE F 115 35.39 -1.52 6.06
C PHE F 115 36.35 -1.55 4.89
N VAL F 116 35.97 -1.04 3.73
CA VAL F 116 36.89 -1.03 2.60
C VAL F 116 37.91 0.10 2.79
N LEU F 117 37.46 1.26 3.31
CA LEU F 117 38.16 2.51 3.55
C LEU F 117 38.87 2.48 4.89
N PRO F 118 39.94 3.27 5.04
CA PRO F 118 40.67 3.30 6.31
C PRO F 118 39.78 3.80 7.43
N GLY F 119 40.01 3.31 8.63
CA GLY F 119 39.20 3.67 9.77
C GLY F 119 39.60 2.85 10.98
N GLU F 120 38.97 3.18 12.11
CA GLU F 120 39.27 2.50 13.38
C GLU F 120 38.02 2.02 14.11
N PRO F 121 38.11 0.85 14.79
CA PRO F 121 39.26 -0.06 14.76
C PRO F 121 39.11 -1.14 13.68
N ASN F 122 40.24 -1.71 13.27
CA ASN F 122 40.27 -2.88 12.39
C ASN F 122 39.44 -2.66 11.12
N ARG F 123 39.76 -1.59 10.39
CA ARG F 123 39.07 -1.34 9.15
C ARG F 123 40.07 -1.11 8.04
N GLY F 124 39.68 -1.46 6.83
CA GLY F 124 40.53 -1.10 5.72
C GLY F 124 41.03 -2.27 4.92
N THR F 125 40.99 -2.14 3.60
CA THR F 125 41.65 -3.06 2.69
C THR F 125 42.63 -2.25 1.85
N PRO F 126 43.72 -1.78 2.48
CA PRO F 126 44.62 -0.86 1.75
C PRO F 126 45.27 -1.52 0.57
N HIS F 127 45.44 -2.84 0.63
CA HIS F 127 45.92 -3.56 -0.55
C HIS F 127 44.93 -3.41 -1.69
N ALA F 128 43.64 -3.52 -1.38
CA ALA F 128 42.62 -3.41 -2.43
C ALA F 128 42.57 -2.00 -3.01
N LEU F 129 42.52 -0.97 -2.16
CA LEU F 129 42.44 0.39 -2.68
C LEU F 129 43.68 0.72 -3.50
N ASP F 130 44.82 0.15 -3.12
CA ASP F 130 46.04 0.45 -3.85
C ASP F 130 45.98 -0.15 -5.24
N LEU F 131 45.35 -1.31 -5.38
CA LEU F 131 45.33 -2.01 -6.65
C LEU F 131 44.02 -1.81 -7.41
N ILE F 132 42.94 -1.39 -6.74
CA ILE F 132 41.63 -1.19 -7.37
C ILE F 132 41.33 0.30 -7.35
N GLN F 133 41.16 0.89 -8.53
CA GLN F 133 41.07 2.33 -8.69
C GLN F 133 39.74 2.77 -9.32
N PRO F 134 39.18 3.91 -8.90
CA PRO F 134 37.90 4.35 -9.46
C PRO F 134 38.01 4.88 -10.89
N VAL F 135 36.93 4.71 -11.64
CA VAL F 135 36.83 5.21 -13.01
C VAL F 135 35.46 5.84 -13.16
N ASP F 136 35.33 6.68 -14.20
CA ASP F 136 34.03 7.25 -14.59
C ASP F 136 33.32 7.92 -13.42
N GLU F 137 33.99 8.87 -12.77
CA GLU F 137 33.42 9.68 -11.70
C GLU F 137 32.96 8.83 -10.49
N GLY F 138 33.92 8.15 -9.88
CA GLY F 138 33.58 7.48 -8.63
C GLY F 138 32.53 6.42 -8.81
N ARG F 139 32.43 5.90 -10.04
CA ARG F 139 31.29 5.12 -10.50
C ARG F 139 31.75 3.84 -11.20
N GLY F 140 33.05 3.54 -11.19
CA GLY F 140 33.52 2.27 -11.70
C GLY F 140 34.84 1.91 -11.05
N LEU F 141 35.16 0.62 -11.05
CA LEU F 141 36.41 0.13 -10.49
C LEU F 141 37.14 -0.76 -11.50
N GLN F 142 38.46 -0.60 -11.54
CA GLN F 142 39.28 -1.28 -12.52
C GLN F 142 40.64 -1.62 -11.94
N ALA F 143 41.14 -2.81 -12.27
CA ALA F 143 42.45 -3.26 -11.80
C ALA F 143 43.57 -2.45 -12.44
N ASP F 144 44.64 -2.23 -11.68
CA ASP F 144 45.79 -1.53 -12.21
C ASP F 144 46.62 -2.53 -13.01
N PHE F 145 46.40 -2.57 -14.31
CA PHE F 145 47.07 -3.57 -15.12
C PHE F 145 48.53 -3.21 -15.40
N SER F 146 49.03 -2.12 -14.81
CA SER F 146 50.47 -1.86 -14.83
C SER F 146 51.23 -2.74 -13.84
N ARG F 147 50.54 -3.40 -12.91
CA ARG F 147 51.14 -4.24 -11.87
C ARG F 147 50.47 -5.60 -11.86
N LEU F 148 50.68 -6.35 -12.95
CA LEU F 148 50.00 -7.64 -13.12
C LEU F 148 50.41 -8.64 -12.04
N GLU F 149 51.73 -8.73 -11.77
CA GLU F 149 52.19 -9.74 -10.82
C GLU F 149 51.63 -9.46 -9.43
N ARG F 150 51.58 -8.19 -9.04
CA ARG F 150 50.98 -7.82 -7.76
C ARG F 150 49.51 -8.24 -7.68
N LEU F 151 48.76 -8.06 -8.78
CA LEU F 151 47.36 -8.50 -8.80
C LEU F 151 47.24 -9.99 -8.56
N ARG F 152 48.11 -10.77 -9.20
CA ARG F 152 48.02 -12.21 -9.03
C ARG F 152 48.27 -12.61 -7.58
N GLU F 153 49.38 -12.13 -6.99
CA GLU F 153 49.72 -12.59 -5.65
C GLU F 153 48.74 -12.08 -4.60
N VAL F 154 48.12 -10.93 -4.83
CA VAL F 154 47.19 -10.40 -3.83
C VAL F 154 45.84 -11.09 -3.96
N PHE F 155 45.27 -11.12 -5.16
CA PHE F 155 43.93 -11.65 -5.34
C PHE F 155 43.90 -13.11 -5.74
N MSE F 156 44.81 -13.54 -6.60
CA MSE F 156 44.72 -14.85 -7.20
C MSE F 156 45.89 -15.76 -6.80
O MSE F 156 46.53 -16.38 -7.64
CB MSE F 156 44.62 -14.69 -8.70
CG MSE F 156 43.75 -13.50 -9.08
SE MSE F 156 44.01 -13.17 -10.97
CE MSE F 156 43.73 -11.24 -11.04
N GLY F 157 46.16 -15.80 -5.51
CA GLY F 157 47.28 -16.60 -5.04
C GLY F 157 46.87 -18.03 -4.85
N ASP F 158 45.60 -18.25 -4.52
CA ASP F 158 45.08 -19.59 -4.24
C ASP F 158 44.90 -20.44 -5.50
N TYR F 159 44.95 -19.84 -6.67
CA TYR F 159 44.67 -20.61 -7.89
C TYR F 159 45.83 -21.56 -8.14
N PRO F 160 45.57 -22.85 -8.38
CA PRO F 160 46.64 -23.84 -8.51
C PRO F 160 47.60 -23.55 -9.65
N GLU F 162 49.53 -23.42 -12.43
CA GLU F 162 49.97 -23.20 -13.80
C GLU F 162 49.29 -21.98 -14.39
N GLY F 163 49.79 -20.82 -14.03
CA GLY F 163 49.18 -19.59 -14.48
C GLY F 163 48.08 -19.13 -13.57
N MSE F 164 47.31 -18.20 -14.11
CA MSE F 164 46.23 -17.57 -13.37
C MSE F 164 44.90 -18.07 -13.94
O MSE F 164 44.90 -18.76 -14.98
CB MSE F 164 46.37 -16.08 -13.51
CG MSE F 164 47.82 -15.67 -13.47
SE MSE F 164 47.78 -13.94 -14.21
CE MSE F 164 46.53 -13.23 -12.90
N PRO F 165 43.79 -17.76 -13.28
CA PRO F 165 42.50 -18.24 -13.79
C PRO F 165 42.23 -17.72 -15.18
N PRO F 166 41.43 -18.46 -15.96
CA PRO F 166 41.12 -18.04 -17.32
C PRO F 166 40.12 -16.88 -17.36
N ALA F 167 40.05 -16.26 -18.54
CA ALA F 167 39.28 -15.02 -18.71
C ALA F 167 37.82 -15.18 -18.31
N GLU F 168 37.22 -16.36 -18.51
CA GLU F 168 35.80 -16.54 -18.22
C GLU F 168 35.49 -16.20 -16.77
N HIS F 169 36.50 -16.11 -15.94
CA HIS F 169 36.27 -15.86 -14.52
C HIS F 169 36.05 -14.39 -14.23
N PHE F 170 36.47 -13.51 -15.15
CA PHE F 170 36.62 -12.09 -14.82
C PHE F 170 35.93 -11.20 -15.84
N ILE F 171 35.62 -10.00 -15.35
CA ILE F 171 35.10 -8.89 -16.13
C ILE F 171 36.14 -7.77 -16.07
N GLN F 172 35.91 -6.71 -16.83
CA GLN F 172 36.90 -5.65 -16.84
C GLN F 172 36.60 -4.54 -15.86
N THR F 173 35.33 -4.17 -15.68
CA THR F 173 34.97 -3.05 -14.82
C THR F 173 33.79 -3.42 -13.96
N GLN F 174 33.89 -3.07 -12.69
CA GLN F 174 32.89 -3.37 -11.68
C GLN F 174 32.08 -2.12 -11.41
N SER F 175 30.79 -2.32 -11.18
CA SER F 175 29.95 -1.23 -10.72
C SER F 175 30.17 -1.02 -9.22
N THR F 176 30.14 0.23 -8.79
CA THR F 176 30.36 0.62 -7.39
C THR F 176 29.12 0.59 -6.51
N VAL F 177 27.96 0.25 -7.07
CA VAL F 177 26.71 0.25 -6.32
C VAL F 177 26.79 -0.69 -5.09
N PRO F 178 27.25 -1.97 -5.11
CA PRO F 178 27.18 -2.69 -3.82
C PRO F 178 27.96 -2.03 -2.71
N PHE F 179 29.02 -1.31 -3.09
CA PHE F 179 29.87 -0.66 -2.10
C PHE F 179 29.13 0.47 -1.42
N GLY F 180 28.23 1.14 -2.15
CA GLY F 180 27.67 2.38 -1.68
C GLY F 180 26.22 2.26 -1.27
N THR F 181 25.67 1.05 -1.33
CA THR F 181 24.29 0.84 -0.94
C THR F 181 24.27 0.29 0.47
N PRO F 182 23.60 0.95 1.42
CA PRO F 182 23.48 0.39 2.77
C PRO F 182 22.59 -0.82 2.75
N ASN F 183 22.71 -1.62 3.84
CA ASN F 183 22.01 -2.91 4.14
C ASN F 183 20.53 -2.71 4.41
N PRO F 184 19.67 -3.17 3.48
CA PRO F 184 18.24 -3.42 3.71
C PRO F 184 17.92 -4.27 4.95
N MSE F 185 18.81 -5.01 5.56
CA MSE F 185 18.25 -6.06 6.45
C MSE F 185 17.55 -5.52 7.73
O MSE F 185 18.01 -4.56 8.35
CB MSE F 185 19.31 -7.09 6.80
CG MSE F 185 19.33 -8.25 5.79
SE MSE F 185 21.10 -9.07 5.71
CE MSE F 185 21.34 -9.39 7.62
N GLU F 186 16.41 -6.14 8.04
CA GLU F 186 15.55 -5.72 9.14
C GLU F 186 14.56 -6.85 9.45
N GLY F 187 13.93 -6.75 10.61
CA GLY F 187 12.86 -7.66 10.99
C GLY F 187 13.26 -9.12 10.96
N ARG F 188 12.51 -9.94 10.21
CA ARG F 188 12.71 -11.38 10.20
C ARG F 188 13.99 -11.79 9.48
N ALA F 189 14.42 -11.00 8.48
CA ALA F 189 15.65 -11.32 7.76
C ALA F 189 16.81 -11.51 8.72
N LEU F 190 16.72 -10.91 9.91
CA LEU F 190 17.69 -11.07 10.99
C LEU F 190 17.58 -12.39 11.72
N GLU F 191 16.58 -13.21 11.42
CA GLU F 191 16.49 -14.55 12.01
C GLU F 191 17.17 -15.64 11.18
N ILE F 192 17.53 -15.34 9.93
CA ILE F 192 18.14 -16.32 9.02
C ILE F 192 19.50 -16.73 9.54
N PRO F 193 19.84 -18.03 9.55
CA PRO F 193 21.15 -18.46 10.03
C PRO F 193 22.30 -17.81 9.27
N ARG F 194 23.34 -17.47 10.01
CA ARG F 194 24.52 -16.81 9.49
C ARG F 194 25.75 -17.63 9.84
N LEU F 195 26.58 -17.87 8.84
CA LEU F 195 27.85 -18.55 9.02
C LEU F 195 28.94 -17.71 8.38
N TYR F 196 30.00 -17.44 9.12
CA TYR F 196 31.16 -16.75 8.55
C TYR F 196 32.28 -17.75 8.39
N ILE F 197 32.74 -17.93 7.17
CA ILE F 197 33.88 -18.78 6.87
C ILE F 197 35.07 -17.86 6.69
N GLU F 198 35.96 -17.87 7.67
CA GLU F 198 37.13 -17.01 7.64
C GLU F 198 38.22 -17.60 6.75
N ALA F 199 38.94 -16.72 6.10
CA ALA F 199 40.19 -17.01 5.39
C ALA F 199 41.31 -16.45 6.27
N LEU F 200 41.96 -17.33 7.04
CA LEU F 200 42.93 -16.87 8.03
C LEU F 200 44.09 -16.08 7.42
N ASP F 201 44.50 -16.41 6.18
CA ASP F 201 45.68 -15.78 5.58
C ASP F 201 45.29 -14.76 4.51
N ASP F 202 44.07 -14.26 4.57
CA ASP F 202 43.61 -13.27 3.60
C ASP F 202 44.41 -11.98 3.80
N VAL F 203 44.99 -11.46 2.72
CA VAL F 203 45.63 -10.15 2.74
C VAL F 203 44.84 -9.10 1.94
N VAL F 204 43.90 -9.52 1.07
CA VAL F 204 42.99 -8.57 0.45
C VAL F 204 42.07 -7.99 1.50
N LEU F 205 41.39 -8.85 2.23
CA LEU F 205 40.58 -8.43 3.36
C LEU F 205 41.18 -9.08 4.59
N PRO F 206 41.97 -8.34 5.36
CA PRO F 206 42.76 -8.93 6.45
C PRO F 206 41.90 -9.58 7.51
N ILE F 207 42.48 -10.58 8.18
CA ILE F 207 41.72 -11.34 9.15
C ILE F 207 41.18 -10.47 10.27
N ALA F 208 41.90 -9.41 10.66
CA ALA F 208 41.38 -8.53 11.70
C ALA F 208 40.08 -7.85 11.25
N VAL F 209 40.03 -7.40 10.01
CA VAL F 209 38.82 -6.79 9.49
C VAL F 209 37.71 -7.83 9.38
N GLN F 210 38.05 -9.05 8.94
CA GLN F 210 37.10 -10.16 8.96
C GLN F 210 36.46 -10.28 10.32
N ARG F 211 37.30 -10.33 11.36
CA ARG F 211 36.84 -10.59 12.72
C ARG F 211 36.05 -9.42 13.30
N GLN F 212 36.36 -8.20 12.87
CA GLN F 212 35.61 -7.04 13.34
C GLN F 212 34.20 -7.04 12.77
N MSE F 213 34.10 -7.23 11.45
CA MSE F 213 32.81 -7.34 10.77
C MSE F 213 31.89 -8.33 11.44
O MSE F 213 30.68 -8.14 11.49
CB MSE F 213 32.99 -7.76 9.33
CG MSE F 213 33.99 -6.97 8.65
SE MSE F 213 34.23 -7.60 6.87
CE MSE F 213 33.16 -6.19 6.25
N GLN F 214 32.47 -9.42 11.95
CA GLN F 214 31.68 -10.40 12.69
C GLN F 214 31.29 -9.89 14.07
N LYS F 215 32.24 -9.29 14.80
CA LYS F 215 31.92 -8.79 16.12
C LYS F 215 30.87 -7.69 16.04
N GLU F 216 30.96 -6.84 15.02
CA GLU F 216 30.17 -5.63 14.84
C GLU F 216 28.82 -5.83 14.16
N PHE F 217 28.44 -7.11 13.70
CA PHE F 217 27.11 -7.46 13.19
C PHE F 217 26.18 -7.83 14.36
N PRO F 218 24.91 -7.42 14.32
CA PRO F 218 23.97 -7.78 15.40
C PRO F 218 23.46 -9.21 15.28
N GLY F 219 23.52 -9.94 16.39
CA GLY F 219 23.09 -11.32 16.43
C GLY F 219 24.28 -12.23 16.28
N PRO F 220 24.11 -13.52 16.56
CA PRO F 220 25.26 -14.43 16.49
C PRO F 220 25.64 -14.70 15.04
N VAL F 221 26.94 -14.83 14.81
CA VAL F 221 27.46 -15.23 13.51
C VAL F 221 28.35 -16.44 13.77
N ALA F 222 27.95 -17.59 13.25
CA ALA F 222 28.78 -18.78 13.40
C ALA F 222 30.02 -18.64 12.54
N VAL F 223 31.08 -19.33 12.95
CA VAL F 223 32.37 -19.17 12.28
C VAL F 223 33.08 -20.51 12.16
N VAL F 224 33.56 -20.79 10.95
CA VAL F 224 34.54 -21.83 10.69
C VAL F 224 35.72 -21.14 10.04
N SER F 225 36.93 -21.61 10.36
CA SER F 225 38.16 -21.00 9.87
C SER F 225 38.84 -21.93 8.89
N LEU F 226 39.24 -21.40 7.78
CA LEU F 226 39.95 -22.22 6.88
C LEU F 226 41.31 -21.59 6.78
N PRO F 227 42.31 -22.44 6.67
CA PRO F 227 43.68 -21.93 6.49
C PRO F 227 43.96 -21.55 5.04
N ALA F 228 43.23 -20.54 4.56
CA ALA F 228 43.32 -20.11 3.17
C ALA F 228 43.54 -18.61 3.11
N SER F 229 43.99 -18.14 1.95
CA SER F 229 44.01 -16.72 1.64
C SER F 229 42.68 -16.32 0.99
N HIS F 230 42.69 -15.31 0.11
CA HIS F 230 41.44 -14.66 -0.26
C HIS F 230 40.41 -15.58 -0.93
N ALA F 231 40.85 -16.60 -1.68
CA ALA F 231 39.93 -17.34 -2.55
C ALA F 231 39.94 -18.83 -2.20
N PRO F 232 39.23 -19.22 -1.14
CA PRO F 232 39.23 -20.65 -0.76
C PRO F 232 38.65 -21.54 -1.85
N TYR F 233 37.72 -21.03 -2.65
CA TYR F 233 37.13 -21.84 -3.71
C TYR F 233 38.17 -22.23 -4.74
N TYR F 234 39.32 -21.56 -4.75
CA TYR F 234 40.44 -22.00 -5.56
C TYR F 234 41.30 -23.00 -4.81
N SER F 235 41.53 -22.79 -3.51
CA SER F 235 42.58 -23.48 -2.77
C SER F 235 42.11 -24.78 -2.12
N MSE F 236 40.89 -24.80 -1.58
CA MSE F 236 40.39 -25.99 -0.92
C MSE F 236 38.92 -26.22 -1.20
O MSE F 236 38.11 -26.18 -0.29
CB MSE F 236 40.66 -25.92 0.59
CG MSE F 236 40.14 -24.69 1.34
SE MSE F 236 41.19 -24.40 2.99
CE MSE F 236 42.87 -23.94 2.08
N PRO F 237 38.57 -26.48 -2.48
CA PRO F 237 37.14 -26.70 -2.78
C PRO F 237 36.52 -27.81 -1.96
N GLU F 238 37.24 -28.90 -1.68
CA GLU F 238 36.68 -30.01 -0.91
C GLU F 238 36.31 -29.57 0.51
N ARG F 239 37.25 -28.94 1.23
CA ARG F 239 36.97 -28.50 2.59
C ARG F 239 35.92 -27.40 2.63
N LEU F 240 35.97 -26.49 1.65
CA LEU F 240 34.96 -25.44 1.59
C LEU F 240 33.60 -26.04 1.30
N ALA F 241 33.53 -26.93 0.30
CA ALA F 241 32.26 -27.54 -0.07
C ALA F 241 31.69 -28.33 1.08
N GLU F 242 32.54 -29.00 1.85
CA GLU F 242 32.11 -29.69 3.06
C GLU F 242 31.42 -28.74 4.02
N ALA F 243 32.06 -27.59 4.29
CA ALA F 243 31.53 -26.66 5.26
C ALA F 243 30.22 -26.07 4.79
N ILE F 244 30.11 -25.79 3.49
CA ILE F 244 28.85 -25.30 2.94
C ILE F 244 27.79 -26.39 3.03
N ALA F 245 28.13 -27.62 2.65
CA ALA F 245 27.16 -28.70 2.64
C ALA F 245 26.72 -29.08 4.04
N ASP F 246 27.64 -29.14 5.01
CA ASP F 246 27.23 -29.38 6.39
C ASP F 246 26.29 -28.30 6.88
N PHE F 247 26.56 -27.06 6.50
CA PHE F 247 25.67 -25.98 6.86
C PHE F 247 24.29 -26.18 6.24
N ALA F 248 24.25 -26.53 4.94
CA ALA F 248 22.97 -26.70 4.23
C ALA F 248 22.15 -27.85 4.81
N ASP F 249 22.81 -28.89 5.34
CA ASP F 249 22.09 -30.03 5.86
C ASP F 249 21.21 -29.65 7.06
N ALA F 250 21.66 -28.72 7.88
CA ALA F 250 20.86 -28.29 9.03
C ALA F 250 21.41 -26.96 9.54
N PRO F 251 21.09 -25.85 8.87
CA PRO F 251 21.76 -24.59 9.19
C PRO F 251 21.34 -24.03 10.53
N ALA F 252 20.13 -24.33 11.00
CA ALA F 252 19.71 -23.81 12.28
C ALA F 252 20.59 -24.33 13.41
N GLU F 253 21.33 -25.40 13.17
CA GLU F 253 22.04 -26.10 14.23
C GLU F 253 23.53 -25.82 14.19
C 8NL G . -38.69 6.59 2.51
C8 8NL G . -40.95 9.14 0.29
C9 8NL G . -41.73 8.90 -0.84
C10 8NL G . -42.63 7.84 -0.86
C11 8NL G . -42.70 7.05 0.28
C12 8NL G . -41.91 7.30 1.41
C13 8NL G . -37.05 7.66 4.85
O 8NL G . -37.26 6.33 5.39
CL 8NL G . -37.48 -0.77 6.21
C21 8NL G . -36.95 0.87 5.85
C22 8NL G . -37.20 1.40 4.46
F2 8NL G . -38.19 2.27 4.52
F1 8NL G . -36.14 1.96 3.92
F 8NL G . -37.54 0.37 3.70
C20 8NL G . -36.40 1.62 6.81
C16 8NL G . -35.90 3.02 6.54
C17 8NL G . -35.67 3.67 7.90
C18 8NL G . -34.16 3.47 7.76
C19 8NL G . -36.30 2.88 9.07
C15 8NL G . -36.66 4.30 6.89
C14 8NL G . -36.21 5.44 5.97
O1 8NL G . -35.02 5.58 5.70
C2 8NL G . -38.24 8.38 4.20
C3 8NL G . -38.56 9.62 4.74
C4 8NL G . -39.61 10.40 4.25
C5 8NL G . -40.36 9.95 3.17
C6 8NL G . -40.10 8.70 2.60
C1 8NL G . -39.03 7.92 3.11
C7 8NL G . -41.00 8.34 1.43
S SO4 H . -39.45 24.31 16.34
O1 SO4 H . -39.00 24.46 14.96
O2 SO4 H . -38.43 23.54 17.07
O3 SO4 H . -40.76 23.68 16.32
O4 SO4 H . -39.58 25.62 16.98
C 8NL I . -8.30 -21.76 30.24
C8 8NL I . -5.58 -24.07 31.84
C9 8NL I . -5.01 -23.79 33.08
C10 8NL I . -5.78 -23.42 34.17
C11 8NL I . -7.15 -23.32 34.01
C12 8NL I . -7.71 -23.60 32.78
C13 8NL I . -9.61 -22.13 27.86
O 8NL I . -10.09 -22.07 26.51
CL 8NL I . -12.53 -15.70 29.24
C21 8NL I . -11.61 -16.95 28.39
C22 8NL I . -10.29 -17.39 28.99
F2 8NL I . -10.19 -18.71 28.96
F1 8NL I . -9.28 -16.82 28.38
F 8NL I . -10.27 -16.97 30.23
C20 8NL I . -12.12 -17.46 27.27
C16 8NL I . -11.51 -18.51 26.36
C17 8NL I . -12.71 -19.24 25.77
C18 8NL I . -14.03 -18.90 26.46
C19 8NL I . -12.68 -19.09 24.27
C15 8NL I . -11.71 -20.00 26.67
C14 8NL I . -10.55 -20.72 26.04
O1 8NL I . -9.92 -20.17 25.15
C2 8NL I . -8.93 -23.35 28.46
C3 8NL I . -8.93 -24.63 27.90
C4 8NL I . -8.27 -25.67 28.55
C5 8NL I . -7.62 -25.47 29.76
C6 8NL I . -7.62 -24.20 30.34
C1 8NL I . -8.29 -23.16 29.68
C7 8NL I . -6.95 -23.96 31.67
S SO4 J . -12.58 -41.74 20.45
O1 SO4 J . -12.93 -43.10 20.00
O2 SO4 J . -11.11 -41.69 20.38
O3 SO4 J . -13.17 -40.73 19.58
O4 SO4 J . -13.14 -41.54 21.80
C 8NL K . 14.59 11.20 30.37
C8 8NL K . 12.68 12.85 33.33
C9 8NL K . 12.24 12.20 34.48
C10 8NL K . 13.10 11.39 35.19
C11 8NL K . 14.41 11.21 34.74
C12 8NL K . 14.82 11.85 33.59
C13 8NL K . 15.36 12.49 28.07
O 8NL K . 16.19 12.93 26.97
CL 8NL K . 18.67 6.34 26.71
C21 8NL K . 17.77 7.82 26.40
C22 8NL K . 16.50 8.11 27.18
F2 8NL K . 16.48 9.34 27.67
F1 8NL K . 15.48 7.95 26.36
F 8NL K . 16.39 7.27 28.19
C20 8NL K . 18.29 8.63 25.46
C16 8NL K . 17.71 9.94 24.98
C17 8NL K . 18.88 10.89 24.77
C18 8NL K . 18.78 11.22 23.29
C19 8NL K . 20.24 10.28 25.19
C15 8NL K . 17.86 11.12 25.94
C14 8NL K . 16.53 11.90 25.95
O1 8NL K . 15.67 11.64 25.14
C2 8NL K . 15.09 13.37 29.28
C3 8NL K . 15.19 14.76 29.26
C4 8NL K . 14.92 15.45 30.43
C5 8NL K . 14.52 14.77 31.59
C6 8NL K . 14.41 13.40 31.61
C1 8NL K . 14.69 12.70 30.44
C7 8NL K . 13.98 12.69 32.86
S SO4 L . 18.59 33.29 27.72
O1 SO4 L . 18.91 32.67 29.02
O2 SO4 L . 19.73 33.16 26.83
O3 SO4 L . 18.26 34.71 27.86
O4 SO4 L . 17.44 32.56 27.24
C 8NL M . -19.29 -11.94 -27.07
C8 8NL M . -21.71 -15.22 -27.42
C9 8NL M . -23.09 -15.16 -27.35
C10 8NL M . -23.82 -14.11 -27.89
C11 8NL M . -23.14 -13.09 -28.52
C12 8NL M . -21.75 -13.13 -28.58
C13 8NL M . -16.63 -12.02 -27.21
O 8NL M . -15.28 -11.80 -27.57
CL 8NL M . -16.13 -4.52 -28.91
C21 8NL M . -15.92 -6.01 -27.99
C22 8NL M . -17.01 -6.37 -27.01
F2 8NL M . -17.67 -7.45 -27.40
F1 8NL M . -16.50 -6.58 -25.81
F 8NL M . -17.81 -5.34 -26.96
C20 8NL M . -14.85 -6.78 -28.21
C16 8NL M . -14.65 -8.06 -27.41
C17 8NL M . -13.21 -8.46 -27.75
C18 8NL M . -12.61 -8.03 -26.41
C19 8NL M . -12.61 -7.80 -28.98
C15 8NL M . -14.40 -9.42 -28.06
C14 8NL M . -14.64 -10.55 -27.09
O1 8NL M . -14.30 -10.46 -25.90
C2 8NL M . -17.33 -13.24 -27.75
C3 8NL M . -16.71 -14.35 -28.27
C4 8NL M . -17.50 -15.43 -28.72
C5 8NL M . -18.89 -15.38 -28.66
C6 8NL M . -19.51 -14.25 -28.11
C1 8NL M . -18.72 -13.20 -27.67
C7 8NL M . -21.01 -14.18 -28.03
S SO4 N . -6.28 -28.41 -36.13
O1 SO4 N . -5.78 -29.59 -36.82
O2 SO4 N . -5.15 -27.67 -35.56
O3 SO4 N . -6.97 -27.53 -37.09
O4 SO4 N . -7.17 -28.83 -35.05
C 8NL O . 13.83 24.24 -27.83
C8 8NL O . 15.90 27.61 -26.86
C9 8NL O . 17.29 27.77 -26.92
C10 8NL O . 18.01 27.19 -27.94
C11 8NL O . 17.34 26.46 -28.91
C12 8NL O . 15.96 26.32 -28.86
C13 8NL O . 11.18 24.04 -27.54
O 8NL O . 9.84 23.82 -27.97
CL 8NL O . 9.67 17.32 -30.95
C21 8NL O . 9.85 18.60 -29.76
C22 8NL O . 11.23 19.02 -29.30
F2 8NL O . 11.42 20.29 -29.63
F1 8NL O . 11.33 18.79 -28.00
F 8NL O . 12.16 18.32 -29.94
C20 8NL O . 8.71 19.15 -29.33
C16 8NL O . 8.77 20.23 -28.30
C17 8NL O . 7.43 20.92 -28.16
C18 8NL O . 7.20 20.85 -26.67
C19 8NL O . 6.34 20.35 -29.09
C15 8NL O . 8.61 21.65 -28.81
C14 8NL O . 9.43 22.43 -27.82
O1 8NL O . 9.87 21.90 -26.83
C2 8NL O . 11.73 25.45 -27.55
C3 8NL O . 10.94 26.58 -27.38
C4 8NL O . 11.56 27.82 -27.39
C5 8NL O . 12.95 27.92 -27.54
C6 8NL O . 13.74 26.78 -27.69
C1 8NL O . 13.10 25.55 -27.69
C7 8NL O . 15.22 26.88 -27.83
S SO4 P . -0.27 42.61 -27.33
O1 SO4 P . 0.43 42.63 -26.03
O2 SO4 P . 0.70 42.46 -28.40
O3 SO4 P . -1.02 43.85 -27.49
O4 SO4 P . -1.21 41.47 -27.35
C 8NL Q . 39.45 -8.04 -7.71
C8 8NL Q . 39.94 -9.62 -11.13
C9 8NL Q . 40.45 -8.95 -12.24
C10 8NL Q . 41.64 -8.22 -12.14
C11 8NL Q . 42.29 -8.16 -10.91
C12 8NL Q . 41.78 -8.82 -9.81
C13 8NL Q . 38.48 -9.35 -5.50
O 8NL Q . 37.54 -10.07 -4.74
CL 8NL Q . 37.85 -3.94 -0.30
C21 8NL Q . 37.63 -4.71 -1.87
C22 8NL Q . 37.59 -3.99 -3.21
F2 8NL Q . 38.75 -4.14 -3.81
F1 8NL Q . 36.64 -4.41 -4.04
F 8NL Q . 37.40 -2.71 -2.97
C20 8NL Q . 37.59 -6.02 -1.75
C16 8NL Q . 37.33 -6.87 -2.94
C17 8NL Q . 36.20 -7.56 -2.15
C18 8NL Q . 35.03 -6.87 -2.78
C19 8NL Q . 36.21 -7.54 -0.60
C15 8NL Q . 37.30 -8.39 -2.86
C14 8NL Q . 36.70 -9.16 -4.03
O1 8NL Q . 35.54 -9.09 -4.44
C2 8NL Q . 39.04 -10.21 -6.59
C3 8NL Q . 39.06 -11.60 -6.48
C4 8NL Q . 39.62 -12.31 -7.53
C5 8NL Q . 40.12 -11.64 -8.65
C6 8NL Q . 40.07 -10.26 -8.72
C1 8NL Q . 39.53 -9.55 -7.68
C7 8NL Q . 40.61 -9.54 -9.92
S SO4 R . 40.91 -29.73 -0.53
O1 SO4 R . 41.02 -31.18 -0.38
O2 SO4 R . 42.25 -29.18 -0.70
O3 SO4 R . 40.18 -29.41 -1.77
O4 SO4 R . 40.20 -29.18 0.64
#